data_2MBZ
#
_entry.id   2MBZ
#
loop_
_entity.id
_entity.type
_entity.pdbx_description
1 polymer 'HTH-type transcriptional activator TipA'
2 polymer 'Promothiocin A'
#
loop_
_entity_poly.entity_id
_entity_poly.type
_entity_poly.pdbx_seq_one_letter_code
_entity_poly.pdbx_strand_id
1 'polypeptide(L)'
;MGINLTPEEKFEVFGDFDPDQYEEEVRERWGNTDAYRQSKEKTASYTKEDWQRIQDEADELTRRFVALMDAGEPADSEGA
MDAAEDHRQGIARNHYDCGYEMHTCLGEMYVSDERFTRNIDAAKPGLAAYMRDAILANAVRHTP
;
A
2 'polypeptide(L)' S(BB9)VG(MOZ)A(BB9)A(MOZ)(NAK)A(NH2) B
#
loop_
_chem_comp.id
_chem_comp.type
_chem_comp.name
_chem_comp.formula
NAK non-polymer AMINO-ACRYLATE 'C3 H5 N O2'
NH2 non-polymer 'AMINO GROUP' 'H2 N'
#
# COMPACT_ATOMS: atom_id res chain seq x y z
N GLY A 2 10.08 -12.76 7.05
CA GLY A 2 9.33 -11.97 6.03
C GLY A 2 10.16 -11.69 4.80
N ILE A 3 10.65 -10.46 4.69
CA ILE A 3 11.47 -10.06 3.54
C ILE A 3 12.81 -10.78 3.56
N ASN A 4 13.43 -10.84 4.72
CA ASN A 4 14.72 -11.50 4.85
C ASN A 4 15.60 -11.20 3.65
N LEU A 5 15.94 -9.92 3.48
CA LEU A 5 16.79 -9.47 2.38
C LEU A 5 18.03 -8.76 2.93
N THR A 6 19.01 -8.55 2.05
CA THR A 6 20.24 -7.86 2.43
C THR A 6 20.10 -6.36 2.19
N PRO A 7 20.80 -5.51 2.95
CA PRO A 7 20.72 -4.07 2.79
C PRO A 7 20.86 -3.66 1.32
N GLU A 8 21.67 -4.42 0.59
CA GLU A 8 21.91 -4.17 -0.82
C GLU A 8 20.69 -4.52 -1.67
N GLU A 9 20.05 -5.65 -1.36
CA GLU A 9 18.86 -6.06 -2.10
C GLU A 9 17.73 -5.10 -1.79
N LYS A 10 17.51 -4.84 -0.51
CA LYS A 10 16.48 -3.92 -0.07
C LYS A 10 16.62 -2.60 -0.82
N PHE A 11 17.86 -2.24 -1.12
CA PHE A 11 18.15 -1.00 -1.83
C PHE A 11 17.80 -1.15 -3.31
N GLU A 12 18.18 -2.25 -3.90
CA GLU A 12 17.88 -2.51 -5.30
C GLU A 12 16.41 -2.81 -5.47
N VAL A 13 15.77 -3.20 -4.37
CA VAL A 13 14.35 -3.57 -4.36
C VAL A 13 13.45 -2.45 -3.82
N PHE A 14 13.62 -2.09 -2.54
CA PHE A 14 12.79 -1.06 -1.93
C PHE A 14 13.41 0.33 -2.03
N GLY A 15 14.55 0.44 -2.71
CA GLY A 15 15.21 1.73 -2.82
C GLY A 15 15.80 2.17 -1.51
N ASP A 16 15.77 3.47 -1.23
CA ASP A 16 16.31 3.97 0.04
C ASP A 16 15.26 3.89 1.13
N PHE A 17 14.73 2.69 1.35
CA PHE A 17 13.70 2.46 2.36
C PHE A 17 14.00 1.18 3.13
N ASP A 18 14.20 1.30 4.45
CA ASP A 18 14.51 0.16 5.29
C ASP A 18 13.31 -0.25 6.14
N PRO A 19 12.42 -1.11 5.61
CA PRO A 19 11.24 -1.58 6.35
C PRO A 19 11.62 -2.51 7.50
N ASP A 20 12.59 -3.37 7.25
CA ASP A 20 13.06 -4.33 8.25
C ASP A 20 13.26 -3.68 9.61
N GLN A 21 13.96 -2.54 9.63
CA GLN A 21 14.23 -1.83 10.87
C GLN A 21 12.95 -1.59 11.66
N TYR A 22 11.84 -1.39 10.96
CA TYR A 22 10.56 -1.14 11.62
C TYR A 22 9.68 -2.39 11.61
N GLU A 23 10.27 -3.53 11.25
CA GLU A 23 9.55 -4.79 11.20
C GLU A 23 8.68 -5.00 12.45
N GLU A 24 9.35 -5.13 13.59
CA GLU A 24 8.65 -5.34 14.86
C GLU A 24 7.99 -4.05 15.33
N GLU A 25 8.47 -2.92 14.82
CA GLU A 25 7.93 -1.63 15.20
C GLU A 25 6.52 -1.43 14.63
N VAL A 26 6.22 -2.08 13.51
CA VAL A 26 4.92 -1.94 12.90
C VAL A 26 3.81 -2.30 13.90
N ARG A 27 3.83 -3.53 14.39
CA ARG A 27 2.82 -4.01 15.33
C ARG A 27 2.62 -3.03 16.48
N GLU A 28 3.65 -2.27 16.81
CA GLU A 28 3.57 -1.29 17.90
C GLU A 28 2.45 -0.29 17.64
N ARG A 29 2.21 0.01 16.37
CA ARG A 29 1.16 0.95 15.99
C ARG A 29 -0.21 0.37 16.29
N TRP A 30 -0.53 -0.76 15.64
CA TRP A 30 -1.82 -1.42 15.85
C TRP A 30 -1.62 -2.87 16.28
N GLY A 31 -0.71 -3.55 15.60
CA GLY A 31 -0.41 -4.94 15.93
C GLY A 31 -1.62 -5.72 16.44
N ASN A 32 -2.82 -5.42 15.92
CA ASN A 32 -4.02 -6.12 16.38
C ASN A 32 -4.87 -6.67 15.24
N THR A 33 -4.35 -6.59 14.01
CA THR A 33 -5.11 -7.03 12.85
C THR A 33 -5.06 -8.55 12.65
N ASP A 34 -6.06 -9.03 11.90
CA ASP A 34 -6.18 -10.44 11.57
C ASP A 34 -5.55 -10.70 10.21
N ALA A 35 -5.73 -9.74 9.30
CA ALA A 35 -5.18 -9.87 7.97
C ALA A 35 -3.68 -10.12 8.06
N TYR A 36 -3.01 -9.27 8.87
CA TYR A 36 -1.56 -9.39 9.04
C TYR A 36 -1.16 -10.84 9.33
N ARG A 37 -2.06 -11.60 9.94
CA ARG A 37 -1.77 -13.00 10.24
C ARG A 37 -1.72 -13.81 8.95
N GLN A 38 -2.70 -13.58 8.08
CA GLN A 38 -2.76 -14.29 6.79
C GLN A 38 -1.62 -13.85 5.89
N SER A 39 -1.18 -12.61 6.06
CA SER A 39 -0.11 -12.06 5.25
C SER A 39 1.25 -12.65 5.64
N LYS A 40 1.53 -12.68 6.93
CA LYS A 40 2.79 -13.23 7.40
C LYS A 40 3.00 -14.62 6.82
N GLU A 41 1.93 -15.39 6.80
CA GLU A 41 1.98 -16.74 6.25
C GLU A 41 2.40 -16.70 4.79
N LYS A 42 1.89 -15.71 4.08
CA LYS A 42 2.18 -15.51 2.66
C LYS A 42 3.54 -14.86 2.42
N THR A 43 3.92 -13.92 3.28
CA THR A 43 5.19 -13.22 3.12
C THR A 43 6.31 -13.98 3.80
N ALA A 44 5.98 -15.15 4.32
CA ALA A 44 6.94 -15.97 5.01
C ALA A 44 8.17 -16.29 4.16
N SER A 45 7.97 -16.56 2.87
CA SER A 45 9.08 -16.92 1.98
C SER A 45 9.38 -15.87 0.90
N TYR A 46 8.52 -14.88 0.74
CA TYR A 46 8.74 -13.85 -0.29
C TYR A 46 10.22 -13.51 -0.43
N THR A 47 10.65 -13.44 -1.69
CA THR A 47 12.04 -13.13 -2.03
C THR A 47 12.16 -11.74 -2.64
N LYS A 48 13.39 -11.31 -2.89
CA LYS A 48 13.62 -9.99 -3.48
C LYS A 48 12.84 -9.82 -4.77
N GLU A 49 12.69 -10.89 -5.54
CA GLU A 49 11.96 -10.82 -6.80
C GLU A 49 10.51 -10.46 -6.56
N ASP A 50 9.89 -11.19 -5.67
CA ASP A 50 8.51 -10.94 -5.31
C ASP A 50 8.38 -9.52 -4.78
N TRP A 51 9.38 -9.10 -4.02
CA TRP A 51 9.38 -7.77 -3.44
C TRP A 51 9.66 -6.69 -4.48
N GLN A 52 10.53 -6.98 -5.44
CA GLN A 52 10.86 -6.01 -6.48
C GLN A 52 9.71 -5.92 -7.47
N ARG A 53 9.06 -7.06 -7.69
CA ARG A 53 7.93 -7.12 -8.60
C ARG A 53 6.83 -6.15 -8.16
N ILE A 54 6.67 -6.02 -6.85
CA ILE A 54 5.67 -5.12 -6.29
C ILE A 54 6.10 -3.66 -6.43
N GLN A 55 7.40 -3.39 -6.31
CA GLN A 55 7.89 -2.02 -6.42
C GLN A 55 7.71 -1.49 -7.84
N ASP A 56 8.22 -2.22 -8.83
CA ASP A 56 8.06 -1.79 -10.21
C ASP A 56 6.58 -1.61 -10.52
N GLU A 57 5.78 -2.41 -9.84
CA GLU A 57 4.32 -2.36 -9.98
C GLU A 57 3.79 -1.11 -9.30
N ALA A 58 4.33 -0.80 -8.13
CA ALA A 58 3.91 0.37 -7.38
C ALA A 58 4.31 1.66 -8.08
N ASP A 59 5.51 1.68 -8.67
CA ASP A 59 5.97 2.86 -9.38
C ASP A 59 4.96 3.25 -10.45
N GLU A 60 4.49 2.23 -11.17
CA GLU A 60 3.51 2.43 -12.22
C GLU A 60 2.28 3.15 -11.68
N LEU A 61 1.88 2.75 -10.47
CA LEU A 61 0.74 3.32 -9.80
C LEU A 61 0.84 4.83 -9.66
N THR A 62 2.04 5.33 -9.36
CA THR A 62 2.24 6.76 -9.17
C THR A 62 2.03 7.58 -10.44
N ARG A 63 2.70 7.23 -11.52
CA ARG A 63 2.55 8.02 -12.73
C ARG A 63 1.09 8.24 -13.08
N ARG A 64 0.33 7.15 -13.17
CA ARG A 64 -1.06 7.30 -13.55
C ARG A 64 -1.84 8.11 -12.53
N PHE A 65 -1.81 7.70 -11.26
CA PHE A 65 -2.51 8.43 -10.20
C PHE A 65 -2.09 9.88 -10.20
N VAL A 66 -0.80 10.08 -10.07
CA VAL A 66 -0.25 11.43 -10.04
C VAL A 66 -0.66 12.18 -11.30
N ALA A 67 -0.54 11.53 -12.44
CA ALA A 67 -0.90 12.12 -13.72
C ALA A 67 -2.35 12.60 -13.70
N LEU A 68 -3.23 11.81 -13.06
CA LEU A 68 -4.64 12.17 -12.94
C LEU A 68 -4.77 13.49 -12.21
N MET A 69 -3.99 13.62 -11.16
CA MET A 69 -4.00 14.84 -10.36
C MET A 69 -3.67 16.03 -11.25
N ASP A 70 -2.62 15.90 -12.06
CA ASP A 70 -2.21 16.98 -12.94
C ASP A 70 -3.36 17.44 -13.83
N ALA A 71 -4.10 16.49 -14.39
CA ALA A 71 -5.22 16.84 -15.25
C ALA A 71 -6.28 17.60 -14.49
N GLY A 72 -6.26 17.45 -13.17
CA GLY A 72 -7.22 18.13 -12.33
C GLY A 72 -8.57 17.41 -12.27
N GLU A 73 -8.54 16.09 -12.38
CA GLU A 73 -9.77 15.31 -12.34
C GLU A 73 -9.99 14.74 -10.93
N PRO A 74 -11.25 14.69 -10.45
CA PRO A 74 -11.55 14.21 -9.09
C PRO A 74 -11.18 12.75 -8.85
N ALA A 75 -10.87 12.46 -7.60
CA ALA A 75 -10.45 11.13 -7.17
C ALA A 75 -11.55 10.08 -7.28
N ASP A 76 -12.82 10.50 -7.24
CA ASP A 76 -13.92 9.55 -7.36
C ASP A 76 -14.27 9.36 -8.82
N SER A 77 -13.35 9.76 -9.69
CA SER A 77 -13.52 9.63 -11.12
C SER A 77 -13.31 8.18 -11.55
N GLU A 78 -13.90 7.81 -12.67
CA GLU A 78 -13.76 6.45 -13.18
C GLU A 78 -12.30 6.04 -13.19
N GLY A 79 -11.47 6.82 -13.86
CA GLY A 79 -10.05 6.52 -13.94
C GLY A 79 -9.40 6.42 -12.57
N ALA A 80 -9.76 7.33 -11.67
CA ALA A 80 -9.20 7.35 -10.33
C ALA A 80 -9.68 6.18 -9.47
N MET A 81 -11.00 5.99 -9.40
CA MET A 81 -11.54 4.89 -8.61
C MET A 81 -11.01 3.56 -9.13
N ASP A 82 -11.01 3.39 -10.45
CA ASP A 82 -10.49 2.17 -11.06
C ASP A 82 -9.05 1.98 -10.62
N ALA A 83 -8.30 3.06 -10.64
CA ALA A 83 -6.92 3.01 -10.18
C ALA A 83 -6.92 2.44 -8.77
N ALA A 84 -7.89 2.89 -7.99
CA ALA A 84 -8.05 2.43 -6.62
C ALA A 84 -8.36 0.94 -6.60
N GLU A 85 -9.29 0.50 -7.44
CA GLU A 85 -9.63 -0.91 -7.50
C GLU A 85 -8.42 -1.71 -7.99
N ASP A 86 -7.57 -1.03 -8.77
CA ASP A 86 -6.36 -1.65 -9.29
C ASP A 86 -5.36 -1.85 -8.15
N HIS A 87 -5.30 -0.87 -7.26
CA HIS A 87 -4.42 -0.93 -6.11
C HIS A 87 -4.85 -2.05 -5.19
N ARG A 88 -6.15 -2.16 -4.97
CA ARG A 88 -6.72 -3.18 -4.11
C ARG A 88 -6.20 -4.57 -4.47
N GLN A 89 -6.57 -5.04 -5.66
CA GLN A 89 -6.17 -6.36 -6.13
C GLN A 89 -4.65 -6.55 -6.08
N GLY A 90 -3.91 -5.47 -6.27
CA GLY A 90 -2.46 -5.57 -6.26
C GLY A 90 -1.90 -5.85 -4.88
N ILE A 91 -2.40 -5.12 -3.88
CA ILE A 91 -1.94 -5.29 -2.51
C ILE A 91 -2.61 -6.48 -1.83
N ALA A 92 -3.75 -6.90 -2.37
CA ALA A 92 -4.48 -8.04 -1.82
C ALA A 92 -3.88 -9.37 -2.26
N ARG A 93 -3.69 -9.53 -3.56
CA ARG A 93 -3.09 -10.75 -4.12
C ARG A 93 -1.60 -10.83 -3.80
N ASN A 94 -1.07 -9.76 -3.23
CA ASN A 94 0.33 -9.69 -2.86
C ASN A 94 0.58 -10.04 -1.40
N HIS A 95 -0.47 -10.26 -0.63
CA HIS A 95 -0.30 -10.59 0.78
C HIS A 95 -1.32 -11.61 1.29
N TYR A 96 -2.57 -11.53 0.85
CA TYR A 96 -3.60 -12.46 1.33
C TYR A 96 -4.93 -12.16 0.64
N ASP A 97 -5.35 -10.90 0.69
CA ASP A 97 -6.60 -10.45 0.06
C ASP A 97 -7.22 -9.29 0.83
N CYS A 98 -6.49 -8.18 0.90
CA CYS A 98 -6.97 -7.00 1.60
C CYS A 98 -8.33 -6.57 1.04
N GLY A 99 -9.40 -7.17 1.56
CA GLY A 99 -10.74 -6.84 1.10
C GLY A 99 -10.95 -5.36 0.92
N TYR A 100 -12.12 -4.99 0.39
CA TYR A 100 -12.46 -3.59 0.17
C TYR A 100 -12.58 -2.84 1.48
N GLU A 101 -13.30 -3.41 2.43
CA GLU A 101 -13.47 -2.78 3.74
C GLU A 101 -12.12 -2.63 4.43
N MET A 102 -11.28 -3.65 4.24
CA MET A 102 -9.94 -3.67 4.80
C MET A 102 -9.05 -2.66 4.07
N HIS A 103 -9.13 -2.69 2.75
CA HIS A 103 -8.35 -1.79 1.91
C HIS A 103 -8.56 -0.34 2.34
N THR A 104 -9.75 -0.04 2.85
CA THR A 104 -10.09 1.30 3.30
C THR A 104 -9.38 1.64 4.59
N CYS A 105 -9.35 0.67 5.50
CA CYS A 105 -8.71 0.86 6.80
C CYS A 105 -7.32 1.40 6.57
N LEU A 106 -6.66 0.89 5.54
CA LEU A 106 -5.32 1.33 5.21
C LEU A 106 -5.32 2.77 4.71
N GLY A 107 -6.31 3.11 3.89
CA GLY A 107 -6.40 4.45 3.34
C GLY A 107 -6.24 5.56 4.36
N GLU A 108 -7.08 5.57 5.40
CA GLU A 108 -7.02 6.61 6.43
C GLU A 108 -5.93 6.37 7.46
N MET A 109 -5.81 5.17 8.00
CA MET A 109 -4.77 4.92 8.99
C MET A 109 -3.41 5.31 8.44
N TYR A 110 -3.37 5.58 7.13
CA TYR A 110 -2.14 5.99 6.44
C TYR A 110 -1.89 7.49 6.56
N VAL A 111 -2.96 8.26 6.70
CA VAL A 111 -2.85 9.70 6.84
C VAL A 111 -2.46 10.10 8.26
N SER A 112 -2.70 9.20 9.21
CA SER A 112 -2.39 9.44 10.61
C SER A 112 -0.88 9.58 10.82
N ASP A 113 -0.14 8.52 10.48
CA ASP A 113 1.31 8.53 10.64
C ASP A 113 1.97 9.19 9.44
N GLU A 114 2.58 10.35 9.69
CA GLU A 114 3.25 11.11 8.64
C GLU A 114 4.51 10.39 8.16
N ARG A 115 4.95 9.35 8.85
CA ARG A 115 6.13 8.62 8.41
C ARG A 115 5.80 7.93 7.09
N PHE A 116 4.62 7.29 7.08
CA PHE A 116 4.11 6.62 5.89
C PHE A 116 3.93 7.63 4.76
N THR A 117 3.23 8.71 5.07
CA THR A 117 2.95 9.76 4.10
C THR A 117 4.22 10.27 3.45
N ARG A 118 5.18 10.70 4.27
CA ARG A 118 6.45 11.23 3.76
C ARG A 118 7.14 10.21 2.85
N ASN A 119 7.06 8.95 3.24
CA ASN A 119 7.67 7.88 2.45
C ASN A 119 6.82 7.61 1.22
N ILE A 120 5.50 7.69 1.39
CA ILE A 120 4.57 7.46 0.30
C ILE A 120 4.51 8.69 -0.63
N ASP A 121 4.40 9.88 -0.04
CA ASP A 121 4.31 11.10 -0.83
C ASP A 121 5.62 11.45 -1.51
N ALA A 122 6.69 10.74 -1.18
CA ALA A 122 7.97 11.02 -1.83
C ALA A 122 7.74 11.29 -3.31
N ALA A 123 6.63 10.74 -3.83
CA ALA A 123 6.25 10.92 -5.23
C ALA A 123 5.46 12.20 -5.45
N LYS A 124 4.63 12.56 -4.47
CA LYS A 124 3.84 13.78 -4.53
C LYS A 124 3.01 13.96 -3.26
N PRO A 125 2.86 15.21 -2.78
CA PRO A 125 2.08 15.49 -1.56
C PRO A 125 0.57 15.34 -1.79
N GLY A 126 -0.12 14.77 -0.81
CA GLY A 126 -1.56 14.59 -0.90
C GLY A 126 -1.99 13.31 -1.58
N LEU A 127 -1.04 12.58 -2.17
CA LEU A 127 -1.38 11.35 -2.88
C LEU A 127 -2.18 10.41 -1.99
N ALA A 128 -1.80 10.32 -0.72
CA ALA A 128 -2.48 9.44 0.22
C ALA A 128 -3.97 9.78 0.30
N ALA A 129 -4.30 11.06 0.32
CA ALA A 129 -5.69 11.47 0.37
C ALA A 129 -6.41 11.13 -0.94
N TYR A 130 -5.71 11.34 -2.05
CA TYR A 130 -6.26 11.08 -3.39
C TYR A 130 -6.62 9.61 -3.60
N MET A 131 -5.82 8.73 -3.02
CA MET A 131 -6.03 7.29 -3.14
C MET A 131 -7.17 6.82 -2.24
N ARG A 132 -7.16 7.28 -0.99
CA ARG A 132 -8.18 6.87 -0.04
C ARG A 132 -9.58 7.09 -0.57
N ASP A 133 -9.82 8.29 -1.09
CA ASP A 133 -11.11 8.64 -1.65
C ASP A 133 -11.40 7.79 -2.87
N ALA A 134 -10.36 7.53 -3.66
CA ALA A 134 -10.51 6.69 -4.84
C ALA A 134 -10.90 5.28 -4.42
N ILE A 135 -10.26 4.80 -3.36
CA ILE A 135 -10.54 3.48 -2.82
C ILE A 135 -11.87 3.45 -2.10
N LEU A 136 -12.14 4.51 -1.35
CA LEU A 136 -13.38 4.61 -0.61
C LEU A 136 -14.57 4.57 -1.55
N ALA A 137 -14.50 5.41 -2.58
CA ALA A 137 -15.56 5.49 -3.57
C ALA A 137 -15.71 4.16 -4.28
N ASN A 138 -14.58 3.59 -4.69
CA ASN A 138 -14.57 2.30 -5.37
C ASN A 138 -15.30 1.25 -4.53
N ALA A 139 -15.07 1.28 -3.22
CA ALA A 139 -15.69 0.34 -2.31
C ALA A 139 -17.20 0.54 -2.22
N VAL A 140 -17.63 1.79 -2.41
CA VAL A 140 -19.05 2.15 -2.35
C VAL A 140 -19.84 1.61 -3.53
N ARG A 141 -19.32 1.77 -4.73
CA ARG A 141 -20.00 1.30 -5.93
C ARG A 141 -20.13 -0.22 -5.90
N HIS A 142 -19.31 -0.85 -5.07
CA HIS A 142 -19.33 -2.30 -4.92
C HIS A 142 -20.20 -2.68 -3.72
N THR A 143 -19.99 -2.00 -2.61
CA THR A 143 -20.76 -2.25 -1.39
C THR A 143 -22.26 -2.34 -1.73
N PRO A 144 -22.98 -3.32 -1.15
CA PRO A 144 -24.41 -3.49 -1.42
C PRO A 144 -25.24 -2.37 -0.78
CA SER B 1 -2.06 -5.84 7.15
C SER B 1 -0.77 -6.26 6.65
N BB9 B 2 0.42 -5.62 6.76
CA BB9 B 2 1.49 -6.38 6.26
C BB9 B 2 2.82 -5.86 6.24
O BB9 B 2 3.76 -6.53 5.81
CB BB9 B 2 1.09 -7.58 5.77
SG BB9 B 2 -0.58 -7.75 5.93
HB BB9 B 2 1.75 -8.32 5.34
N VAL B 3 2.94 -4.62 6.68
CA VAL B 3 4.20 -3.87 6.73
C VAL B 3 3.94 -2.53 7.41
N GLY B 4 4.98 -1.78 7.77
CA GLY B 4 4.77 -0.51 8.43
C GLY B 4 5.43 0.60 7.77
N MOZ B 5 5.06 0.95 6.51
OG MOZ B 5 6.46 1.41 8.16
CA MOZ B 5 5.90 2.02 6.13
CB MOZ B 5 6.74 2.31 7.12
C MOZ B 5 5.68 2.53 4.71
O MOZ B 5 6.40 3.44 4.29
C6 MOZ B 5 7.82 3.34 7.26
H62 MOZ B 5 7.73 3.82 8.23
H63 MOZ B 5 7.72 4.08 6.49
H61 MOZ B 5 8.79 2.87 7.19
N ALA B 6 4.69 1.98 4.02
CA ALA B 6 4.35 2.35 2.65
C ALA B 6 3.13 1.62 2.06
N BB9 B 7 2.52 0.45 2.47
CA BB9 B 7 1.41 0.11 1.64
C BB9 B 7 0.55 -1.05 1.78
O BB9 B 7 -0.39 -1.22 1.00
CB BB9 B 7 1.23 1.02 0.65
SG BB9 B 7 2.36 2.26 0.71
HB BB9 B 7 0.43 0.93 -0.08
N ALA B 8 0.82 -1.91 2.76
CA ALA B 8 0.02 -3.12 2.98
C ALA B 8 -0.66 -3.11 4.33
N MOZ B 9 -1.10 -4.16 5.03
OG MOZ B 9 -0.95 -1.94 5.00
CA MOZ B 9 -1.71 -3.63 6.16
CB MOZ B 9 -1.64 -2.31 6.18
C MOZ B 9 -2.43 -4.53 7.10
C6 MOZ B 9 -2.18 -1.35 7.18
H62 MOZ B 9 -1.42 -0.63 7.43
H63 MOZ B 9 -2.47 -1.91 8.06
H61 MOZ B 9 -3.05 -0.86 6.77
C NAK B 10 -5.56 -4.36 8.93
O NAK B 10 -6.42 -5.13 9.37
CA NAK B 10 -4.31 -4.98 8.39
CAE NAK B 10 -4.01 -6.31 8.45
N NAK B 10 -3.54 -4.08 7.73
HAE2 NAK B 10 -4.64 -6.99 8.99
N ALA B 11 -5.22 -3.34 9.70
CA ALA B 11 -6.20 -2.46 10.35
C ALA B 11 -6.66 -3.01 11.70
N NH2 B 12 -6.62 -4.31 11.87
HN1 NH2 B 12 -6.30 -4.85 11.13
HN2 NH2 B 12 -6.91 -4.68 12.72
N GLY A 2 7.67 -11.17 5.91
CA GLY A 2 8.62 -11.98 5.11
C GLY A 2 9.89 -11.22 4.78
N ILE A 3 9.97 -10.72 3.55
CA ILE A 3 11.14 -9.96 3.10
C ILE A 3 12.40 -10.80 3.17
N ASN A 4 12.96 -10.97 4.35
CA ASN A 4 14.18 -11.72 4.50
C ASN A 4 15.17 -11.28 3.43
N LEU A 5 15.52 -9.99 3.48
CA LEU A 5 16.45 -9.39 2.52
C LEU A 5 17.60 -8.68 3.23
N THR A 6 18.66 -8.40 2.49
CA THR A 6 19.82 -7.71 3.03
C THR A 6 19.62 -6.20 2.93
N PRO A 7 20.23 -5.41 3.84
CA PRO A 7 20.10 -3.96 3.81
C PRO A 7 20.32 -3.38 2.41
N GLU A 8 21.21 -4.03 1.66
CA GLU A 8 21.54 -3.60 0.31
C GLU A 8 20.40 -3.90 -0.66
N GLU A 9 19.83 -5.09 -0.56
CA GLU A 9 18.72 -5.45 -1.44
C GLU A 9 17.51 -4.60 -1.12
N LYS A 10 17.19 -4.51 0.16
CA LYS A 10 16.07 -3.70 0.60
C LYS A 10 16.18 -2.30 0.02
N PHE A 11 17.42 -1.87 -0.19
CA PHE A 11 17.67 -0.55 -0.77
C PHE A 11 17.40 -0.59 -2.28
N GLU A 12 17.86 -1.64 -2.92
CA GLU A 12 17.64 -1.80 -4.35
C GLU A 12 16.19 -2.21 -4.61
N VAL A 13 15.53 -2.73 -3.58
CA VAL A 13 14.15 -3.20 -3.69
C VAL A 13 13.14 -2.19 -3.16
N PHE A 14 13.18 -1.91 -1.86
CA PHE A 14 12.24 -0.97 -1.24
C PHE A 14 12.75 0.46 -1.21
N GLY A 15 13.94 0.70 -1.77
CA GLY A 15 14.49 2.04 -1.74
C GLY A 15 14.63 2.57 -0.33
N ASP A 16 15.87 2.74 0.10
CA ASP A 16 16.18 3.23 1.45
C ASP A 16 14.98 3.12 2.39
N PHE A 17 14.42 1.93 2.53
CA PHE A 17 13.25 1.72 3.38
C PHE A 17 13.19 0.28 3.87
N ASP A 18 13.76 0.03 5.05
CA ASP A 18 13.79 -1.30 5.64
C ASP A 18 12.77 -1.42 6.78
N PRO A 19 11.84 -2.40 6.71
CA PRO A 19 10.83 -2.60 7.75
C PRO A 19 11.40 -3.07 9.08
N ASP A 20 12.61 -3.61 9.06
CA ASP A 20 13.25 -4.12 10.26
C ASP A 20 13.11 -3.14 11.42
N GLN A 21 12.71 -1.91 11.10
CA GLN A 21 12.53 -0.88 12.12
C GLN A 21 11.37 -1.23 13.05
N TYR A 22 10.27 -1.70 12.47
CA TYR A 22 9.09 -2.10 13.24
C TYR A 22 8.40 -3.28 12.58
N GLU A 23 9.19 -4.22 12.06
CA GLU A 23 8.66 -5.40 11.39
C GLU A 23 7.61 -6.11 12.23
N GLU A 24 8.03 -6.67 13.37
CA GLU A 24 7.12 -7.39 14.26
C GLU A 24 6.31 -6.44 15.16
N GLU A 25 6.85 -5.25 15.39
CA GLU A 25 6.19 -4.28 16.27
C GLU A 25 4.93 -3.69 15.66
N VAL A 26 4.86 -3.62 14.33
CA VAL A 26 3.69 -3.05 13.67
C VAL A 26 2.41 -3.81 14.03
N ARG A 27 2.37 -5.10 13.75
CA ARG A 27 1.18 -5.91 14.03
C ARG A 27 0.79 -5.81 15.49
N GLU A 28 1.77 -5.91 16.38
CA GLU A 28 1.51 -5.83 17.81
C GLU A 28 0.95 -4.47 18.19
N ARG A 29 1.36 -3.45 17.45
CA ARG A 29 0.91 -2.09 17.70
C ARG A 29 -0.49 -1.85 17.11
N TRP A 30 -0.64 -2.13 15.82
CA TRP A 30 -1.92 -1.92 15.16
C TRP A 30 -3.06 -2.68 15.82
N GLY A 31 -2.84 -3.95 16.12
CA GLY A 31 -3.87 -4.75 16.76
C GLY A 31 -5.14 -4.88 15.91
N ASN A 32 -5.26 -4.08 14.86
CA ASN A 32 -6.41 -4.11 13.98
C ASN A 32 -6.13 -4.97 12.75
N THR A 33 -4.86 -5.28 12.52
CA THR A 33 -4.46 -6.04 11.35
C THR A 33 -4.58 -7.55 11.53
N ASP A 34 -5.45 -8.15 10.72
CA ASP A 34 -5.66 -9.60 10.73
C ASP A 34 -5.01 -10.21 9.49
N ALA A 35 -5.09 -9.49 8.37
CA ALA A 35 -4.49 -9.96 7.14
C ALA A 35 -3.04 -10.30 7.41
N TYR A 36 -2.43 -9.48 8.29
CA TYR A 36 -1.03 -9.69 8.64
C TYR A 36 -0.77 -11.14 8.96
N ARG A 37 -1.77 -11.82 9.48
CA ARG A 37 -1.64 -13.24 9.77
C ARG A 37 -1.59 -13.99 8.45
N GLN A 38 -2.47 -13.56 7.53
CA GLN A 38 -2.55 -14.16 6.20
C GLN A 38 -1.27 -13.93 5.42
N SER A 39 -0.69 -12.75 5.58
CA SER A 39 0.53 -12.37 4.85
C SER A 39 1.76 -13.13 5.34
N LYS A 40 2.02 -13.11 6.64
CA LYS A 40 3.18 -13.83 7.17
C LYS A 40 3.13 -15.29 6.78
N GLU A 41 1.92 -15.80 6.63
CA GLU A 41 1.70 -17.19 6.29
C GLU A 41 2.19 -17.50 4.87
N LYS A 42 1.76 -16.70 3.91
CA LYS A 42 2.14 -16.88 2.51
C LYS A 42 3.47 -16.20 2.17
N THR A 43 3.81 -15.15 2.89
CA THR A 43 5.04 -14.41 2.64
C THR A 43 6.22 -15.10 3.27
N ALA A 44 5.94 -16.27 3.84
CA ALA A 44 6.94 -17.05 4.52
C ALA A 44 8.22 -17.25 3.69
N SER A 45 8.08 -17.48 2.38
CA SER A 45 9.25 -17.74 1.52
C SER A 45 9.54 -16.64 0.49
N TYR A 46 8.62 -15.71 0.27
CA TYR A 46 8.85 -14.64 -0.72
C TYR A 46 10.32 -14.25 -0.78
N THR A 47 10.82 -14.13 -1.99
CA THR A 47 12.22 -13.79 -2.24
C THR A 47 12.36 -12.37 -2.80
N LYS A 48 13.61 -11.96 -3.00
CA LYS A 48 13.92 -10.64 -3.51
C LYS A 48 13.24 -10.39 -4.86
N GLU A 49 13.12 -11.43 -5.67
CA GLU A 49 12.48 -11.29 -6.97
C GLU A 49 11.01 -10.93 -6.82
N ASP A 50 10.33 -11.69 -5.99
CA ASP A 50 8.92 -11.47 -5.72
C ASP A 50 8.75 -10.06 -5.19
N TRP A 51 9.73 -9.63 -4.42
CA TRP A 51 9.70 -8.30 -3.82
C TRP A 51 10.07 -7.22 -4.85
N GLN A 52 11.06 -7.51 -5.67
CA GLN A 52 11.50 -6.55 -6.69
C GLN A 52 10.39 -6.33 -7.72
N ARG A 53 9.68 -7.40 -8.04
CA ARG A 53 8.60 -7.34 -9.01
C ARG A 53 7.46 -6.46 -8.52
N ILE A 54 7.12 -6.58 -7.24
CA ILE A 54 6.04 -5.78 -6.65
C ILE A 54 6.32 -4.29 -6.70
N GLN A 55 7.58 -3.89 -6.57
CA GLN A 55 7.91 -2.47 -6.60
C GLN A 55 7.64 -1.88 -7.98
N ASP A 56 8.10 -2.56 -9.03
CA ASP A 56 7.89 -2.07 -10.39
C ASP A 56 6.41 -1.82 -10.60
N GLU A 57 5.62 -2.64 -9.94
CA GLU A 57 4.18 -2.52 -10.05
C GLU A 57 3.71 -1.24 -9.37
N ALA A 58 4.33 -0.93 -8.23
CA ALA A 58 3.99 0.27 -7.49
C ALA A 58 4.48 1.53 -8.20
N ASP A 59 5.49 1.37 -9.05
CA ASP A 59 6.05 2.50 -9.79
C ASP A 59 5.02 3.04 -10.77
N GLU A 60 4.54 2.18 -11.65
CA GLU A 60 3.55 2.59 -12.63
C GLU A 60 2.35 3.22 -11.93
N LEU A 61 2.03 2.69 -10.76
CA LEU A 61 0.92 3.17 -9.96
C LEU A 61 1.02 4.68 -9.73
N THR A 62 2.16 5.14 -9.24
CA THR A 62 2.35 6.56 -8.97
C THR A 62 2.21 7.39 -10.23
N ARG A 63 2.95 7.07 -11.26
CA ARG A 63 2.89 7.83 -12.48
C ARG A 63 1.44 8.00 -12.94
N ARG A 64 0.70 6.90 -12.98
CA ARG A 64 -0.68 6.97 -13.44
C ARG A 64 -1.55 7.76 -12.48
N PHE A 65 -1.57 7.38 -11.20
CA PHE A 65 -2.37 8.11 -10.20
C PHE A 65 -1.99 9.58 -10.24
N VAL A 66 -0.72 9.81 -10.09
CA VAL A 66 -0.21 11.16 -10.08
C VAL A 66 -0.56 11.87 -11.39
N ALA A 67 -0.36 11.17 -12.50
CA ALA A 67 -0.67 11.70 -13.82
C ALA A 67 -2.13 12.15 -13.91
N LEU A 68 -3.02 11.41 -13.25
CA LEU A 68 -4.44 11.73 -13.22
C LEU A 68 -4.67 13.03 -12.46
N MET A 69 -3.97 13.18 -11.36
CA MET A 69 -4.09 14.37 -10.53
C MET A 69 -3.79 15.63 -11.33
N ASP A 70 -2.71 15.61 -12.10
CA ASP A 70 -2.33 16.77 -12.90
C ASP A 70 -3.27 16.96 -14.08
N ALA A 71 -3.90 15.87 -14.52
CA ALA A 71 -4.82 15.94 -15.66
C ALA A 71 -6.16 16.55 -15.24
N GLY A 72 -6.34 16.80 -13.95
CA GLY A 72 -7.57 17.38 -13.47
C GLY A 72 -8.65 16.33 -13.23
N GLU A 73 -8.24 15.07 -13.23
CA GLU A 73 -9.17 13.96 -13.01
C GLU A 73 -9.54 13.82 -11.54
N PRO A 74 -10.81 14.09 -11.15
CA PRO A 74 -11.21 13.95 -9.76
C PRO A 74 -10.93 12.54 -9.24
N ALA A 75 -10.86 12.41 -7.92
CA ALA A 75 -10.52 11.13 -7.29
C ALA A 75 -11.65 10.10 -7.31
N ASP A 76 -12.88 10.52 -7.60
CA ASP A 76 -13.99 9.56 -7.66
C ASP A 76 -14.39 9.33 -9.10
N SER A 77 -13.54 9.77 -10.02
CA SER A 77 -13.78 9.60 -11.44
C SER A 77 -13.51 8.17 -11.86
N GLU A 78 -14.03 7.78 -13.00
CA GLU A 78 -13.84 6.42 -13.51
C GLU A 78 -12.37 6.04 -13.47
N GLY A 79 -11.53 6.84 -14.12
CA GLY A 79 -10.11 6.56 -14.16
C GLY A 79 -9.47 6.49 -12.78
N ALA A 80 -9.88 7.39 -11.90
CA ALA A 80 -9.32 7.42 -10.54
C ALA A 80 -9.79 6.24 -9.70
N MET A 81 -11.09 6.04 -9.67
CA MET A 81 -11.66 4.95 -8.92
C MET A 81 -11.09 3.62 -9.40
N ASP A 82 -11.04 3.43 -10.72
CA ASP A 82 -10.47 2.22 -11.27
C ASP A 82 -9.04 2.06 -10.76
N ALA A 83 -8.33 3.18 -10.75
CA ALA A 83 -6.96 3.20 -10.24
C ALA A 83 -6.95 2.65 -8.82
N ALA A 84 -7.86 3.12 -8.00
CA ALA A 84 -7.94 2.64 -6.63
C ALA A 84 -8.15 1.14 -6.64
N GLU A 85 -9.01 0.67 -7.53
CA GLU A 85 -9.27 -0.76 -7.65
C GLU A 85 -7.95 -1.47 -7.98
N ASP A 86 -7.05 -0.75 -8.64
CA ASP A 86 -5.75 -1.30 -8.99
C ASP A 86 -4.88 -1.39 -7.74
N HIS A 87 -4.94 -0.35 -6.91
CA HIS A 87 -4.19 -0.29 -5.67
C HIS A 87 -4.59 -1.44 -4.77
N ARG A 88 -5.86 -1.81 -4.88
CA ARG A 88 -6.42 -2.89 -4.08
C ARG A 88 -5.91 -4.25 -4.55
N GLN A 89 -6.24 -4.60 -5.78
CA GLN A 89 -5.83 -5.89 -6.33
C GLN A 89 -4.32 -6.06 -6.21
N GLY A 90 -3.60 -4.94 -6.29
CA GLY A 90 -2.15 -4.97 -6.20
C GLY A 90 -1.66 -5.22 -4.78
N ILE A 91 -2.22 -4.50 -3.81
CA ILE A 91 -1.82 -4.65 -2.42
C ILE A 91 -2.45 -5.90 -1.80
N ALA A 92 -3.52 -6.38 -2.41
CA ALA A 92 -4.22 -7.57 -1.91
C ALA A 92 -3.51 -8.86 -2.31
N ARG A 93 -3.22 -9.03 -3.60
CA ARG A 93 -2.55 -10.23 -4.07
C ARG A 93 -1.09 -10.25 -3.65
N ASN A 94 -0.43 -9.12 -3.79
CA ASN A 94 0.97 -8.98 -3.42
C ASN A 94 1.19 -9.28 -1.94
N HIS A 95 0.13 -9.55 -1.18
CA HIS A 95 0.29 -9.83 0.24
C HIS A 95 -0.75 -10.83 0.78
N TYR A 96 -1.95 -10.84 0.22
CA TYR A 96 -3.02 -11.71 0.70
C TYR A 96 -4.24 -11.59 -0.23
N ASP A 97 -5.29 -10.94 0.24
CA ASP A 97 -6.50 -10.76 -0.56
C ASP A 97 -7.45 -9.77 0.10
N CYS A 98 -6.88 -8.69 0.62
CA CYS A 98 -7.66 -7.65 1.27
C CYS A 98 -8.75 -7.11 0.36
N GLY A 99 -9.98 -7.10 0.89
CA GLY A 99 -11.12 -6.62 0.13
C GLY A 99 -11.28 -5.11 0.25
N TYR A 100 -12.43 -4.61 -0.16
CA TYR A 100 -12.70 -3.18 -0.10
C TYR A 100 -12.75 -2.68 1.34
N GLU A 101 -13.49 -3.40 2.18
CA GLU A 101 -13.62 -3.02 3.59
C GLU A 101 -12.25 -2.85 4.25
N MET A 102 -11.35 -3.79 3.97
CA MET A 102 -10.00 -3.73 4.51
C MET A 102 -9.21 -2.63 3.84
N HIS A 103 -9.34 -2.57 2.53
CA HIS A 103 -8.65 -1.56 1.73
C HIS A 103 -8.90 -0.17 2.29
N THR A 104 -10.07 0.04 2.88
CA THR A 104 -10.43 1.34 3.44
C THR A 104 -9.70 1.59 4.74
N CYS A 105 -9.66 0.56 5.57
CA CYS A 105 -9.01 0.64 6.87
C CYS A 105 -7.57 1.11 6.72
N LEU A 106 -6.86 0.51 5.78
CA LEU A 106 -5.48 0.90 5.53
C LEU A 106 -5.39 2.32 5.01
N GLY A 107 -6.21 2.63 4.02
CA GLY A 107 -6.21 3.97 3.44
C GLY A 107 -6.21 5.08 4.47
N GLU A 108 -7.22 5.09 5.33
CA GLU A 108 -7.33 6.11 6.37
C GLU A 108 -6.27 5.93 7.45
N MET A 109 -5.72 4.73 7.57
CA MET A 109 -4.68 4.47 8.56
C MET A 109 -3.34 5.05 8.06
N TYR A 110 -3.33 5.45 6.80
CA TYR A 110 -2.14 6.02 6.16
C TYR A 110 -2.13 7.54 6.19
N VAL A 111 -3.28 8.15 5.91
CA VAL A 111 -3.40 9.61 5.91
C VAL A 111 -3.32 10.16 7.33
N SER A 112 -3.46 9.26 8.31
CA SER A 112 -3.43 9.67 9.71
C SER A 112 -2.02 9.55 10.30
N ASP A 113 -1.02 9.34 9.45
CA ASP A 113 0.36 9.23 9.93
C ASP A 113 1.34 9.98 9.03
N GLU A 114 2.27 10.66 9.68
CA GLU A 114 3.28 11.47 9.01
C GLU A 114 4.35 10.64 8.29
N ARG A 115 4.97 9.69 8.99
CA ARG A 115 6.03 8.90 8.39
C ARG A 115 5.54 8.15 7.14
N PHE A 116 4.28 7.70 7.16
CA PHE A 116 3.74 6.99 6.00
C PHE A 116 3.55 7.95 4.83
N THR A 117 2.88 9.06 5.10
CA THR A 117 2.60 10.06 4.07
C THR A 117 3.89 10.60 3.43
N ARG A 118 4.79 11.10 4.26
CA ARG A 118 6.05 11.67 3.78
C ARG A 118 6.79 10.66 2.90
N ASN A 119 6.76 9.41 3.32
CA ASN A 119 7.42 8.35 2.55
C ASN A 119 6.62 8.03 1.30
N ILE A 120 5.30 8.06 1.43
CA ILE A 120 4.43 7.79 0.30
C ILE A 120 4.32 8.99 -0.64
N ASP A 121 4.13 10.18 -0.08
CA ASP A 121 4.01 11.38 -0.89
C ASP A 121 5.33 11.76 -1.53
N ALA A 122 6.40 11.09 -1.16
CA ALA A 122 7.69 11.37 -1.77
C ALA A 122 7.48 11.61 -3.27
N ALA A 123 6.41 11.03 -3.81
CA ALA A 123 6.06 11.16 -5.22
C ALA A 123 5.22 12.41 -5.47
N LYS A 124 4.34 12.74 -4.52
CA LYS A 124 3.52 13.95 -4.64
C LYS A 124 2.69 14.15 -3.37
N PRO A 125 2.43 15.41 -2.99
CA PRO A 125 1.65 15.72 -1.80
C PRO A 125 0.15 15.57 -2.05
N GLY A 126 -0.57 15.07 -1.04
CA GLY A 126 -2.01 14.89 -1.17
C GLY A 126 -2.41 13.53 -1.73
N LEU A 127 -1.44 12.78 -2.24
CA LEU A 127 -1.75 11.48 -2.83
C LEU A 127 -2.50 10.59 -1.85
N ALA A 128 -2.04 10.60 -0.60
CA ALA A 128 -2.66 9.78 0.45
C ALA A 128 -4.15 10.05 0.55
N ALA A 129 -4.52 11.32 0.55
CA ALA A 129 -5.93 11.70 0.63
C ALA A 129 -6.68 11.29 -0.64
N TYR A 130 -6.01 11.46 -1.78
CA TYR A 130 -6.58 11.13 -3.08
C TYR A 130 -6.91 9.65 -3.21
N MET A 131 -6.07 8.83 -2.60
CA MET A 131 -6.25 7.37 -2.64
C MET A 131 -7.38 6.92 -1.73
N ARG A 132 -7.45 7.48 -0.53
CA ARG A 132 -8.48 7.08 0.42
C ARG A 132 -9.87 7.28 -0.14
N ASP A 133 -10.10 8.46 -0.68
CA ASP A 133 -11.40 8.80 -1.26
C ASP A 133 -11.68 7.95 -2.48
N ALA A 134 -10.65 7.75 -3.30
CA ALA A 134 -10.77 6.93 -4.48
C ALA A 134 -11.16 5.52 -4.09
N ILE A 135 -10.52 5.04 -3.01
CA ILE A 135 -10.77 3.71 -2.49
C ILE A 135 -12.09 3.64 -1.74
N LEU A 136 -12.36 4.68 -0.95
CA LEU A 136 -13.58 4.73 -0.15
C LEU A 136 -14.79 4.75 -1.09
N ALA A 137 -14.71 5.64 -2.06
CA ALA A 137 -15.76 5.79 -3.07
C ALA A 137 -15.89 4.50 -3.88
N ASN A 138 -14.75 3.95 -4.27
CA ASN A 138 -14.71 2.71 -5.04
C ASN A 138 -15.47 1.61 -4.30
N ALA A 139 -15.33 1.60 -2.98
CA ALA A 139 -16.00 0.60 -2.14
C ALA A 139 -17.51 0.76 -2.22
N VAL A 140 -17.98 1.99 -2.15
CA VAL A 140 -19.41 2.27 -2.21
C VAL A 140 -20.03 1.57 -3.41
N ARG A 141 -19.33 1.62 -4.53
CA ARG A 141 -19.79 0.99 -5.77
C ARG A 141 -20.14 -0.46 -5.53
N HIS A 142 -19.60 -1.00 -4.45
CA HIS A 142 -19.82 -2.41 -4.09
C HIS A 142 -20.71 -2.55 -2.87
N THR A 143 -20.54 -1.66 -1.90
CA THR A 143 -21.34 -1.69 -0.68
C THR A 143 -22.84 -1.79 -0.99
N PRO A 144 -23.45 -2.97 -0.75
CA PRO A 144 -24.89 -3.16 -1.02
C PRO A 144 -25.74 -2.02 -0.48
CA SER B 1 -1.63 -6.08 6.68
C SER B 1 -0.27 -6.40 6.31
N BB9 B 2 0.85 -5.62 6.40
CA BB9 B 2 2.03 -6.33 6.09
C BB9 B 2 3.30 -5.69 6.07
O BB9 B 2 4.33 -6.31 5.79
CB BB9 B 2 1.79 -7.62 5.77
SG BB9 B 2 0.15 -7.95 5.85
HB BB9 B 2 2.55 -8.34 5.50
N VAL B 3 3.28 -4.39 6.34
CA VAL B 3 4.47 -3.54 6.35
C VAL B 3 4.10 -2.17 6.92
N GLY B 4 5.00 -1.54 7.67
CA GLY B 4 4.69 -0.25 8.25
C GLY B 4 5.32 0.87 7.57
N MOZ B 5 4.96 1.18 6.31
OG MOZ B 5 6.30 1.73 7.98
CA MOZ B 5 5.76 2.27 5.92
CB MOZ B 5 6.58 2.62 6.92
C MOZ B 5 5.58 2.74 4.48
O MOZ B 5 6.26 3.67 4.06
C6 MOZ B 5 7.60 3.70 7.06
H62 MOZ B 5 8.08 3.87 6.10
H63 MOZ B 5 8.34 3.40 7.78
H61 MOZ B 5 7.12 4.61 7.38
N ALA B 6 4.63 2.13 3.77
CA ALA B 6 4.31 2.47 2.38
C ALA B 6 3.08 1.76 1.80
N BB9 B 7 2.55 0.55 2.12
CA BB9 B 7 1.38 0.24 1.35
C BB9 B 7 0.58 -0.95 1.46
O BB9 B 7 -0.42 -1.10 0.76
CB BB9 B 7 1.08 1.24 0.49
SG BB9 B 7 2.19 2.51 0.59
HB BB9 B 7 0.24 1.20 -0.19
N ALA B 8 0.99 -1.89 2.31
CA ALA B 8 0.26 -3.14 2.49
C ALA B 8 -0.44 -3.20 3.83
N MOZ B 9 -0.82 -4.31 4.47
OG MOZ B 9 -0.81 -2.08 4.53
CA MOZ B 9 -1.48 -3.86 5.62
CB MOZ B 9 -1.48 -2.55 5.68
C MOZ B 9 -2.17 -4.82 6.50
C6 MOZ B 9 -2.10 -1.64 6.69
H62 MOZ B 9 -2.52 -2.25 7.49
H63 MOZ B 9 -2.89 -1.06 6.24
H61 MOZ B 9 -1.35 -0.97 7.10
C NAK B 10 -5.45 -5.01 8.05
O NAK B 10 -6.18 -5.89 8.51
CA NAK B 10 -4.09 -5.45 7.62
CAE NAK B 10 -3.65 -6.72 7.79
N NAK B 10 -3.38 -4.50 6.99
HAE2 NAK B 10 -4.24 -7.45 8.31
N ALA B 11 -5.31 -3.91 8.74
CA ALA B 11 -6.44 -3.16 9.31
C ALA B 11 -7.73 -3.97 9.27
N NH2 B 12 -7.67 -5.19 9.78
HN1 NH2 B 12 -6.82 -5.51 10.15
HN2 NH2 B 12 -8.49 -5.73 9.78
N GLY A 2 9.68 -12.84 6.92
CA GLY A 2 9.13 -11.91 5.89
C GLY A 2 10.13 -11.58 4.81
N ILE A 3 10.20 -10.30 4.44
CA ILE A 3 11.12 -9.85 3.40
C ILE A 3 12.45 -10.60 3.49
N ASN A 4 13.00 -10.66 4.69
CA ASN A 4 14.28 -11.32 4.91
C ASN A 4 15.25 -10.93 3.80
N LEU A 5 15.65 -9.66 3.80
CA LEU A 5 16.58 -9.15 2.80
C LEU A 5 17.79 -8.47 3.45
N THR A 6 18.82 -8.22 2.66
CA THR A 6 20.02 -7.57 3.15
C THR A 6 19.85 -6.05 3.13
N PRO A 7 20.38 -5.34 4.15
CA PRO A 7 20.26 -3.88 4.21
C PRO A 7 20.46 -3.23 2.86
N GLU A 8 21.37 -3.80 2.06
CA GLU A 8 21.67 -3.30 0.74
C GLU A 8 20.53 -3.58 -0.22
N GLU A 9 19.95 -4.77 -0.13
CA GLU A 9 18.83 -5.14 -1.00
C GLU A 9 17.64 -4.26 -0.70
N LYS A 10 17.34 -4.11 0.58
CA LYS A 10 16.24 -3.28 1.03
C LYS A 10 16.42 -1.85 0.52
N PHE A 11 17.67 -1.44 0.34
CA PHE A 11 17.97 -0.10 -0.13
C PHE A 11 17.72 0.02 -1.63
N GLU A 12 18.21 -0.93 -2.39
CA GLU A 12 18.01 -0.93 -3.83
C GLU A 12 16.58 -1.32 -4.15
N VAL A 13 15.92 -1.98 -3.20
CA VAL A 13 14.55 -2.44 -3.38
C VAL A 13 13.52 -1.50 -2.73
N PHE A 14 13.56 -1.40 -1.41
CA PHE A 14 12.61 -0.55 -0.68
C PHE A 14 13.08 0.91 -0.55
N GLY A 15 14.22 1.23 -1.15
CA GLY A 15 14.74 2.58 -1.04
C GLY A 15 14.91 3.01 0.40
N ASP A 16 16.17 3.13 0.81
CA ASP A 16 16.52 3.50 2.18
C ASP A 16 15.37 3.35 3.16
N PHE A 17 14.78 2.15 3.20
CA PHE A 17 13.67 1.87 4.09
C PHE A 17 13.71 0.40 4.52
N ASP A 18 14.14 0.15 5.75
CA ASP A 18 14.28 -1.19 6.27
C ASP A 18 13.23 -1.50 7.35
N PRO A 19 12.05 -2.00 6.96
CA PRO A 19 10.97 -2.35 7.90
C PRO A 19 11.50 -3.12 9.12
N ASP A 20 12.68 -3.71 8.96
CA ASP A 20 13.31 -4.49 10.02
C ASP A 20 13.27 -3.80 11.39
N GLN A 21 13.23 -2.47 11.40
CA GLN A 21 13.21 -1.75 12.67
C GLN A 21 11.97 -2.09 13.49
N TYR A 22 10.85 -2.34 12.82
CA TYR A 22 9.61 -2.70 13.52
C TYR A 22 8.78 -3.69 12.70
N GLU A 23 9.46 -4.52 11.92
CA GLU A 23 8.78 -5.50 11.08
C GLU A 23 7.70 -6.26 11.86
N GLU A 24 8.14 -7.05 12.83
CA GLU A 24 7.22 -7.85 13.65
C GLU A 24 6.57 -7.01 14.76
N GLU A 25 7.20 -5.90 15.10
CA GLU A 25 6.69 -5.02 16.16
C GLU A 25 5.50 -4.19 15.67
N VAL A 26 5.44 -3.94 14.36
CA VAL A 26 4.37 -3.15 13.79
C VAL A 26 2.98 -3.73 14.12
N ARG A 27 2.77 -4.99 13.80
CA ARG A 27 1.48 -5.64 14.05
C ARG A 27 1.03 -5.43 15.49
N GLU A 28 1.99 -5.31 16.39
CA GLU A 28 1.68 -5.12 17.81
C GLU A 28 1.09 -3.72 18.05
N ARG A 29 1.52 -2.75 17.25
CA ARG A 29 1.02 -1.39 17.39
C ARG A 29 -0.44 -1.28 16.96
N TRP A 30 -0.83 -2.06 15.96
CA TRP A 30 -2.20 -2.04 15.46
C TRP A 30 -3.14 -2.89 16.29
N GLY A 31 -2.70 -4.10 16.65
CA GLY A 31 -3.55 -4.99 17.42
C GLY A 31 -4.96 -5.03 16.84
N ASN A 32 -5.03 -4.72 15.55
CA ASN A 32 -6.29 -4.69 14.82
C ASN A 32 -6.18 -5.55 13.57
N THR A 33 -4.94 -5.82 13.20
CA THR A 33 -4.64 -6.55 11.97
C THR A 33 -4.70 -8.07 12.11
N ASP A 34 -5.61 -8.63 11.33
CA ASP A 34 -5.80 -10.06 11.22
C ASP A 34 -5.21 -10.48 9.88
N ALA A 35 -5.40 -9.58 8.92
CA ALA A 35 -4.88 -9.77 7.58
C ALA A 35 -3.38 -10.03 7.67
N TYR A 36 -2.69 -9.17 8.44
CA TYR A 36 -1.24 -9.29 8.61
C TYR A 36 -0.86 -10.73 8.96
N ARG A 37 -1.77 -11.44 9.60
CA ARG A 37 -1.53 -12.82 9.97
C ARG A 37 -1.39 -13.69 8.72
N GLN A 38 -2.41 -13.64 7.88
CA GLN A 38 -2.41 -14.40 6.63
C GLN A 38 -1.32 -13.90 5.67
N SER A 39 -1.01 -12.62 5.77
CA SER A 39 -0.01 -12.02 4.91
C SER A 39 1.41 -12.51 5.22
N LYS A 40 1.80 -12.43 6.48
CA LYS A 40 3.14 -12.84 6.86
C LYS A 40 3.43 -14.28 6.45
N GLU A 41 2.44 -15.17 6.58
CA GLU A 41 2.64 -16.56 6.20
C GLU A 41 2.96 -16.68 4.71
N LYS A 42 2.38 -15.79 3.89
CA LYS A 42 2.66 -15.82 2.46
C LYS A 42 4.01 -15.17 2.15
N THR A 43 4.39 -14.17 2.93
CA THR A 43 5.65 -13.47 2.72
C THR A 43 6.77 -14.19 3.43
N ALA A 44 6.43 -15.33 4.00
CA ALA A 44 7.39 -16.14 4.74
C ALA A 44 8.62 -16.50 3.89
N SER A 45 8.39 -16.85 2.62
CA SER A 45 9.49 -17.25 1.74
C SER A 45 9.81 -16.23 0.64
N TYR A 46 8.96 -15.21 0.47
CA TYR A 46 9.19 -14.20 -0.55
C TYR A 46 10.68 -13.88 -0.67
N THR A 47 11.13 -13.82 -1.92
CA THR A 47 12.52 -13.57 -2.23
C THR A 47 12.73 -12.18 -2.83
N LYS A 48 13.99 -11.87 -3.11
CA LYS A 48 14.36 -10.58 -3.68
C LYS A 48 13.65 -10.34 -5.01
N GLU A 49 13.41 -11.40 -5.78
CA GLU A 49 12.73 -11.26 -7.07
C GLU A 49 11.29 -10.80 -6.87
N ASP A 50 10.58 -11.49 -6.01
CA ASP A 50 9.20 -11.14 -5.71
C ASP A 50 9.12 -9.71 -5.21
N TRP A 51 10.15 -9.30 -4.50
CA TRP A 51 10.21 -7.94 -3.97
C TRP A 51 10.58 -6.92 -5.04
N GLN A 52 11.50 -7.29 -5.94
CA GLN A 52 11.89 -6.38 -7.01
C GLN A 52 10.77 -6.22 -8.02
N ARG A 53 9.94 -7.24 -8.14
CA ARG A 53 8.82 -7.23 -9.07
C ARG A 53 7.73 -6.26 -8.61
N ILE A 54 7.51 -6.19 -7.30
CA ILE A 54 6.49 -5.31 -6.75
C ILE A 54 6.89 -3.83 -6.85
N GLN A 55 8.18 -3.54 -6.74
CA GLN A 55 8.62 -2.14 -6.81
C GLN A 55 8.39 -1.58 -8.20
N ASP A 56 8.87 -2.27 -9.23
CA ASP A 56 8.66 -1.79 -10.60
C ASP A 56 7.17 -1.59 -10.84
N GLU A 57 6.38 -2.42 -10.18
CA GLU A 57 4.92 -2.34 -10.27
C GLU A 57 4.41 -1.12 -9.53
N ALA A 58 4.97 -0.87 -8.35
CA ALA A 58 4.58 0.27 -7.54
C ALA A 58 4.88 1.60 -8.23
N ASP A 59 6.08 1.72 -8.78
CA ASP A 59 6.49 2.93 -9.49
C ASP A 59 5.50 3.26 -10.60
N GLU A 60 5.06 2.23 -11.30
CA GLU A 60 4.11 2.40 -12.39
C GLU A 60 2.79 2.97 -11.88
N LEU A 61 2.33 2.44 -10.75
CA LEU A 61 1.10 2.86 -10.14
C LEU A 61 1.06 4.36 -9.87
N THR A 62 2.20 4.93 -9.50
CA THR A 62 2.29 6.35 -9.21
C THR A 62 2.04 7.17 -10.47
N ARG A 63 2.66 6.77 -11.56
CA ARG A 63 2.52 7.49 -12.79
C ARG A 63 1.06 7.72 -13.13
N ARG A 64 0.28 6.64 -13.15
CA ARG A 64 -1.12 6.77 -13.52
C ARG A 64 -1.90 7.64 -12.54
N PHE A 65 -1.87 7.30 -11.24
CA PHE A 65 -2.57 8.09 -10.23
C PHE A 65 -2.15 9.53 -10.32
N VAL A 66 -0.86 9.73 -10.17
CA VAL A 66 -0.28 11.04 -10.22
C VAL A 66 -0.65 11.74 -11.54
N ALA A 67 -0.52 11.01 -12.63
CA ALA A 67 -0.86 11.52 -13.96
C ALA A 67 -2.31 12.02 -13.98
N LEU A 68 -3.20 11.32 -13.27
CA LEU A 68 -4.61 11.70 -13.18
C LEU A 68 -4.74 13.02 -12.46
N MET A 69 -3.98 13.17 -11.40
CA MET A 69 -4.00 14.39 -10.61
C MET A 69 -3.68 15.61 -11.47
N ASP A 70 -2.64 15.50 -12.28
CA ASP A 70 -2.21 16.59 -13.13
C ASP A 70 -3.16 16.78 -14.31
N ALA A 71 -3.79 15.69 -14.75
CA ALA A 71 -4.71 15.77 -15.86
C ALA A 71 -5.99 16.45 -15.43
N GLY A 72 -6.06 16.83 -14.16
CA GLY A 72 -7.24 17.50 -13.65
C GLY A 72 -8.37 16.53 -13.36
N GLU A 73 -8.03 15.24 -13.37
CA GLU A 73 -9.01 14.19 -13.12
C GLU A 73 -9.36 14.11 -11.62
N PRO A 74 -10.61 14.42 -11.23
CA PRO A 74 -10.99 14.33 -9.81
C PRO A 74 -10.76 12.92 -9.28
N ALA A 75 -10.63 12.82 -7.96
CA ALA A 75 -10.33 11.54 -7.31
C ALA A 75 -11.50 10.57 -7.26
N ASP A 76 -12.74 11.02 -7.53
CA ASP A 76 -13.88 10.13 -7.49
C ASP A 76 -14.37 9.81 -8.90
N SER A 77 -13.55 10.18 -9.89
CA SER A 77 -13.90 9.92 -11.29
C SER A 77 -13.71 8.45 -11.62
N GLU A 78 -14.31 8.01 -12.71
CA GLU A 78 -14.21 6.62 -13.12
C GLU A 78 -12.76 6.17 -13.15
N GLY A 79 -11.93 6.88 -13.89
CA GLY A 79 -10.52 6.53 -13.98
C GLY A 79 -9.82 6.55 -12.64
N ALA A 80 -10.13 7.56 -11.83
CA ALA A 80 -9.51 7.69 -10.51
C ALA A 80 -9.95 6.60 -9.54
N MET A 81 -11.25 6.28 -9.54
CA MET A 81 -11.75 5.24 -8.65
C MET A 81 -11.31 3.87 -9.16
N ASP A 82 -11.36 3.69 -10.49
CA ASP A 82 -10.94 2.43 -11.10
C ASP A 82 -9.51 2.16 -10.69
N ALA A 83 -8.74 3.24 -10.59
CA ALA A 83 -7.36 3.17 -10.14
C ALA A 83 -7.35 2.61 -8.72
N ALA A 84 -8.26 3.10 -7.90
CA ALA A 84 -8.35 2.66 -6.51
C ALA A 84 -8.58 1.15 -6.41
N GLU A 85 -9.45 0.59 -7.27
CA GLU A 85 -9.68 -0.85 -7.22
C GLU A 85 -8.42 -1.57 -7.68
N ASP A 86 -7.62 -0.90 -8.52
CA ASP A 86 -6.37 -1.46 -9.01
C ASP A 86 -5.39 -1.58 -7.85
N HIS A 87 -5.32 -0.53 -7.05
CA HIS A 87 -4.45 -0.48 -5.88
C HIS A 87 -4.82 -1.59 -4.91
N ARG A 88 -6.10 -1.90 -4.90
CA ARG A 88 -6.63 -2.94 -4.03
C ARG A 88 -6.19 -4.33 -4.45
N GLN A 89 -6.64 -4.76 -5.62
CA GLN A 89 -6.30 -6.08 -6.13
C GLN A 89 -4.80 -6.30 -6.14
N GLY A 90 -4.04 -5.23 -6.34
CA GLY A 90 -2.60 -5.34 -6.37
C GLY A 90 -1.98 -5.48 -5.00
N ILE A 91 -2.41 -4.66 -4.05
CA ILE A 91 -1.87 -4.71 -2.70
C ILE A 91 -2.47 -5.89 -1.93
N ALA A 92 -3.60 -6.39 -2.40
CA ALA A 92 -4.27 -7.51 -1.75
C ALA A 92 -3.63 -8.86 -2.11
N ARG A 93 -3.40 -9.10 -3.40
CA ARG A 93 -2.80 -10.35 -3.85
C ARG A 93 -1.32 -10.40 -3.49
N ASN A 94 -0.64 -9.28 -3.64
CA ASN A 94 0.77 -9.19 -3.33
C ASN A 94 1.07 -9.55 -1.88
N HIS A 95 0.03 -9.74 -1.08
CA HIS A 95 0.21 -10.12 0.33
C HIS A 95 -0.81 -11.15 0.79
N TYR A 96 -2.06 -11.04 0.33
CA TYR A 96 -3.13 -11.96 0.72
C TYR A 96 -4.40 -11.64 -0.07
N ASP A 97 -5.41 -11.13 0.60
CA ASP A 97 -6.68 -10.79 -0.06
C ASP A 97 -7.40 -9.69 0.72
N CYS A 98 -6.80 -8.50 0.75
CA CYS A 98 -7.38 -7.35 1.44
C CYS A 98 -8.78 -7.05 0.92
N GLY A 99 -9.77 -7.17 1.80
CA GLY A 99 -11.14 -6.91 1.43
C GLY A 99 -11.39 -5.43 1.16
N TYR A 100 -12.59 -5.10 0.72
CA TYR A 100 -12.94 -3.71 0.43
C TYR A 100 -12.92 -2.87 1.70
N GLU A 101 -13.51 -3.40 2.76
CA GLU A 101 -13.56 -2.70 4.05
C GLU A 101 -12.16 -2.55 4.63
N MET A 102 -11.33 -3.54 4.36
CA MET A 102 -9.95 -3.56 4.84
C MET A 102 -9.09 -2.53 4.12
N HIS A 103 -9.22 -2.51 2.80
CA HIS A 103 -8.46 -1.57 1.97
C HIS A 103 -8.69 -0.13 2.41
N THR A 104 -9.92 0.16 2.82
CA THR A 104 -10.30 1.49 3.26
C THR A 104 -9.55 1.89 4.52
N CYS A 105 -9.53 0.97 5.48
CA CYS A 105 -8.86 1.21 6.74
C CYS A 105 -7.44 1.70 6.48
N LEU A 106 -6.81 1.14 5.47
CA LEU A 106 -5.45 1.54 5.10
C LEU A 106 -5.46 2.96 4.52
N GLY A 107 -6.49 3.26 3.73
CA GLY A 107 -6.61 4.55 3.08
C GLY A 107 -6.38 5.75 3.99
N GLU A 108 -7.17 5.86 5.05
CA GLU A 108 -7.05 7.00 5.98
C GLU A 108 -6.01 6.74 7.07
N MET A 109 -5.68 5.49 7.33
CA MET A 109 -4.69 5.17 8.36
C MET A 109 -3.32 5.76 8.03
N TYR A 110 -2.94 5.76 6.74
CA TYR A 110 -1.64 6.30 6.34
C TYR A 110 -1.72 7.74 5.85
N VAL A 111 -2.85 8.39 6.09
CA VAL A 111 -3.02 9.78 5.70
C VAL A 111 -2.80 10.68 6.91
N SER A 112 -2.69 10.06 8.08
CA SER A 112 -2.48 10.78 9.33
C SER A 112 -1.04 10.62 9.83
N ASP A 113 -0.59 9.37 9.94
CA ASP A 113 0.77 9.10 10.41
C ASP A 113 1.80 9.75 9.49
N GLU A 114 2.68 10.53 10.09
CA GLU A 114 3.71 11.27 9.36
C GLU A 114 4.69 10.36 8.62
N ARG A 115 5.16 9.29 9.25
CA ARG A 115 6.13 8.42 8.59
C ARG A 115 5.53 7.70 7.39
N PHE A 116 4.37 7.08 7.57
CA PHE A 116 3.72 6.38 6.47
C PHE A 116 3.39 7.35 5.33
N THR A 117 2.73 8.44 5.68
CA THR A 117 2.36 9.46 4.70
C THR A 117 3.59 10.00 3.99
N ARG A 118 4.55 10.49 4.77
CA ARG A 118 5.78 11.05 4.23
C ARG A 118 6.50 10.03 3.34
N ASN A 119 6.43 8.78 3.74
CA ASN A 119 7.06 7.70 2.98
C ASN A 119 6.24 7.39 1.74
N ILE A 120 4.92 7.49 1.88
CA ILE A 120 4.02 7.22 0.76
C ILE A 120 4.01 8.37 -0.23
N ASP A 121 4.04 9.60 0.26
CA ASP A 121 3.98 10.77 -0.60
C ASP A 121 5.30 11.07 -1.29
N ALA A 122 6.38 10.41 -0.88
CA ALA A 122 7.66 10.65 -1.52
C ALA A 122 7.45 10.83 -3.03
N ALA A 123 6.36 10.25 -3.53
CA ALA A 123 6.01 10.32 -4.94
C ALA A 123 5.15 11.54 -5.29
N LYS A 124 4.30 12.01 -4.37
CA LYS A 124 3.47 13.18 -4.68
C LYS A 124 2.64 13.62 -3.46
N PRO A 125 3.01 14.74 -2.80
CA PRO A 125 2.29 15.24 -1.62
C PRO A 125 0.76 15.22 -1.79
N GLY A 126 0.04 14.73 -0.79
CA GLY A 126 -1.42 14.71 -0.85
C GLY A 126 -2.01 13.44 -1.44
N LEU A 127 -1.22 12.68 -2.18
CA LEU A 127 -1.71 11.45 -2.80
C LEU A 127 -2.49 10.58 -1.83
N ALA A 128 -2.05 10.55 -0.57
CA ALA A 128 -2.70 9.74 0.44
C ALA A 128 -4.19 10.06 0.52
N ALA A 129 -4.51 11.34 0.54
CA ALA A 129 -5.91 11.76 0.58
C ALA A 129 -6.62 11.40 -0.72
N TYR A 130 -5.92 11.58 -1.83
CA TYR A 130 -6.45 11.31 -3.17
C TYR A 130 -6.80 9.84 -3.36
N MET A 131 -5.96 8.97 -2.82
CA MET A 131 -6.15 7.52 -2.94
C MET A 131 -7.28 7.03 -2.05
N ARG A 132 -7.28 7.47 -0.79
CA ARG A 132 -8.30 7.04 0.16
C ARG A 132 -9.70 7.27 -0.40
N ASP A 133 -9.92 8.46 -0.91
CA ASP A 133 -11.22 8.83 -1.47
C ASP A 133 -11.52 7.97 -2.68
N ALA A 134 -10.51 7.73 -3.50
CA ALA A 134 -10.67 6.89 -4.69
C ALA A 134 -11.08 5.49 -4.27
N ILE A 135 -10.45 5.00 -3.20
CA ILE A 135 -10.73 3.69 -2.66
C ILE A 135 -12.06 3.67 -1.92
N LEU A 136 -12.32 4.72 -1.15
CA LEU A 136 -13.55 4.80 -0.38
C LEU A 136 -14.75 4.79 -1.32
N ALA A 137 -14.70 5.66 -2.31
CA ALA A 137 -15.76 5.78 -3.31
C ALA A 137 -15.91 4.47 -4.08
N ASN A 138 -14.79 3.92 -4.49
CA ASN A 138 -14.77 2.66 -5.22
C ASN A 138 -15.52 1.59 -4.44
N ALA A 139 -15.33 1.59 -3.12
CA ALA A 139 -15.98 0.61 -2.25
C ALA A 139 -17.50 0.83 -2.21
N VAL A 140 -17.92 2.10 -2.22
CA VAL A 140 -19.33 2.44 -2.17
C VAL A 140 -20.15 1.77 -3.26
N ARG A 141 -19.66 1.79 -4.49
CA ARG A 141 -20.37 1.18 -5.60
C ARG A 141 -20.55 -0.33 -5.38
N HIS A 142 -19.76 -0.89 -4.46
CA HIS A 142 -19.88 -2.32 -4.14
C HIS A 142 -20.72 -2.51 -2.88
N THR A 143 -20.47 -1.67 -1.88
CA THR A 143 -21.21 -1.74 -0.63
C THR A 143 -22.72 -1.79 -0.89
N PRO A 144 -23.36 -2.95 -0.65
CA PRO A 144 -24.80 -3.10 -0.86
C PRO A 144 -25.60 -1.94 -0.27
CA SER B 1 -2.06 -5.83 6.71
C SER B 1 -0.82 -6.20 6.03
N BB9 B 2 0.39 -5.58 6.13
CA BB9 B 2 1.34 -6.16 5.28
C BB9 B 2 2.67 -5.63 5.19
O BB9 B 2 3.51 -6.12 4.44
CB BB9 B 2 0.85 -7.19 4.55
SG BB9 B 2 -0.78 -7.44 4.93
HB BB9 B 2 1.40 -7.75 3.83
N VAL B 3 2.92 -4.58 5.98
CA VAL B 3 4.21 -3.91 6.01
C VAL B 3 4.07 -2.68 6.89
N GLY B 4 5.17 -2.23 7.50
CA GLY B 4 5.09 -1.08 8.37
C GLY B 4 5.40 0.16 7.73
N MOZ B 5 5.16 0.29 6.41
OG MOZ B 5 5.86 1.35 8.23
CA MOZ B 5 5.50 1.61 6.08
CB MOZ B 5 5.92 2.26 7.17
C MOZ B 5 5.32 1.96 4.63
O MOZ B 5 5.57 3.11 4.26
C6 MOZ B 5 6.40 3.67 7.39
H62 MOZ B 5 5.85 4.12 8.20
H63 MOZ B 5 6.25 4.24 6.48
H61 MOZ B 5 7.45 3.66 7.63
N ALA B 6 4.92 1.00 3.82
CA ALA B 6 4.72 1.21 2.38
C ALA B 6 3.31 0.93 1.83
N BB9 B 7 2.54 -0.16 2.07
CA BB9 B 7 1.31 -0.08 1.36
C BB9 B 7 0.29 -1.08 1.42
O BB9 B 7 -0.75 -0.97 0.79
CB BB9 B 7 1.21 1.04 0.62
SG BB9 B 7 2.59 1.99 0.78
HB BB9 B 7 0.35 1.26 0.00
N ALA B 8 0.57 -2.14 2.17
CA ALA B 8 -0.37 -3.23 2.32
C ALA B 8 -1.02 -3.19 3.69
N MOZ B 9 -1.49 -4.23 4.38
OG MOZ B 9 -1.18 -2.02 4.39
CA MOZ B 9 -1.96 -3.68 5.57
CB MOZ B 9 -1.80 -2.38 5.61
C MOZ B 9 -2.58 -4.57 6.59
C6 MOZ B 9 -2.16 -1.39 6.67
H62 MOZ B 9 -2.85 -0.66 6.28
H63 MOZ B 9 -1.27 -0.89 7.03
H61 MOZ B 9 -2.62 -1.92 7.50
C NAK B 10 -5.57 -4.56 8.59
O NAK B 10 -6.31 -5.37 9.16
CA NAK B 10 -4.28 -5.08 8.05
CAE NAK B 10 -3.84 -6.36 8.21
N NAK B 10 -3.66 -4.19 7.25
HAE2 NAK B 10 -4.35 -7.05 8.87
N ALA B 11 -5.33 -3.43 9.20
CA ALA B 11 -6.37 -2.60 9.78
C ALA B 11 -7.28 -3.40 10.69
N NH2 B 12 -6.74 -4.42 11.30
HN1 NH2 B 12 -5.79 -4.61 11.14
HN2 NH2 B 12 -7.30 -4.96 11.89
N GLY A 2 10.41 -13.72 6.64
CA GLY A 2 9.92 -12.42 6.11
C GLY A 2 10.52 -12.09 4.75
N ILE A 3 10.94 -10.83 4.59
CA ILE A 3 11.53 -10.38 3.34
C ILE A 3 12.96 -10.86 3.22
N ASN A 4 13.61 -11.05 4.37
CA ASN A 4 14.98 -11.52 4.40
C ASN A 4 15.79 -10.91 3.27
N LEU A 5 16.01 -9.60 3.34
CA LEU A 5 16.77 -8.89 2.32
C LEU A 5 17.95 -8.13 2.94
N THR A 6 18.98 -7.89 2.13
CA THR A 6 20.17 -7.19 2.60
C THR A 6 20.00 -5.67 2.47
N PRO A 7 20.45 -4.89 3.47
CA PRO A 7 20.32 -3.43 3.46
C PRO A 7 20.58 -2.80 2.10
N GLU A 8 21.55 -3.34 1.36
CA GLU A 8 21.87 -2.83 0.04
C GLU A 8 20.76 -3.17 -0.93
N GLU A 9 20.20 -4.36 -0.76
CA GLU A 9 19.09 -4.78 -1.59
C GLU A 9 17.89 -3.90 -1.30
N LYS A 10 17.63 -3.68 -0.01
CA LYS A 10 16.54 -2.81 0.39
C LYS A 10 16.66 -1.48 -0.32
N PHE A 11 17.91 -1.10 -0.58
CA PHE A 11 18.19 0.16 -1.24
C PHE A 11 17.91 0.06 -2.74
N GLU A 12 18.37 -0.99 -3.37
CA GLU A 12 18.13 -1.18 -4.81
C GLU A 12 16.66 -1.50 -5.07
N VAL A 13 15.97 -1.98 -4.04
CA VAL A 13 14.56 -2.35 -4.15
C VAL A 13 13.62 -1.24 -3.71
N PHE A 14 13.76 -0.75 -2.47
CA PHE A 14 12.86 0.31 -1.98
C PHE A 14 13.45 1.69 -2.21
N GLY A 15 14.75 1.76 -2.47
CA GLY A 15 15.40 3.04 -2.67
C GLY A 15 16.11 3.52 -1.43
N ASP A 16 15.47 3.30 -0.28
CA ASP A 16 16.03 3.69 1.01
C ASP A 16 14.99 3.45 2.12
N PHE A 17 14.54 2.19 2.22
CA PHE A 17 13.53 1.81 3.21
C PHE A 17 13.96 0.54 3.95
N ASP A 18 13.98 0.58 5.27
CA ASP A 18 14.38 -0.56 6.08
C ASP A 18 13.24 -1.04 6.99
N PRO A 19 12.36 -1.93 6.49
CA PRO A 19 11.24 -2.47 7.26
C PRO A 19 11.69 -3.38 8.40
N ASP A 20 12.70 -4.20 8.12
CA ASP A 20 13.22 -5.14 9.11
C ASP A 20 13.43 -4.50 10.48
N GLN A 21 13.92 -3.27 10.49
CA GLN A 21 14.17 -2.57 11.74
C GLN A 21 12.95 -2.60 12.65
N TYR A 22 11.76 -2.49 12.07
CA TYR A 22 10.51 -2.51 12.83
C TYR A 22 9.39 -3.18 12.04
N GLU A 23 9.73 -4.26 11.33
CA GLU A 23 8.75 -4.97 10.52
C GLU A 23 7.66 -5.63 11.37
N GLU A 24 8.08 -6.33 12.43
CA GLU A 24 7.15 -7.03 13.31
C GLU A 24 6.46 -6.08 14.29
N GLU A 25 7.18 -5.06 14.71
CA GLU A 25 6.64 -4.08 15.66
C GLU A 25 5.32 -3.50 15.14
N VAL A 26 5.15 -3.51 13.82
CA VAL A 26 3.96 -2.96 13.20
C VAL A 26 2.67 -3.59 13.72
N ARG A 27 2.54 -4.90 13.64
CA ARG A 27 1.32 -5.57 14.10
C ARG A 27 1.04 -5.26 15.57
N GLU A 28 2.10 -5.03 16.34
CA GLU A 28 1.96 -4.74 17.77
C GLU A 28 1.36 -3.36 18.01
N ARG A 29 1.81 -2.35 17.25
CA ARG A 29 1.28 -1.00 17.43
C ARG A 29 -0.05 -0.83 16.70
N TRP A 30 -0.30 -1.69 15.71
CA TRP A 30 -1.55 -1.62 14.95
C TRP A 30 -2.67 -2.36 15.69
N GLY A 31 -2.36 -3.55 16.21
CA GLY A 31 -3.35 -4.33 16.91
C GLY A 31 -4.69 -4.34 16.21
N ASN A 32 -4.66 -4.11 14.90
CA ASN A 32 -5.87 -4.08 14.08
C ASN A 32 -5.70 -4.97 12.86
N THR A 33 -4.45 -5.27 12.53
CA THR A 33 -4.13 -6.07 11.35
C THR A 33 -4.21 -7.58 11.61
N ASP A 34 -5.13 -8.21 10.89
CA ASP A 34 -5.34 -9.66 10.95
C ASP A 34 -4.79 -10.30 9.69
N ALA A 35 -4.94 -9.60 8.57
CA ALA A 35 -4.44 -10.10 7.32
C ALA A 35 -2.96 -10.41 7.50
N TYR A 36 -2.30 -9.55 8.30
CA TYR A 36 -0.88 -9.73 8.56
C TYR A 36 -0.64 -11.18 8.94
N ARG A 37 -1.67 -11.77 9.52
CA ARG A 37 -1.62 -13.17 9.89
C ARG A 37 -1.57 -14.00 8.63
N GLN A 38 -2.43 -13.66 7.68
CA GLN A 38 -2.51 -14.34 6.40
C GLN A 38 -1.24 -14.11 5.59
N SER A 39 -0.63 -12.96 5.81
CA SER A 39 0.56 -12.56 5.07
C SER A 39 1.82 -13.29 5.54
N LYS A 40 2.08 -13.26 6.84
CA LYS A 40 3.26 -13.92 7.38
C LYS A 40 3.25 -15.39 6.99
N GLU A 41 2.07 -15.94 6.88
CA GLU A 41 1.87 -17.35 6.53
C GLU A 41 2.37 -17.65 5.11
N LYS A 42 1.97 -16.83 4.15
CA LYS A 42 2.36 -17.03 2.75
C LYS A 42 3.70 -16.38 2.41
N THR A 43 4.07 -15.33 3.15
CA THR A 43 5.31 -14.61 2.91
C THR A 43 6.50 -15.40 3.44
N ALA A 44 6.21 -16.59 3.91
CA ALA A 44 7.22 -17.45 4.48
C ALA A 44 8.48 -17.58 3.61
N SER A 45 8.31 -17.72 2.29
CA SER A 45 9.47 -17.91 1.40
C SER A 45 9.71 -16.77 0.40
N TYR A 46 8.84 -15.76 0.37
CA TYR A 46 9.04 -14.65 -0.57
C TYR A 46 10.50 -14.23 -0.64
N THR A 47 10.97 -14.06 -1.86
CA THR A 47 12.36 -13.69 -2.14
C THR A 47 12.47 -12.29 -2.72
N LYS A 48 13.70 -11.92 -3.06
CA LYS A 48 13.98 -10.60 -3.62
C LYS A 48 13.28 -10.39 -4.95
N GLU A 49 13.13 -11.44 -5.73
CA GLU A 49 12.46 -11.32 -7.02
C GLU A 49 11.00 -10.94 -6.84
N ASP A 50 10.33 -11.70 -6.01
CA ASP A 50 8.93 -11.45 -5.72
C ASP A 50 8.78 -10.05 -5.16
N TRP A 51 9.76 -9.64 -4.38
CA TRP A 51 9.75 -8.32 -3.77
C TRP A 51 10.15 -7.26 -4.78
N GLN A 52 11.12 -7.59 -5.63
CA GLN A 52 11.58 -6.66 -6.65
C GLN A 52 10.41 -6.29 -7.56
N ARG A 53 9.50 -7.25 -7.74
CA ARG A 53 8.33 -7.05 -8.56
C ARG A 53 7.36 -6.08 -7.91
N ILE A 54 7.25 -6.16 -6.57
CA ILE A 54 6.32 -5.29 -5.85
C ILE A 54 6.58 -3.82 -6.15
N GLN A 55 7.81 -3.37 -5.87
CA GLN A 55 8.17 -1.97 -6.10
C GLN A 55 7.87 -1.55 -7.54
N ASP A 56 8.28 -2.37 -8.50
CA ASP A 56 8.02 -2.06 -9.91
C ASP A 56 6.55 -1.81 -10.11
N GLU A 57 5.77 -2.71 -9.52
CA GLU A 57 4.34 -2.64 -9.64
C GLU A 57 3.80 -1.37 -8.98
N ALA A 58 4.37 -1.02 -7.83
CA ALA A 58 3.95 0.16 -7.08
C ALA A 58 4.35 1.45 -7.82
N ASP A 59 5.55 1.47 -8.38
CA ASP A 59 6.03 2.65 -9.10
C ASP A 59 5.05 3.05 -10.19
N GLU A 60 4.52 2.05 -10.88
CA GLU A 60 3.56 2.29 -11.95
C GLU A 60 2.29 2.93 -11.39
N LEU A 61 1.88 2.45 -10.21
CA LEU A 61 0.69 2.94 -9.55
C LEU A 61 0.73 4.46 -9.41
N THR A 62 1.91 5.01 -9.13
CA THR A 62 2.07 6.45 -8.95
C THR A 62 1.86 7.19 -10.27
N ARG A 63 2.51 6.75 -11.32
CA ARG A 63 2.37 7.42 -12.58
C ARG A 63 0.91 7.64 -12.94
N ARG A 64 0.14 6.55 -12.92
CA ARG A 64 -1.26 6.66 -13.29
C ARG A 64 -2.03 7.55 -12.32
N PHE A 65 -1.98 7.25 -11.03
CA PHE A 65 -2.67 8.07 -10.03
C PHE A 65 -2.25 9.52 -10.17
N VAL A 66 -0.96 9.72 -10.06
CA VAL A 66 -0.39 11.04 -10.16
C VAL A 66 -0.76 11.69 -11.49
N ALA A 67 -0.58 10.94 -12.57
CA ALA A 67 -0.90 11.42 -13.91
C ALA A 67 -2.32 11.97 -13.95
N LEU A 68 -3.19 11.41 -13.10
CA LEU A 68 -4.58 11.85 -13.02
C LEU A 68 -4.67 13.23 -12.40
N MET A 69 -3.85 13.45 -11.37
CA MET A 69 -3.85 14.75 -10.73
C MET A 69 -3.56 15.86 -11.73
N ASP A 70 -2.53 15.64 -12.56
CA ASP A 70 -2.14 16.63 -13.55
C ASP A 70 -3.30 17.05 -14.44
N ALA A 71 -4.06 16.06 -14.92
CA ALA A 71 -5.19 16.35 -15.79
C ALA A 71 -6.26 17.14 -15.05
N GLY A 72 -6.23 17.04 -13.73
CA GLY A 72 -7.21 17.76 -12.93
C GLY A 72 -8.54 17.03 -12.83
N GLU A 73 -8.51 15.71 -12.86
CA GLU A 73 -9.74 14.92 -12.78
C GLU A 73 -9.99 14.52 -11.32
N PRO A 74 -11.27 14.48 -10.87
CA PRO A 74 -11.59 14.11 -9.49
C PRO A 74 -11.21 12.67 -9.17
N ALA A 75 -10.96 12.44 -7.89
CA ALA A 75 -10.54 11.13 -7.39
C ALA A 75 -11.64 10.07 -7.44
N ASP A 76 -12.89 10.49 -7.61
CA ASP A 76 -14.00 9.54 -7.66
C ASP A 76 -14.44 9.29 -9.10
N SER A 77 -13.61 9.70 -10.05
CA SER A 77 -13.91 9.51 -11.45
C SER A 77 -13.61 8.07 -11.87
N GLU A 78 -14.13 7.68 -13.01
CA GLU A 78 -13.93 6.32 -13.50
C GLU A 78 -12.44 5.95 -13.46
N GLY A 79 -11.62 6.75 -14.11
CA GLY A 79 -10.20 6.48 -14.14
C GLY A 79 -9.57 6.49 -12.77
N ALA A 80 -9.95 7.43 -11.93
CA ALA A 80 -9.40 7.55 -10.59
C ALA A 80 -9.88 6.43 -9.67
N MET A 81 -11.19 6.24 -9.59
CA MET A 81 -11.73 5.18 -8.73
C MET A 81 -11.17 3.83 -9.18
N ASP A 82 -11.16 3.61 -10.50
CA ASP A 82 -10.62 2.38 -11.05
C ASP A 82 -9.18 2.23 -10.58
N ALA A 83 -8.47 3.35 -10.53
CA ALA A 83 -7.10 3.34 -10.04
C ALA A 83 -7.10 2.71 -8.66
N ALA A 84 -8.06 3.11 -7.84
CA ALA A 84 -8.19 2.55 -6.51
C ALA A 84 -8.42 1.05 -6.60
N GLU A 85 -9.31 0.64 -7.50
CA GLU A 85 -9.59 -0.77 -7.70
C GLU A 85 -8.31 -1.48 -8.13
N ASP A 86 -7.43 -0.72 -8.81
CA ASP A 86 -6.16 -1.25 -9.27
C ASP A 86 -5.21 -1.42 -8.09
N HIS A 87 -5.23 -0.44 -7.18
CA HIS A 87 -4.39 -0.48 -6.00
C HIS A 87 -4.88 -1.59 -5.08
N ARG A 88 -6.19 -1.78 -5.06
CA ARG A 88 -6.83 -2.79 -4.24
C ARG A 88 -6.41 -4.19 -4.68
N GLN A 89 -6.83 -4.55 -5.88
CA GLN A 89 -6.53 -5.85 -6.43
C GLN A 89 -5.04 -6.04 -6.64
N GLY A 90 -4.33 -4.95 -6.91
CA GLY A 90 -2.90 -5.04 -7.14
C GLY A 90 -2.10 -5.32 -5.87
N ILE A 91 -2.45 -4.65 -4.78
CA ILE A 91 -1.75 -4.86 -3.51
C ILE A 91 -2.27 -6.13 -2.84
N ALA A 92 -3.54 -6.43 -3.08
CA ALA A 92 -4.18 -7.62 -2.52
C ALA A 92 -3.44 -8.90 -2.92
N ARG A 93 -3.13 -9.01 -4.20
CA ARG A 93 -2.42 -10.18 -4.74
C ARG A 93 -0.98 -10.23 -4.25
N ASN A 94 -0.54 -9.18 -3.57
CA ASN A 94 0.84 -9.09 -3.09
C ASN A 94 1.04 -9.52 -1.65
N HIS A 95 -0.02 -9.81 -0.90
CA HIS A 95 0.16 -10.20 0.50
C HIS A 95 -0.81 -11.27 1.01
N TYR A 96 -2.04 -11.30 0.48
CA TYR A 96 -3.05 -12.26 0.95
C TYR A 96 -4.38 -12.03 0.25
N ASP A 97 -4.77 -10.77 0.13
CA ASP A 97 -6.03 -10.39 -0.52
C ASP A 97 -6.70 -9.25 0.25
N CYS A 98 -6.40 -8.02 -0.15
CA CYS A 98 -6.95 -6.84 0.50
C CYS A 98 -8.31 -6.48 -0.07
N GLY A 99 -9.36 -6.84 0.67
CA GLY A 99 -10.71 -6.53 0.24
C GLY A 99 -10.98 -5.04 0.29
N TYR A 100 -12.17 -4.63 -0.18
CA TYR A 100 -12.51 -3.21 -0.19
C TYR A 100 -12.62 -2.66 1.23
N GLU A 101 -13.04 -3.51 2.16
CA GLU A 101 -13.19 -3.09 3.55
C GLU A 101 -11.81 -2.92 4.20
N MET A 102 -10.92 -3.86 3.92
CA MET A 102 -9.56 -3.81 4.45
C MET A 102 -8.80 -2.69 3.77
N HIS A 103 -8.99 -2.59 2.46
CA HIS A 103 -8.34 -1.58 1.63
C HIS A 103 -8.61 -0.17 2.14
N THR A 104 -9.79 0.06 2.69
CA THR A 104 -10.11 1.39 3.21
C THR A 104 -9.46 1.61 4.57
N CYS A 105 -9.46 0.56 5.37
CA CYS A 105 -8.86 0.61 6.70
C CYS A 105 -7.42 1.08 6.60
N LEU A 106 -6.67 0.47 5.70
CA LEU A 106 -5.29 0.84 5.46
C LEU A 106 -5.18 2.27 4.94
N GLY A 107 -6.00 2.59 3.95
CA GLY A 107 -5.99 3.92 3.36
C GLY A 107 -6.03 5.05 4.40
N GLU A 108 -7.06 5.05 5.23
CA GLU A 108 -7.21 6.08 6.26
C GLU A 108 -6.16 5.92 7.36
N MET A 109 -5.64 4.72 7.53
CA MET A 109 -4.59 4.49 8.53
C MET A 109 -3.25 5.02 8.01
N TYR A 110 -3.23 5.36 6.72
CA TYR A 110 -2.05 5.87 6.04
C TYR A 110 -2.03 7.39 6.01
N VAL A 111 -3.18 8.00 5.72
CA VAL A 111 -3.27 9.45 5.67
C VAL A 111 -3.09 10.06 7.06
N SER A 112 -3.15 9.22 8.08
CA SER A 112 -3.01 9.66 9.46
C SER A 112 -1.54 9.78 9.87
N ASP A 113 -0.81 8.67 9.78
CA ASP A 113 0.60 8.67 10.14
C ASP A 113 1.43 9.44 9.12
N GLU A 114 2.15 10.46 9.61
CA GLU A 114 2.98 11.29 8.76
C GLU A 114 4.25 10.56 8.30
N ARG A 115 4.67 9.53 9.03
CA ARG A 115 5.87 8.80 8.62
C ARG A 115 5.59 8.09 7.30
N PHE A 116 4.36 7.61 7.16
CA PHE A 116 3.90 6.94 5.95
C PHE A 116 3.79 7.94 4.80
N THR A 117 3.06 9.02 5.06
CA THR A 117 2.85 10.07 4.07
C THR A 117 4.17 10.57 3.49
N ARG A 118 5.05 11.02 4.37
CA ARG A 118 6.36 11.54 3.95
C ARG A 118 7.05 10.57 3.01
N ASN A 119 6.98 9.29 3.34
CA ASN A 119 7.59 8.26 2.52
C ASN A 119 6.76 8.00 1.27
N ILE A 120 5.44 8.06 1.41
CA ILE A 120 4.54 7.82 0.29
C ILE A 120 4.49 9.03 -0.64
N ASP A 121 4.28 10.22 -0.07
CA ASP A 121 4.19 11.44 -0.86
C ASP A 121 5.53 11.79 -1.48
N ALA A 122 6.61 11.15 -1.05
CA ALA A 122 7.91 11.43 -1.63
C ALA A 122 7.76 11.63 -3.13
N ALA A 123 6.73 11.00 -3.70
CA ALA A 123 6.42 11.10 -5.12
C ALA A 123 5.56 12.32 -5.42
N LYS A 124 4.65 12.67 -4.50
CA LYS A 124 3.82 13.85 -4.70
C LYS A 124 3.03 14.17 -3.43
N PRO A 125 2.77 15.46 -3.15
CA PRO A 125 2.00 15.87 -1.97
C PRO A 125 0.49 15.70 -2.18
N GLY A 126 -0.20 15.12 -1.19
CA GLY A 126 -1.65 14.98 -1.29
C GLY A 126 -2.12 13.62 -1.80
N LEU A 127 -1.23 12.82 -2.38
CA LEU A 127 -1.62 11.53 -2.93
C LEU A 127 -2.38 10.67 -1.92
N ALA A 128 -1.95 10.70 -0.67
CA ALA A 128 -2.59 9.90 0.38
C ALA A 128 -4.08 10.23 0.51
N ALA A 129 -4.42 11.50 0.51
CA ALA A 129 -5.82 11.91 0.63
C ALA A 129 -6.62 11.53 -0.63
N TYR A 130 -6.02 11.73 -1.79
CA TYR A 130 -6.66 11.45 -3.08
C TYR A 130 -6.96 9.96 -3.27
N MET A 131 -6.05 9.13 -2.76
CA MET A 131 -6.21 7.68 -2.88
C MET A 131 -7.32 7.17 -1.98
N ARG A 132 -7.33 7.61 -0.72
CA ARG A 132 -8.33 7.15 0.25
C ARG A 132 -9.74 7.34 -0.28
N ASP A 133 -10.01 8.53 -0.78
CA ASP A 133 -11.33 8.87 -1.32
C ASP A 133 -11.61 8.03 -2.56
N ALA A 134 -10.57 7.84 -3.38
CA ALA A 134 -10.72 7.02 -4.58
C ALA A 134 -11.10 5.60 -4.17
N ILE A 135 -10.45 5.13 -3.11
CA ILE A 135 -10.69 3.80 -2.58
C ILE A 135 -12.02 3.75 -1.83
N LEU A 136 -12.30 4.80 -1.08
CA LEU A 136 -13.54 4.89 -0.31
C LEU A 136 -14.73 4.81 -1.26
N ALA A 137 -14.67 5.63 -2.29
CA ALA A 137 -15.72 5.67 -3.31
C ALA A 137 -15.83 4.32 -4.00
N ASN A 138 -14.69 3.77 -4.36
CA ASN A 138 -14.63 2.47 -5.01
C ASN A 138 -15.35 1.42 -4.18
N ALA A 139 -15.14 1.45 -2.87
CA ALA A 139 -15.77 0.51 -1.95
C ALA A 139 -17.29 0.67 -1.93
N VAL A 140 -17.76 1.87 -2.25
CA VAL A 140 -19.20 2.13 -2.26
C VAL A 140 -19.89 1.40 -3.39
N ARG A 141 -19.28 1.40 -4.57
CA ARG A 141 -19.86 0.72 -5.73
C ARG A 141 -20.15 -0.74 -5.42
N HIS A 142 -19.50 -1.25 -4.38
CA HIS A 142 -19.66 -2.64 -3.99
C HIS A 142 -20.48 -2.78 -2.70
N THR A 143 -20.23 -1.88 -1.76
CA THR A 143 -20.95 -1.90 -0.48
C THR A 143 -22.46 -1.96 -0.71
N PRO A 144 -23.10 -3.11 -0.40
CA PRO A 144 -24.55 -3.25 -0.59
C PRO A 144 -25.33 -2.06 -0.06
CA SER B 1 -1.59 -6.19 6.53
C SER B 1 -0.25 -6.53 6.10
N BB9 B 2 0.88 -5.81 6.26
CA BB9 B 2 2.03 -6.52 5.83
C BB9 B 2 3.32 -5.90 5.91
O BB9 B 2 4.34 -6.48 5.56
CB BB9 B 2 1.75 -7.75 5.36
SG BB9 B 2 0.08 -8.03 5.44
HB BB9 B 2 2.47 -8.45 4.98
N VAL B 3 3.29 -4.66 6.38
CA VAL B 3 4.46 -3.80 6.55
C VAL B 3 4.01 -2.51 7.24
N GLY B 4 4.95 -1.69 7.72
CA GLY B 4 4.56 -0.47 8.41
C GLY B 4 5.15 0.73 7.85
N MOZ B 5 4.86 1.10 6.58
OG MOZ B 5 6.02 1.64 8.38
CA MOZ B 5 5.59 2.28 6.32
CB MOZ B 5 6.29 2.61 7.41
C MOZ B 5 5.45 2.83 4.92
O MOZ B 5 6.08 3.84 4.60
C6 MOZ B 5 7.23 3.75 7.69
H62 MOZ B 5 7.06 4.54 6.96
H63 MOZ B 5 8.24 3.41 7.63
H61 MOZ B 5 7.04 4.14 8.68
N ALA B 6 4.64 2.18 4.10
CA ALA B 6 4.39 2.56 2.72
C ALA B 6 3.29 1.77 1.99
N BB9 B 7 2.77 0.53 2.28
CA BB9 B 7 1.74 0.14 1.38
C BB9 B 7 0.98 -1.08 1.41
O BB9 B 7 0.10 -1.29 0.57
CB BB9 B 7 1.53 1.09 0.43
SG BB9 B 7 2.54 2.42 0.64
HB BB9 B 7 0.80 0.97 -0.37
N ALA B 8 1.26 -1.97 2.36
CA ALA B 8 0.54 -3.23 2.48
C ALA B 8 -0.25 -3.32 3.77
N MOZ B 9 -0.70 -4.42 4.37
OG MOZ B 9 -0.62 -2.19 4.46
CA MOZ B 9 -1.39 -3.98 5.49
CB MOZ B 9 -1.36 -2.66 5.58
C MOZ B 9 -2.10 -4.94 6.36
C6 MOZ B 9 -1.99 -1.76 6.59
H62 MOZ B 9 -2.50 -2.36 7.34
H63 MOZ B 9 -2.71 -1.11 6.10
H61 MOZ B 9 -1.24 -1.15 7.07
C NAK B 10 -5.33 -5.05 8.02
O NAK B 10 -6.06 -5.89 8.54
CA NAK B 10 -4.00 -5.53 7.55
CAE NAK B 10 -3.56 -6.79 7.73
N NAK B 10 -3.30 -4.59 6.88
HAE2 NAK B 10 -4.14 -7.51 8.30
N ALA B 11 -5.14 -3.92 8.68
CA ALA B 11 -6.23 -3.14 9.26
C ALA B 11 -7.48 -3.98 9.49
N NH2 B 12 -7.31 -5.16 10.07
HN1 NH2 B 12 -6.41 -5.42 10.32
HN2 NH2 B 12 -8.11 -5.72 10.23
N GLY A 2 9.58 -14.05 5.36
CA GLY A 2 9.54 -12.57 5.21
C GLY A 2 10.49 -12.07 4.14
N ILE A 3 11.18 -10.97 4.42
CA ILE A 3 12.13 -10.39 3.47
C ILE A 3 13.49 -11.06 3.55
N ASN A 4 14.12 -11.04 4.72
CA ASN A 4 15.42 -11.61 4.87
C ASN A 4 16.28 -11.20 3.68
N LEU A 5 16.56 -9.89 3.61
CA LEU A 5 17.34 -9.31 2.53
C LEU A 5 18.52 -8.53 3.09
N THR A 6 19.49 -8.23 2.23
CA THR A 6 20.67 -7.47 2.64
C THR A 6 20.39 -5.99 2.45
N PRO A 7 20.99 -5.11 3.28
CA PRO A 7 20.78 -3.68 3.16
C PRO A 7 20.88 -3.21 1.72
N GLU A 8 21.78 -3.86 0.97
CA GLU A 8 21.98 -3.54 -0.44
C GLU A 8 20.80 -4.00 -1.28
N GLU A 9 20.18 -5.11 -0.88
CA GLU A 9 19.04 -5.65 -1.60
C GLU A 9 17.84 -4.73 -1.39
N LYS A 10 17.56 -4.43 -0.14
CA LYS A 10 16.47 -3.54 0.22
C LYS A 10 16.62 -2.19 -0.47
N PHE A 11 17.87 -1.81 -0.74
CA PHE A 11 18.15 -0.54 -1.40
C PHE A 11 17.84 -0.64 -2.89
N GLU A 12 18.27 -1.72 -3.50
CA GLU A 12 18.01 -1.94 -4.92
C GLU A 12 16.53 -2.23 -5.14
N VAL A 13 15.87 -2.65 -4.06
CA VAL A 13 14.45 -3.01 -4.11
C VAL A 13 13.53 -1.87 -3.62
N PHE A 14 13.69 -1.44 -2.37
CA PHE A 14 12.84 -0.37 -1.83
C PHE A 14 13.60 0.96 -1.73
N GLY A 15 14.92 0.89 -1.56
CA GLY A 15 15.71 2.09 -1.44
C GLY A 15 16.16 2.30 -0.01
N ASP A 16 16.00 3.51 0.51
CA ASP A 16 16.38 3.79 1.89
C ASP A 16 15.21 3.54 2.84
N PHE A 17 14.65 2.32 2.77
CA PHE A 17 13.51 1.95 3.59
C PHE A 17 13.52 0.47 3.90
N ASP A 18 14.00 0.11 5.09
CA ASP A 18 14.08 -1.29 5.51
C ASP A 18 13.04 -1.62 6.58
N PRO A 19 11.91 -2.23 6.17
CA PRO A 19 10.84 -2.62 7.10
C PRO A 19 11.37 -3.38 8.32
N ASP A 20 12.40 -4.20 8.09
CA ASP A 20 13.00 -4.99 9.15
C ASP A 20 13.26 -4.19 10.41
N GLN A 21 13.07 -2.87 10.35
CA GLN A 21 13.30 -2.02 11.52
C GLN A 21 12.14 -2.08 12.51
N TYR A 22 10.93 -2.29 12.00
CA TYR A 22 9.74 -2.39 12.86
C TYR A 22 8.87 -3.58 12.44
N GLU A 23 9.51 -4.61 11.92
CA GLU A 23 8.79 -5.81 11.46
C GLU A 23 7.75 -6.28 12.48
N GLU A 24 8.19 -6.73 13.64
CA GLU A 24 7.30 -7.23 14.68
C GLU A 24 6.64 -6.08 15.46
N GLU A 25 7.43 -5.05 15.75
CA GLU A 25 6.93 -3.91 16.50
C GLU A 25 5.69 -3.29 15.88
N VAL A 26 5.53 -3.42 14.57
CA VAL A 26 4.40 -2.84 13.87
C VAL A 26 3.06 -3.40 14.33
N ARG A 27 2.87 -4.72 14.24
CA ARG A 27 1.59 -5.32 14.64
C ARG A 27 1.18 -4.88 16.04
N GLU A 28 2.15 -4.84 16.95
CA GLU A 28 1.88 -4.45 18.32
C GLU A 28 1.30 -3.04 18.41
N ARG A 29 1.70 -2.19 17.47
CA ARG A 29 1.24 -0.81 17.44
C ARG A 29 -0.20 -0.67 16.94
N TRP A 30 -0.54 -1.41 15.88
CA TRP A 30 -1.88 -1.34 15.31
C TRP A 30 -2.89 -2.17 16.09
N GLY A 31 -2.53 -3.38 16.45
CA GLY A 31 -3.46 -4.24 17.17
C GLY A 31 -4.82 -4.25 16.51
N ASN A 32 -4.84 -3.89 15.23
CA ASN A 32 -6.05 -3.82 14.43
C ASN A 32 -5.91 -4.69 13.19
N THR A 33 -4.66 -5.00 12.87
CA THR A 33 -4.33 -5.76 11.67
C THR A 33 -4.45 -7.27 11.86
N ASP A 34 -5.36 -7.86 11.09
CA ASP A 34 -5.59 -9.30 11.09
C ASP A 34 -5.01 -9.88 9.81
N ALA A 35 -5.11 -9.10 8.72
CA ALA A 35 -4.55 -9.54 7.46
C ALA A 35 -3.10 -9.88 7.70
N TYR A 36 -2.45 -9.04 8.52
CA TYR A 36 -1.04 -9.25 8.85
C TYR A 36 -0.81 -10.69 9.27
N ARG A 37 -1.84 -11.31 9.83
CA ARG A 37 -1.74 -12.69 10.27
C ARG A 37 -1.63 -13.63 9.07
N GLN A 38 -2.58 -13.50 8.14
CA GLN A 38 -2.55 -14.34 6.92
C GLN A 38 -1.43 -13.88 6.01
N SER A 39 -1.12 -12.60 6.09
CA SER A 39 -0.10 -12.00 5.24
C SER A 39 1.29 -12.48 5.59
N LYS A 40 1.69 -12.36 6.85
CA LYS A 40 3.02 -12.80 7.25
C LYS A 40 3.17 -14.28 6.91
N GLU A 41 2.06 -14.99 7.02
CA GLU A 41 2.02 -16.41 6.72
C GLU A 41 2.50 -16.66 5.29
N LYS A 42 2.10 -15.78 4.38
CA LYS A 42 2.46 -15.89 2.96
C LYS A 42 3.84 -15.30 2.66
N THR A 43 4.24 -14.28 3.40
CA THR A 43 5.53 -13.64 3.17
C THR A 43 6.63 -14.51 3.71
N ALA A 44 6.23 -15.67 4.17
CA ALA A 44 7.16 -16.63 4.75
C ALA A 44 8.38 -16.89 3.87
N SER A 45 8.17 -17.15 2.57
CA SER A 45 9.28 -17.47 1.67
C SER A 45 9.52 -16.43 0.57
N TYR A 46 8.88 -15.26 0.64
CA TYR A 46 9.10 -14.24 -0.38
C TYR A 46 10.57 -13.93 -0.52
N THR A 47 11.04 -13.90 -1.75
CA THR A 47 12.44 -13.63 -2.06
C THR A 47 12.61 -12.22 -2.62
N LYS A 48 13.85 -11.86 -2.91
CA LYS A 48 14.14 -10.54 -3.46
C LYS A 48 13.43 -10.31 -4.78
N GLU A 49 13.27 -11.37 -5.56
CA GLU A 49 12.61 -11.26 -6.85
C GLU A 49 11.15 -10.90 -6.71
N ASP A 50 10.45 -11.69 -5.93
CA ASP A 50 9.04 -11.45 -5.69
C ASP A 50 8.88 -10.08 -5.08
N TRP A 51 9.93 -9.66 -4.39
CA TRP A 51 9.93 -8.35 -3.75
C TRP A 51 10.10 -7.23 -4.78
N GLN A 52 11.03 -7.39 -5.72
CA GLN A 52 11.26 -6.38 -6.75
C GLN A 52 10.05 -6.26 -7.66
N ARG A 53 9.41 -7.40 -7.93
CA ARG A 53 8.25 -7.44 -8.79
C ARG A 53 7.14 -6.52 -8.27
N ILE A 54 6.83 -6.66 -7.00
CA ILE A 54 5.78 -5.86 -6.37
C ILE A 54 6.07 -4.37 -6.42
N GLN A 55 7.34 -3.99 -6.33
CA GLN A 55 7.70 -2.58 -6.38
C GLN A 55 7.39 -2.00 -7.75
N ASP A 56 7.81 -2.68 -8.82
CA ASP A 56 7.53 -2.19 -10.17
C ASP A 56 6.03 -1.96 -10.35
N GLU A 57 5.24 -2.72 -9.61
CA GLU A 57 3.79 -2.59 -9.67
C GLU A 57 3.34 -1.26 -9.05
N ALA A 58 3.99 -0.90 -7.95
CA ALA A 58 3.66 0.34 -7.26
C ALA A 58 4.19 1.55 -8.03
N ASP A 59 5.24 1.32 -8.83
CA ASP A 59 5.85 2.38 -9.61
C ASP A 59 4.89 2.86 -10.70
N GLU A 60 4.43 1.94 -11.52
CA GLU A 60 3.49 2.26 -12.59
C GLU A 60 2.26 2.96 -12.01
N LEU A 61 1.88 2.54 -10.80
CA LEU A 61 0.74 3.09 -10.12
C LEU A 61 0.90 4.59 -9.84
N THR A 62 2.13 5.04 -9.59
CA THR A 62 2.36 6.46 -9.32
C THR A 62 2.19 7.30 -10.57
N ARG A 63 2.90 6.98 -11.62
CA ARG A 63 2.80 7.76 -12.82
C ARG A 63 1.35 7.94 -13.23
N ARG A 64 0.57 6.87 -13.14
CA ARG A 64 -0.81 6.95 -13.55
C ARG A 64 -1.64 7.79 -12.56
N PHE A 65 -1.59 7.44 -11.27
CA PHE A 65 -2.31 8.21 -10.25
C PHE A 65 -1.90 9.66 -10.28
N VAL A 66 -0.61 9.87 -10.34
CA VAL A 66 -0.08 11.22 -10.35
C VAL A 66 -0.47 11.97 -11.63
N ALA A 67 -0.31 11.31 -12.77
CA ALA A 67 -0.64 11.91 -14.07
C ALA A 67 -2.11 12.35 -14.13
N LEU A 68 -2.98 11.45 -13.68
CA LEU A 68 -4.42 11.74 -13.65
C LEU A 68 -4.68 12.95 -12.76
N MET A 69 -4.01 13.03 -11.61
CA MET A 69 -4.20 14.16 -10.70
C MET A 69 -3.92 15.48 -11.44
N ASP A 70 -2.86 15.49 -12.24
CA ASP A 70 -2.49 16.68 -13.00
C ASP A 70 -3.61 17.13 -13.94
N ALA A 71 -4.33 16.17 -14.49
CA ALA A 71 -5.43 16.48 -15.41
C ALA A 71 -6.48 17.34 -14.72
N GLY A 72 -6.48 17.33 -13.40
CA GLY A 72 -7.44 18.11 -12.65
C GLY A 72 -8.80 17.44 -12.55
N GLU A 73 -8.79 16.10 -12.57
CA GLU A 73 -10.04 15.35 -12.47
C GLU A 73 -10.26 14.90 -11.02
N PRO A 74 -11.51 14.91 -10.53
CA PRO A 74 -11.80 14.52 -9.14
C PRO A 74 -11.40 13.07 -8.87
N ALA A 75 -11.11 12.82 -7.60
CA ALA A 75 -10.66 11.51 -7.13
C ALA A 75 -11.75 10.44 -7.26
N ASP A 76 -13.02 10.85 -7.28
CA ASP A 76 -14.11 9.90 -7.41
C ASP A 76 -14.45 9.68 -8.88
N SER A 77 -13.52 10.09 -9.73
CA SER A 77 -13.69 9.95 -11.16
C SER A 77 -13.43 8.51 -11.58
N GLU A 78 -13.97 8.12 -12.72
CA GLU A 78 -13.81 6.75 -13.21
C GLU A 78 -12.33 6.35 -13.18
N GLY A 79 -11.51 7.14 -13.85
CA GLY A 79 -10.09 6.85 -13.90
C GLY A 79 -9.45 6.79 -12.52
N ALA A 80 -9.84 7.72 -11.66
CA ALA A 80 -9.27 7.79 -10.31
C ALA A 80 -9.76 6.65 -9.43
N MET A 81 -11.09 6.46 -9.36
CA MET A 81 -11.64 5.38 -8.53
C MET A 81 -11.14 4.03 -9.05
N ASP A 82 -11.16 3.86 -10.37
CA ASP A 82 -10.67 2.63 -10.97
C ASP A 82 -9.22 2.41 -10.54
N ALA A 83 -8.48 3.51 -10.46
CA ALA A 83 -7.10 3.49 -10.01
C ALA A 83 -7.04 2.79 -8.67
N ALA A 84 -7.93 3.16 -7.77
CA ALA A 84 -7.96 2.53 -6.46
C ALA A 84 -8.12 1.04 -6.64
N GLU A 85 -8.95 0.63 -7.60
CA GLU A 85 -9.13 -0.79 -7.87
C GLU A 85 -7.77 -1.40 -8.18
N ASP A 86 -6.90 -0.59 -8.77
CA ASP A 86 -5.55 -1.03 -9.09
C ASP A 86 -4.74 -1.14 -7.82
N HIS A 87 -4.83 -0.12 -6.97
CA HIS A 87 -4.14 -0.10 -5.71
C HIS A 87 -4.57 -1.30 -4.87
N ARG A 88 -5.83 -1.68 -5.08
CA ARG A 88 -6.46 -2.78 -4.36
C ARG A 88 -5.88 -4.14 -4.73
N GLN A 89 -6.09 -4.56 -5.97
CA GLN A 89 -5.61 -5.87 -6.41
C GLN A 89 -4.12 -6.03 -6.16
N GLY A 90 -3.38 -4.92 -6.21
CA GLY A 90 -1.94 -4.98 -6.00
C GLY A 90 -1.56 -5.36 -4.58
N ILE A 91 -2.21 -4.73 -3.59
CA ILE A 91 -1.91 -5.02 -2.19
C ILE A 91 -2.54 -6.35 -1.76
N ALA A 92 -3.53 -6.80 -2.52
CA ALA A 92 -4.23 -8.05 -2.24
C ALA A 92 -3.38 -9.30 -2.49
N ARG A 93 -2.96 -9.47 -3.74
CA ARG A 93 -2.18 -10.63 -4.16
C ARG A 93 -0.71 -10.54 -3.76
N ASN A 94 -0.27 -9.38 -3.32
CA ASN A 94 1.13 -9.20 -2.96
C ASN A 94 1.37 -9.37 -1.47
N HIS A 95 0.30 -9.55 -0.70
CA HIS A 95 0.44 -9.71 0.74
C HIS A 95 -0.62 -10.63 1.34
N TYR A 96 -1.89 -10.48 0.93
CA TYR A 96 -2.97 -11.29 1.45
C TYR A 96 -4.22 -10.91 0.68
N ASP A 97 -4.93 -11.88 0.15
CA ASP A 97 -6.15 -11.57 -0.59
C ASP A 97 -6.95 -10.49 0.13
N CYS A 98 -6.61 -9.24 -0.16
CA CYS A 98 -7.27 -8.08 0.46
C CYS A 98 -8.64 -7.80 -0.14
N GLY A 99 -9.55 -7.37 0.72
CA GLY A 99 -10.90 -7.04 0.29
C GLY A 99 -11.14 -5.55 0.25
N TYR A 100 -12.30 -5.14 -0.22
CA TYR A 100 -12.63 -3.72 -0.30
C TYR A 100 -12.73 -3.09 1.08
N GLU A 101 -13.35 -3.80 2.02
CA GLU A 101 -13.49 -3.29 3.38
C GLU A 101 -12.13 -3.11 4.06
N MET A 102 -11.22 -4.03 3.78
CA MET A 102 -9.88 -3.95 4.34
C MET A 102 -9.12 -2.81 3.66
N HIS A 103 -9.34 -2.71 2.36
CA HIS A 103 -8.69 -1.68 1.54
C HIS A 103 -8.95 -0.29 2.12
N THR A 104 -10.13 -0.10 2.69
CA THR A 104 -10.53 1.19 3.25
C THR A 104 -9.77 1.50 4.54
N CYS A 105 -9.76 0.53 5.46
CA CYS A 105 -9.08 0.72 6.74
C CYS A 105 -7.64 1.13 6.53
N LEU A 106 -6.95 0.42 5.65
CA LEU A 106 -5.57 0.74 5.34
C LEU A 106 -5.44 2.12 4.71
N GLY A 107 -6.27 2.39 3.73
CA GLY A 107 -6.25 3.66 3.03
C GLY A 107 -6.19 4.87 3.95
N GLU A 108 -6.97 4.85 5.03
CA GLU A 108 -7.02 5.97 5.98
C GLU A 108 -5.98 5.86 7.10
N MET A 109 -5.49 4.67 7.40
CA MET A 109 -4.48 4.56 8.46
C MET A 109 -3.17 5.17 7.96
N TYR A 110 -3.15 5.47 6.65
CA TYR A 110 -1.99 6.08 6.00
C TYR A 110 -1.81 7.54 6.40
N VAL A 111 -2.92 8.26 6.46
CA VAL A 111 -2.89 9.68 6.84
C VAL A 111 -2.71 9.84 8.34
N SER A 112 -3.12 8.82 9.09
CA SER A 112 -3.01 8.84 10.55
C SER A 112 -1.55 8.90 10.99
N ASP A 113 -0.63 8.93 10.03
CA ASP A 113 0.79 8.99 10.36
C ASP A 113 1.58 9.78 9.31
N GLU A 114 2.27 10.81 9.77
CA GLU A 114 3.09 11.67 8.92
C GLU A 114 4.33 10.94 8.41
N ARG A 115 4.90 10.05 9.21
CA ARG A 115 6.09 9.33 8.76
C ARG A 115 5.75 8.62 7.44
N PHE A 116 4.62 7.93 7.45
CA PHE A 116 4.12 7.23 6.27
C PHE A 116 3.90 8.19 5.10
N THR A 117 3.16 9.27 5.35
CA THR A 117 2.85 10.26 4.34
C THR A 117 4.09 10.77 3.60
N ARG A 118 5.06 11.28 4.35
CA ARG A 118 6.28 11.81 3.75
C ARG A 118 6.99 10.76 2.91
N ASN A 119 6.94 9.52 3.36
CA ASN A 119 7.55 8.42 2.63
C ASN A 119 6.71 8.07 1.43
N ILE A 120 5.39 8.15 1.60
CA ILE A 120 4.45 7.85 0.53
C ILE A 120 4.36 9.00 -0.47
N ASP A 121 4.24 10.23 0.05
CA ASP A 121 4.13 11.40 -0.82
C ASP A 121 5.44 11.70 -1.52
N ALA A 122 6.51 11.02 -1.14
CA ALA A 122 7.79 11.23 -1.80
C ALA A 122 7.56 11.38 -3.30
N ALA A 123 6.47 10.77 -3.79
CA ALA A 123 6.12 10.83 -5.21
C ALA A 123 5.29 12.08 -5.52
N LYS A 124 4.43 12.49 -4.59
CA LYS A 124 3.63 13.69 -4.79
C LYS A 124 2.80 13.98 -3.53
N PRO A 125 2.57 15.27 -3.21
CA PRO A 125 1.79 15.66 -2.02
C PRO A 125 0.29 15.50 -2.23
N GLY A 126 -0.40 15.05 -1.18
CA GLY A 126 -1.84 14.87 -1.23
C GLY A 126 -2.27 13.53 -1.78
N LEU A 127 -1.33 12.74 -2.29
CA LEU A 127 -1.67 11.44 -2.86
C LEU A 127 -2.46 10.59 -1.87
N ALA A 128 -2.02 10.61 -0.61
CA ALA A 128 -2.65 9.83 0.45
C ALA A 128 -4.13 10.14 0.59
N ALA A 129 -4.47 11.42 0.65
CA ALA A 129 -5.87 11.82 0.78
C ALA A 129 -6.66 11.47 -0.48
N TYR A 130 -6.02 11.67 -1.63
CA TYR A 130 -6.63 11.40 -2.94
C TYR A 130 -6.94 9.92 -3.12
N MET A 131 -6.09 9.06 -2.58
CA MET A 131 -6.26 7.62 -2.71
C MET A 131 -7.42 7.08 -1.88
N ARG A 132 -7.45 7.42 -0.59
CA ARG A 132 -8.50 6.89 0.27
C ARG A 132 -9.87 7.14 -0.31
N ASP A 133 -10.11 8.37 -0.72
CA ASP A 133 -11.39 8.76 -1.28
C ASP A 133 -11.69 7.91 -2.50
N ALA A 134 -10.67 7.69 -3.32
CA ALA A 134 -10.82 6.86 -4.51
C ALA A 134 -11.20 5.45 -4.09
N ILE A 135 -10.52 4.98 -3.05
CA ILE A 135 -10.76 3.65 -2.48
C ILE A 135 -12.07 3.60 -1.70
N LEU A 136 -12.30 4.63 -0.90
CA LEU A 136 -13.50 4.70 -0.09
C LEU A 136 -14.72 4.71 -1.00
N ALA A 137 -14.67 5.57 -2.02
CA ALA A 137 -15.72 5.70 -3.01
C ALA A 137 -15.87 4.41 -3.80
N ASN A 138 -14.73 3.84 -4.21
CA ASN A 138 -14.72 2.61 -4.97
C ASN A 138 -15.51 1.52 -4.26
N ALA A 139 -15.38 1.47 -2.94
CA ALA A 139 -16.09 0.47 -2.14
C ALA A 139 -17.60 0.68 -2.22
N VAL A 140 -18.03 1.94 -2.18
CA VAL A 140 -19.46 2.23 -2.27
C VAL A 140 -20.06 1.58 -3.51
N ARG A 141 -19.33 1.68 -4.61
CA ARG A 141 -19.77 1.11 -5.88
C ARG A 141 -20.14 -0.36 -5.71
N HIS A 142 -19.62 -0.97 -4.64
CA HIS A 142 -19.84 -2.39 -4.38
C HIS A 142 -20.75 -2.63 -3.18
N THR A 143 -20.59 -1.85 -2.12
CA THR A 143 -21.40 -2.03 -0.92
C THR A 143 -22.88 -2.13 -1.27
N PRO A 144 -23.63 -3.03 -0.59
CA PRO A 144 -25.06 -3.21 -0.84
C PRO A 144 -25.90 -2.08 -0.26
CA SER B 1 -1.66 -5.75 6.76
C SER B 1 -0.34 -6.14 6.31
N BB9 B 2 0.84 -5.47 6.43
CA BB9 B 2 1.93 -6.24 5.99
C BB9 B 2 3.27 -5.71 5.97
O BB9 B 2 4.22 -6.38 5.61
CB BB9 B 2 1.57 -7.47 5.56
SG BB9 B 2 -0.09 -7.67 5.68
HB BB9 B 2 2.26 -8.22 5.18
N VAL B 3 3.35 -4.44 6.36
CA VAL B 3 4.60 -3.67 6.40
C VAL B 3 4.31 -2.30 7.00
N GLY B 4 5.28 -1.71 7.70
CA GLY B 4 5.04 -0.41 8.31
C GLY B 4 5.69 0.68 7.62
N MOZ B 5 5.30 1.03 6.37
OG MOZ B 5 6.72 1.50 8.01
CA MOZ B 5 6.14 2.10 5.98
CB MOZ B 5 6.99 2.39 6.95
C MOZ B 5 5.91 2.62 4.56
O MOZ B 5 6.62 3.52 4.13
C6 MOZ B 5 8.05 3.44 7.08
H62 MOZ B 5 8.53 3.58 6.12
H63 MOZ B 5 8.79 3.12 7.80
H61 MOZ B 5 7.61 4.36 7.40
N ALA B 6 4.90 2.08 3.87
CA ALA B 6 4.55 2.48 2.52
C ALA B 6 3.31 1.80 1.93
N BB9 B 7 2.80 0.55 2.20
CA BB9 B 7 1.61 0.29 1.45
C BB9 B 7 0.81 -0.90 1.54
O BB9 B 7 -0.22 -1.04 0.87
CB BB9 B 7 1.27 1.32 0.66
SG BB9 B 7 2.37 2.60 0.79
HB BB9 B 7 0.41 1.30 0.01
N ALA B 8 1.23 -1.87 2.36
CA ALA B 8 0.50 -3.11 2.53
C ALA B 8 -0.30 -3.10 3.82
N MOZ B 9 -0.81 -4.15 4.47
OG MOZ B 9 -0.58 -1.92 4.48
CA MOZ B 9 -1.44 -3.61 5.59
CB MOZ B 9 -1.33 -2.29 5.63
C MOZ B 9 -2.16 -4.50 6.54
C6 MOZ B 9 -1.84 -1.30 6.62
H62 MOZ B 9 -2.66 -0.75 6.18
H63 MOZ B 9 -1.06 -0.62 6.92
H61 MOZ B 9 -2.21 -1.84 7.48
C NAK B 10 -5.37 -4.54 8.26
O NAK B 10 -6.08 -5.39 8.78
CA NAK B 10 -4.04 -5.01 7.79
CAE NAK B 10 -3.60 -6.28 8.02
N NAK B 10 -3.34 -4.11 7.06
HAE2 NAK B 10 -4.17 -6.96 8.63
N ALA B 11 -5.21 -3.41 8.89
CA ALA B 11 -6.32 -2.65 9.48
C ALA B 11 -7.57 -3.52 9.66
N NH2 B 12 -7.39 -4.66 10.31
HN1 NH2 B 12 -6.49 -4.88 10.63
HN2 NH2 B 12 -8.18 -5.24 10.46
N GLY A 2 9.52 -12.17 7.04
CA GLY A 2 9.02 -12.14 5.63
C GLY A 2 10.13 -11.89 4.64
N ILE A 3 10.38 -10.60 4.36
CA ILE A 3 11.42 -10.23 3.41
C ILE A 3 12.65 -11.11 3.51
N ASN A 4 13.27 -11.19 4.68
CA ASN A 4 14.47 -11.99 4.83
C ASN A 4 15.42 -11.66 3.67
N LEU A 5 15.82 -10.39 3.63
CA LEU A 5 16.68 -9.88 2.57
C LEU A 5 17.93 -9.20 3.15
N THR A 6 18.91 -8.96 2.29
CA THR A 6 20.14 -8.30 2.67
C THR A 6 20.01 -6.79 2.46
N PRO A 7 20.64 -5.97 3.31
CA PRO A 7 20.57 -4.52 3.16
C PRO A 7 20.69 -4.10 1.69
N GLU A 8 21.53 -4.82 0.96
CA GLU A 8 21.74 -4.56 -0.46
C GLU A 8 20.53 -5.00 -1.27
N GLU A 9 19.92 -6.10 -0.86
CA GLU A 9 18.74 -6.61 -1.54
C GLU A 9 17.60 -5.62 -1.38
N LYS A 10 17.44 -5.15 -0.15
CA LYS A 10 16.40 -4.20 0.19
C LYS A 10 16.63 -2.87 -0.52
N PHE A 11 17.89 -2.54 -0.79
CA PHE A 11 18.22 -1.29 -1.45
C PHE A 11 17.91 -1.35 -2.94
N GLU A 12 18.33 -2.41 -3.60
CA GLU A 12 18.07 -2.56 -5.02
C GLU A 12 16.59 -2.83 -5.25
N VAL A 13 15.93 -3.30 -4.20
CA VAL A 13 14.51 -3.63 -4.24
C VAL A 13 13.62 -2.51 -3.69
N PHE A 14 13.82 -2.12 -2.44
CA PHE A 14 13.00 -1.05 -1.85
C PHE A 14 13.59 0.33 -2.11
N GLY A 15 14.70 0.36 -2.84
CA GLY A 15 15.35 1.63 -3.15
C GLY A 15 16.09 2.22 -1.98
N ASP A 16 15.44 2.22 -0.81
CA ASP A 16 16.04 2.75 0.41
C ASP A 16 15.01 2.73 1.55
N PHE A 17 14.47 1.55 1.83
CA PHE A 17 13.47 1.39 2.87
C PHE A 17 13.42 -0.06 3.35
N ASP A 18 14.17 -0.35 4.41
CA ASP A 18 14.26 -1.69 4.97
C ASP A 18 13.18 -1.95 6.02
N PRO A 19 12.20 -2.84 5.72
CA PRO A 19 11.12 -3.16 6.67
C PRO A 19 11.62 -3.88 7.92
N ASP A 20 12.51 -4.86 7.73
CA ASP A 20 13.04 -5.65 8.84
C ASP A 20 13.48 -4.78 10.02
N GLN A 21 13.48 -3.47 9.84
CA GLN A 21 13.87 -2.57 10.91
C GLN A 21 12.97 -2.77 12.12
N TYR A 22 11.66 -2.70 11.90
CA TYR A 22 10.68 -2.90 12.96
C TYR A 22 9.42 -3.56 12.38
N GLU A 23 9.65 -4.43 11.41
CA GLU A 23 8.57 -5.12 10.71
C GLU A 23 7.51 -5.69 11.65
N GLU A 24 7.90 -6.68 12.45
CA GLU A 24 7.00 -7.35 13.39
C GLU A 24 6.36 -6.39 14.40
N GLU A 25 7.15 -5.46 14.91
CA GLU A 25 6.64 -4.51 15.90
C GLU A 25 5.37 -3.81 15.41
N VAL A 26 5.24 -3.66 14.10
CA VAL A 26 4.07 -3.00 13.54
C VAL A 26 2.78 -3.71 13.96
N ARG A 27 2.70 -5.01 13.67
CA ARG A 27 1.52 -5.81 14.01
C ARG A 27 1.12 -5.61 15.46
N GLU A 28 2.09 -5.73 16.37
CA GLU A 28 1.82 -5.56 17.79
C GLU A 28 1.26 -4.17 18.07
N ARG A 29 1.67 -3.20 17.27
CA ARG A 29 1.20 -1.82 17.43
C ARG A 29 -0.27 -1.70 17.06
N TRP A 30 -0.59 -2.00 15.80
CA TRP A 30 -1.97 -1.90 15.33
C TRP A 30 -2.92 -2.77 16.13
N GLY A 31 -2.53 -4.01 16.42
CA GLY A 31 -3.41 -4.90 17.15
C GLY A 31 -4.80 -4.90 16.53
N ASN A 32 -4.84 -4.56 15.24
CA ASN A 32 -6.08 -4.49 14.48
C ASN A 32 -5.95 -5.32 13.22
N THR A 33 -4.71 -5.62 12.87
CA THR A 33 -4.40 -6.35 11.65
C THR A 33 -4.50 -7.86 11.78
N ASP A 34 -5.43 -8.41 11.00
CA ASP A 34 -5.66 -9.85 10.92
C ASP A 34 -5.10 -10.35 9.60
N ALA A 35 -5.21 -9.49 8.58
CA ALA A 35 -4.68 -9.83 7.28
C ALA A 35 -3.22 -10.21 7.46
N TYR A 36 -2.54 -9.45 8.33
CA TYR A 36 -1.13 -9.70 8.61
C TYR A 36 -0.92 -11.17 8.87
N ARG A 37 -1.96 -11.82 9.39
CA ARG A 37 -1.90 -13.24 9.66
C ARG A 37 -1.86 -13.98 8.33
N GLN A 38 -2.69 -13.53 7.41
CA GLN A 38 -2.75 -14.11 6.07
C GLN A 38 -1.47 -13.82 5.30
N SER A 39 -0.85 -12.69 5.63
CA SER A 39 0.38 -12.27 4.97
C SER A 39 1.58 -13.05 5.47
N LYS A 40 1.74 -13.11 6.78
CA LYS A 40 2.84 -13.82 7.40
C LYS A 40 2.90 -15.25 6.85
N GLU A 41 1.74 -15.87 6.79
CA GLU A 41 1.63 -17.24 6.29
C GLU A 41 2.10 -17.35 4.84
N LYS A 42 1.70 -16.39 4.01
CA LYS A 42 2.07 -16.40 2.59
C LYS A 42 3.45 -15.78 2.31
N THR A 43 3.86 -14.84 3.14
CA THR A 43 5.14 -14.17 2.96
C THR A 43 6.28 -15.02 3.49
N ALA A 44 5.93 -16.21 3.93
CA ALA A 44 6.89 -17.12 4.51
C ALA A 44 8.12 -17.35 3.62
N SER A 45 7.91 -17.53 2.31
CA SER A 45 9.02 -17.82 1.39
C SER A 45 9.28 -16.72 0.34
N TYR A 46 8.71 -15.53 0.52
CA TYR A 46 8.94 -14.46 -0.45
C TYR A 46 10.41 -14.12 -0.58
N THR A 47 10.86 -14.00 -1.83
CA THR A 47 12.25 -13.70 -2.16
C THR A 47 12.37 -12.29 -2.73
N LYS A 48 13.62 -11.87 -3.01
CA LYS A 48 13.88 -10.55 -3.55
C LYS A 48 13.12 -10.30 -4.85
N GLU A 49 12.93 -11.34 -5.65
CA GLU A 49 12.21 -11.20 -6.91
C GLU A 49 10.77 -10.78 -6.67
N ASP A 50 10.11 -11.50 -5.79
CA ASP A 50 8.74 -11.21 -5.45
C ASP A 50 8.66 -9.78 -4.92
N TRP A 51 9.71 -9.39 -4.25
CA TRP A 51 9.79 -8.05 -3.66
C TRP A 51 10.09 -6.98 -4.71
N GLN A 52 11.12 -7.19 -5.52
CA GLN A 52 11.47 -6.22 -6.56
C GLN A 52 10.26 -5.97 -7.44
N ARG A 53 9.39 -6.96 -7.51
CA ARG A 53 8.17 -6.87 -8.31
C ARG A 53 7.20 -5.88 -7.67
N ILE A 54 7.11 -5.91 -6.35
CA ILE A 54 6.21 -5.01 -5.62
C ILE A 54 6.50 -3.56 -5.95
N GLN A 55 7.78 -3.20 -6.02
CA GLN A 55 8.17 -1.82 -6.30
C GLN A 55 7.84 -1.42 -7.73
N ASP A 56 8.19 -2.25 -8.71
CA ASP A 56 7.90 -1.92 -10.10
C ASP A 56 6.40 -1.71 -10.27
N GLU A 57 5.62 -2.38 -9.42
CA GLU A 57 4.17 -2.27 -9.45
C GLU A 57 3.72 -0.92 -8.89
N ALA A 58 4.34 -0.51 -7.79
CA ALA A 58 4.00 0.76 -7.14
C ALA A 58 4.51 1.97 -7.92
N ASP A 59 5.54 1.78 -8.74
CA ASP A 59 6.10 2.89 -9.50
C ASP A 59 5.20 3.27 -10.68
N GLU A 60 4.65 2.27 -11.37
CA GLU A 60 3.79 2.55 -12.49
C GLU A 60 2.49 3.19 -12.01
N LEU A 61 2.03 2.78 -10.82
CA LEU A 61 0.81 3.34 -10.24
C LEU A 61 0.95 4.84 -10.01
N THR A 62 2.10 5.26 -9.51
CA THR A 62 2.31 6.66 -9.27
C THR A 62 2.08 7.44 -10.53
N ARG A 63 2.62 6.95 -11.62
CA ARG A 63 2.45 7.64 -12.88
C ARG A 63 0.98 7.93 -13.14
N ARG A 64 0.15 6.90 -13.07
CA ARG A 64 -1.27 7.06 -13.36
C ARG A 64 -1.97 7.89 -12.29
N PHE A 65 -1.86 7.49 -11.02
CA PHE A 65 -2.48 8.26 -9.94
C PHE A 65 -2.03 9.71 -9.99
N VAL A 66 -0.73 9.88 -10.10
CA VAL A 66 -0.16 11.21 -10.14
C VAL A 66 -0.54 11.95 -11.42
N ALA A 67 -0.39 11.27 -12.56
CA ALA A 67 -0.72 11.86 -13.85
C ALA A 67 -2.20 12.27 -13.91
N LEU A 68 -3.06 11.34 -13.56
CA LEU A 68 -4.50 11.57 -13.52
C LEU A 68 -4.84 12.67 -12.51
N MET A 69 -4.27 12.60 -11.32
CA MET A 69 -4.55 13.62 -10.31
C MET A 69 -4.24 15.01 -10.87
N ASP A 70 -3.15 15.10 -11.62
CA ASP A 70 -2.72 16.35 -12.23
C ASP A 70 -3.74 16.86 -13.24
N ALA A 71 -4.39 15.94 -13.92
CA ALA A 71 -5.38 16.31 -14.92
C ALA A 71 -6.48 17.13 -14.25
N GLY A 72 -6.50 17.11 -12.93
CA GLY A 72 -7.49 17.87 -12.19
C GLY A 72 -8.83 17.18 -12.14
N GLU A 73 -8.83 15.85 -12.28
CA GLU A 73 -10.06 15.08 -12.23
C GLU A 73 -10.32 14.59 -10.80
N PRO A 74 -11.58 14.57 -10.34
CA PRO A 74 -11.89 14.12 -8.98
C PRO A 74 -11.51 12.66 -8.77
N ALA A 75 -11.19 12.33 -7.53
CA ALA A 75 -10.78 10.99 -7.16
C ALA A 75 -11.89 9.97 -7.34
N ASP A 76 -13.13 10.42 -7.50
CA ASP A 76 -14.25 9.49 -7.66
C ASP A 76 -14.57 9.32 -9.14
N SER A 77 -13.63 9.72 -9.99
CA SER A 77 -13.80 9.62 -11.43
C SER A 77 -13.50 8.19 -11.88
N GLU A 78 -14.00 7.84 -13.06
CA GLU A 78 -13.80 6.50 -13.59
C GLU A 78 -12.32 6.10 -13.54
N GLY A 79 -11.47 6.93 -14.14
CA GLY A 79 -10.05 6.65 -14.16
C GLY A 79 -9.42 6.61 -12.78
N ALA A 80 -9.80 7.55 -11.93
CA ALA A 80 -9.23 7.61 -10.58
C ALA A 80 -9.73 6.47 -9.70
N MET A 81 -11.04 6.28 -9.63
CA MET A 81 -11.59 5.20 -8.81
C MET A 81 -11.05 3.86 -9.29
N ASP A 82 -11.03 3.67 -10.60
CA ASP A 82 -10.51 2.45 -11.19
C ASP A 82 -9.07 2.24 -10.74
N ALA A 83 -8.30 3.32 -10.74
CA ALA A 83 -6.93 3.28 -10.29
C ALA A 83 -6.88 2.68 -8.90
N ALA A 84 -7.76 3.16 -8.03
CA ALA A 84 -7.81 2.65 -6.67
C ALA A 84 -8.08 1.14 -6.70
N GLU A 85 -8.98 0.72 -7.58
CA GLU A 85 -9.27 -0.71 -7.70
C GLU A 85 -7.99 -1.45 -8.07
N ASP A 86 -7.10 -0.75 -8.78
CA ASP A 86 -5.83 -1.34 -9.19
C ASP A 86 -4.92 -1.52 -7.98
N HIS A 87 -4.93 -0.53 -7.08
CA HIS A 87 -4.12 -0.58 -5.88
C HIS A 87 -4.57 -1.73 -5.00
N ARG A 88 -5.89 -1.95 -5.04
CA ARG A 88 -6.52 -3.01 -4.27
C ARG A 88 -6.01 -4.38 -4.71
N GLN A 89 -6.25 -4.71 -5.97
CA GLN A 89 -5.83 -6.00 -6.51
C GLN A 89 -4.33 -6.21 -6.29
N GLY A 90 -3.57 -5.12 -6.29
CA GLY A 90 -2.13 -5.22 -6.10
C GLY A 90 -1.75 -5.60 -4.69
N ILE A 91 -2.37 -4.97 -3.69
CA ILE A 91 -2.08 -5.28 -2.29
C ILE A 91 -2.81 -6.53 -1.84
N ALA A 92 -3.84 -6.92 -2.58
CA ALA A 92 -4.61 -8.13 -2.25
C ALA A 92 -3.78 -9.40 -2.44
N ARG A 93 -3.35 -9.62 -3.67
CA ARG A 93 -2.57 -10.80 -4.05
C ARG A 93 -1.15 -10.78 -3.50
N ASN A 94 -0.47 -9.66 -3.67
CA ASN A 94 0.92 -9.56 -3.25
C ASN A 94 1.08 -9.57 -1.72
N HIS A 95 -0.02 -9.61 -0.98
CA HIS A 95 0.06 -9.64 0.48
C HIS A 95 -0.99 -10.54 1.13
N TYR A 96 -2.26 -10.39 0.76
CA TYR A 96 -3.33 -11.19 1.32
C TYR A 96 -4.61 -10.76 0.65
N ASP A 97 -5.41 -11.71 0.22
CA ASP A 97 -6.66 -11.37 -0.44
C ASP A 97 -7.38 -10.26 0.32
N CYS A 98 -6.95 -9.03 0.08
CA CYS A 98 -7.50 -7.86 0.74
C CYS A 98 -8.92 -7.55 0.24
N GLY A 99 -9.83 -7.37 1.19
CA GLY A 99 -11.20 -7.06 0.85
C GLY A 99 -11.41 -5.57 0.65
N TYR A 100 -12.61 -5.19 0.22
CA TYR A 100 -12.91 -3.79 0.00
C TYR A 100 -12.89 -3.00 1.31
N GLU A 101 -13.34 -3.63 2.39
CA GLU A 101 -13.38 -2.99 3.70
C GLU A 101 -11.97 -2.85 4.28
N MET A 102 -11.10 -3.79 3.94
CA MET A 102 -9.72 -3.77 4.43
C MET A 102 -8.93 -2.67 3.74
N HIS A 103 -9.11 -2.57 2.43
CA HIS A 103 -8.43 -1.57 1.61
C HIS A 103 -8.68 -0.15 2.12
N THR A 104 -9.93 0.11 2.50
CA THR A 104 -10.33 1.43 3.00
C THR A 104 -9.59 1.77 4.28
N CYS A 105 -9.56 0.81 5.19
CA CYS A 105 -8.92 0.98 6.47
C CYS A 105 -7.51 1.52 6.26
N LEU A 106 -6.84 1.06 5.22
CA LEU A 106 -5.50 1.51 4.91
C LEU A 106 -5.54 2.99 4.49
N GLY A 107 -6.61 3.35 3.78
CA GLY A 107 -6.76 4.73 3.31
C GLY A 107 -6.59 5.77 4.40
N GLU A 108 -7.41 5.68 5.44
CA GLU A 108 -7.36 6.65 6.55
C GLU A 108 -6.25 6.32 7.55
N MET A 109 -5.82 5.06 7.59
CA MET A 109 -4.76 4.68 8.51
C MET A 109 -3.40 5.14 7.98
N TYR A 110 -3.37 5.55 6.71
CA TYR A 110 -2.15 6.02 6.07
C TYR A 110 -2.02 7.54 6.08
N VAL A 111 -3.12 8.23 5.81
CA VAL A 111 -3.12 9.69 5.80
C VAL A 111 -2.82 10.25 7.18
N SER A 112 -2.94 9.39 8.20
CA SER A 112 -2.70 9.81 9.57
C SER A 112 -1.22 9.80 9.92
N ASP A 113 -0.57 8.65 9.78
CA ASP A 113 0.84 8.54 10.11
C ASP A 113 1.72 9.21 9.05
N GLU A 114 2.59 10.11 9.51
CA GLU A 114 3.49 10.87 8.65
C GLU A 114 4.63 10.02 8.08
N ARG A 115 5.22 9.12 8.87
CA ARG A 115 6.33 8.33 8.35
C ARG A 115 5.89 7.59 7.09
N PHE A 116 4.63 7.18 7.05
CA PHE A 116 4.07 6.50 5.88
C PHE A 116 3.94 7.47 4.72
N THR A 117 3.31 8.60 4.99
CA THR A 117 3.10 9.64 3.99
C THR A 117 4.42 10.09 3.36
N ARG A 118 5.35 10.52 4.21
CA ARG A 118 6.65 10.99 3.75
C ARG A 118 7.28 10.01 2.76
N ASN A 119 7.16 8.73 3.06
CA ASN A 119 7.70 7.70 2.18
C ASN A 119 6.82 7.51 0.97
N ILE A 120 5.51 7.62 1.17
CA ILE A 120 4.56 7.47 0.08
C ILE A 120 4.49 8.70 -0.81
N ASP A 121 4.35 9.89 -0.21
CA ASP A 121 4.24 11.12 -0.98
C ASP A 121 5.56 11.49 -1.65
N ALA A 122 6.64 10.80 -1.30
CA ALA A 122 7.92 11.07 -1.94
C ALA A 122 7.69 11.35 -3.43
N ALA A 123 6.58 10.80 -3.97
CA ALA A 123 6.22 10.96 -5.37
C ALA A 123 5.40 12.23 -5.60
N LYS A 124 4.55 12.60 -4.63
CA LYS A 124 3.76 13.83 -4.74
C LYS A 124 2.95 14.04 -3.47
N PRO A 125 2.74 15.31 -3.06
CA PRO A 125 1.97 15.63 -1.85
C PRO A 125 0.46 15.50 -2.06
N GLY A 126 -0.23 14.95 -1.06
CA GLY A 126 -1.68 14.80 -1.14
C GLY A 126 -2.11 13.49 -1.78
N LEU A 127 -1.17 12.73 -2.31
CA LEU A 127 -1.50 11.48 -2.96
C LEU A 127 -2.30 10.56 -2.04
N ALA A 128 -1.88 10.49 -0.78
CA ALA A 128 -2.53 9.64 0.22
C ALA A 128 -4.00 9.98 0.38
N ALA A 129 -4.31 11.27 0.42
CA ALA A 129 -5.70 11.71 0.59
C ALA A 129 -6.55 11.36 -0.63
N TYR A 130 -5.97 11.53 -1.83
CA TYR A 130 -6.67 11.27 -3.09
C TYR A 130 -7.01 9.79 -3.27
N MET A 131 -6.13 8.93 -2.81
CA MET A 131 -6.31 7.49 -2.93
C MET A 131 -7.42 6.97 -2.02
N ARG A 132 -7.37 7.36 -0.74
CA ARG A 132 -8.38 6.90 0.22
C ARG A 132 -9.79 7.14 -0.27
N ASP A 133 -10.04 8.36 -0.71
CA ASP A 133 -11.34 8.76 -1.23
C ASP A 133 -11.66 7.96 -2.49
N ALA A 134 -10.64 7.73 -3.30
CA ALA A 134 -10.79 6.95 -4.51
C ALA A 134 -11.17 5.51 -4.16
N ILE A 135 -10.50 4.98 -3.14
CA ILE A 135 -10.74 3.63 -2.65
C ILE A 135 -12.05 3.56 -1.89
N LEU A 136 -12.29 4.54 -1.04
CA LEU A 136 -13.50 4.57 -0.25
C LEU A 136 -14.70 4.59 -1.17
N ALA A 137 -14.67 5.50 -2.14
CA ALA A 137 -15.72 5.63 -3.13
C ALA A 137 -15.87 4.35 -3.93
N ASN A 138 -14.73 3.79 -4.35
CA ASN A 138 -14.73 2.56 -5.11
C ASN A 138 -15.50 1.47 -4.37
N ALA A 139 -15.35 1.43 -3.06
CA ALA A 139 -16.02 0.43 -2.24
C ALA A 139 -17.54 0.65 -2.19
N VAL A 140 -17.94 1.92 -2.12
CA VAL A 140 -19.37 2.27 -2.04
C VAL A 140 -20.18 1.67 -3.17
N ARG A 141 -19.67 1.76 -4.40
CA ARG A 141 -20.38 1.21 -5.55
C ARG A 141 -20.56 -0.30 -5.43
N HIS A 142 -19.78 -0.92 -4.54
CA HIS A 142 -19.89 -2.36 -4.32
C HIS A 142 -20.75 -2.64 -3.09
N THR A 143 -20.52 -1.86 -2.03
CA THR A 143 -21.28 -2.00 -0.80
C THR A 143 -22.78 -2.05 -1.09
N PRO A 144 -23.52 -2.97 -0.44
CA PRO A 144 -24.96 -3.10 -0.66
C PRO A 144 -25.75 -1.97 -0.03
CA SER B 1 -1.66 -6.06 6.82
C SER B 1 -0.30 -6.40 6.40
N BB9 B 2 0.84 -5.69 6.57
CA BB9 B 2 1.98 -6.40 6.15
C BB9 B 2 3.28 -5.83 6.19
O BB9 B 2 4.27 -6.47 5.84
CB BB9 B 2 1.68 -7.63 5.68
SG BB9 B 2 0.01 -7.89 5.74
HB BB9 B 2 2.40 -8.34 5.31
N VAL B 3 3.33 -4.57 6.61
CA VAL B 3 4.56 -3.78 6.71
C VAL B 3 4.20 -2.45 7.36
N GLY B 4 5.21 -1.69 7.80
CA GLY B 4 4.92 -0.43 8.46
C GLY B 4 5.53 0.71 7.80
N MOZ B 5 5.15 1.05 6.56
OG MOZ B 5 6.53 1.55 8.21
CA MOZ B 5 5.96 2.14 6.17
CB MOZ B 5 6.79 2.46 7.16
C MOZ B 5 5.74 2.64 4.74
O MOZ B 5 6.43 3.58 4.33
C6 MOZ B 5 7.84 3.52 7.30
H62 MOZ B 5 7.38 4.44 7.66
H63 MOZ B 5 8.30 3.70 6.34
H61 MOZ B 5 8.59 3.20 8.00
N ALA B 6 4.79 2.05 4.04
CA ALA B 6 4.46 2.41 2.67
C ALA B 6 3.26 1.67 2.04
N BB9 B 7 2.74 0.45 2.36
CA BB9 B 7 1.62 0.11 1.55
C BB9 B 7 0.84 -1.11 1.63
O BB9 B 7 -0.12 -1.27 0.87
CB BB9 B 7 1.34 1.08 0.66
SG BB9 B 7 2.40 2.38 0.80
HB BB9 B 7 0.52 1.00 -0.06
N ALA B 8 1.21 -2.02 2.51
CA ALA B 8 0.49 -3.28 2.66
C ALA B 8 -0.31 -3.31 3.95
N MOZ B 9 -0.78 -4.39 4.58
OG MOZ B 9 -0.64 -2.16 4.62
CA MOZ B 9 -1.46 -3.89 5.70
CB MOZ B 9 -1.39 -2.57 5.75
C MOZ B 9 -2.18 -4.81 6.60
C6 MOZ B 9 -1.98 -1.63 6.75
H62 MOZ B 9 -2.28 -2.19 7.63
H63 MOZ B 9 -2.85 -1.14 6.32
H61 MOZ B 9 -1.25 -0.88 7.02
C NAK B 10 -5.45 -4.90 8.16
O NAK B 10 -6.22 -5.74 8.65
CA NAK B 10 -4.09 -5.38 7.78
CAE NAK B 10 -3.64 -6.64 8.01
N NAK B 10 -3.39 -4.46 7.09
HAE2 NAK B 10 -4.23 -7.35 8.57
N ALA B 11 -5.30 -3.76 8.81
CA ALA B 11 -6.43 -2.97 9.28
C ALA B 11 -7.53 -3.85 9.88
N NH2 B 12 -7.14 -4.88 10.60
HN1 NH2 B 12 -6.17 -5.03 10.69
HN2 NH2 B 12 -7.81 -5.46 10.99
N GLY A 2 16.82 -8.53 7.07
CA GLY A 2 15.36 -8.24 7.21
C GLY A 2 14.52 -8.99 6.20
N ILE A 3 13.63 -8.27 5.51
CA ILE A 3 12.76 -8.86 4.52
C ILE A 3 13.50 -9.82 3.60
N ASN A 4 13.70 -11.02 4.08
CA ASN A 4 14.37 -12.06 3.31
C ASN A 4 15.38 -11.49 2.32
N LEU A 5 15.80 -10.24 2.54
CA LEU A 5 16.75 -9.57 1.64
C LEU A 5 17.90 -8.91 2.40
N THR A 6 18.97 -8.62 1.67
CA THR A 6 20.14 -7.96 2.25
C THR A 6 19.98 -6.44 2.20
N PRO A 7 20.60 -5.69 3.13
CA PRO A 7 20.51 -4.22 3.15
C PRO A 7 20.73 -3.62 1.77
N GLU A 8 21.64 -4.20 1.02
CA GLU A 8 21.96 -3.72 -0.31
C GLU A 8 20.82 -4.04 -1.27
N GLU A 9 20.20 -5.21 -1.11
CA GLU A 9 19.09 -5.61 -1.95
C GLU A 9 17.91 -4.70 -1.72
N LYS A 10 17.59 -4.50 -0.45
CA LYS A 10 16.49 -3.62 -0.07
C LYS A 10 16.68 -2.25 -0.71
N PHE A 11 17.95 -1.87 -0.89
CA PHE A 11 18.27 -0.58 -1.49
C PHE A 11 18.08 -0.59 -3.00
N GLU A 12 18.59 -1.62 -3.68
CA GLU A 12 18.43 -1.71 -5.13
C GLU A 12 16.98 -2.04 -5.47
N VAL A 13 16.27 -2.59 -4.51
CA VAL A 13 14.88 -2.98 -4.69
C VAL A 13 13.92 -1.87 -4.26
N PHE A 14 14.03 -1.37 -3.03
CA PHE A 14 13.14 -0.30 -2.57
C PHE A 14 13.71 1.08 -2.91
N GLY A 15 15.02 1.15 -3.17
CA GLY A 15 15.65 2.41 -3.49
C GLY A 15 16.31 3.04 -2.30
N ASP A 16 15.62 3.04 -1.17
CA ASP A 16 16.15 3.59 0.08
C ASP A 16 15.08 3.58 1.17
N PHE A 17 14.57 2.39 1.46
CA PHE A 17 13.53 2.22 2.48
C PHE A 17 13.79 0.94 3.28
N ASP A 18 13.91 1.09 4.60
CA ASP A 18 14.16 -0.05 5.48
C ASP A 18 12.91 -0.44 6.27
N PRO A 19 12.04 -1.30 5.69
CA PRO A 19 10.82 -1.74 6.37
C PRO A 19 11.09 -2.66 7.57
N ASP A 20 11.98 -3.62 7.37
CA ASP A 20 12.34 -4.58 8.42
C ASP A 20 12.71 -3.89 9.73
N GLN A 21 12.82 -2.56 9.68
CA GLN A 21 13.18 -1.79 10.87
C GLN A 21 12.23 -2.08 12.02
N TYR A 22 10.93 -2.03 11.74
CA TYR A 22 9.90 -2.27 12.74
C TYR A 22 8.78 -3.13 12.16
N GLU A 23 9.15 -4.12 11.35
CA GLU A 23 8.16 -4.99 10.71
C GLU A 23 7.07 -5.42 11.69
N GLU A 24 7.44 -6.22 12.69
CA GLU A 24 6.50 -6.71 13.68
C GLU A 24 6.22 -5.65 14.75
N GLU A 25 7.27 -4.94 15.15
CA GLU A 25 7.17 -3.91 16.17
C GLU A 25 6.07 -2.90 15.81
N VAL A 26 5.77 -2.78 14.52
CA VAL A 26 4.74 -1.85 14.07
C VAL A 26 3.42 -2.13 14.76
N ARG A 27 3.22 -3.37 15.17
CA ARG A 27 1.99 -3.77 15.83
C ARG A 27 1.60 -2.76 16.92
N GLU A 28 2.58 -2.07 17.46
CA GLU A 28 2.32 -1.09 18.49
C GLU A 28 1.32 -0.05 18.00
N ARG A 29 1.33 0.23 16.70
CA ARG A 29 0.41 1.20 16.12
C ARG A 29 -1.02 0.67 16.22
N TRP A 30 -1.27 -0.48 15.57
CA TRP A 30 -2.59 -1.11 15.59
C TRP A 30 -2.51 -2.48 16.26
N GLY A 31 -1.48 -3.22 15.89
CA GLY A 31 -1.27 -4.54 16.44
C GLY A 31 -2.52 -5.31 16.78
N ASN A 32 -3.64 -5.04 16.09
CA ASN A 32 -4.88 -5.78 16.39
C ASN A 32 -5.49 -6.33 15.11
N THR A 33 -4.78 -6.19 14.01
CA THR A 33 -5.27 -6.60 12.72
C THR A 33 -5.06 -8.10 12.47
N ASP A 34 -5.99 -8.67 11.69
CA ASP A 34 -5.97 -10.10 11.35
C ASP A 34 -5.21 -10.35 10.06
N ALA A 35 -5.33 -9.42 9.11
CA ALA A 35 -4.64 -9.60 7.84
C ALA A 35 -3.17 -9.87 8.07
N TYR A 36 -2.56 -9.05 8.96
CA TYR A 36 -1.12 -9.20 9.26
C TYR A 36 -0.77 -10.65 9.59
N ARG A 37 -1.67 -11.35 10.26
CA ARG A 37 -1.42 -12.75 10.62
C ARG A 37 -1.23 -13.60 9.36
N GLN A 38 -2.17 -13.49 8.43
CA GLN A 38 -2.10 -14.24 7.18
C GLN A 38 -0.97 -13.71 6.29
N SER A 39 -0.67 -12.42 6.43
CA SER A 39 0.37 -11.78 5.64
C SER A 39 1.77 -12.21 6.04
N LYS A 40 2.08 -12.10 7.32
CA LYS A 40 3.40 -12.46 7.82
C LYS A 40 3.78 -13.87 7.39
N GLU A 41 2.82 -14.79 7.48
CA GLU A 41 3.09 -16.17 7.08
C GLU A 41 3.38 -16.27 5.58
N LYS A 42 2.72 -15.41 4.79
CA LYS A 42 2.92 -15.40 3.35
C LYS A 42 4.20 -14.66 2.96
N THR A 43 4.50 -13.57 3.67
CA THR A 43 5.67 -12.77 3.39
C THR A 43 6.90 -13.59 3.62
N ALA A 44 6.66 -14.84 4.00
CA ALA A 44 7.72 -15.77 4.25
C ALA A 44 8.19 -16.45 2.96
N SER A 45 7.33 -16.40 1.95
CA SER A 45 7.62 -17.03 0.66
C SER A 45 8.05 -16.04 -0.43
N TYR A 46 8.34 -14.78 -0.06
CA TYR A 46 8.76 -13.80 -1.06
C TYR A 46 10.28 -13.65 -1.11
N THR A 47 10.81 -13.73 -2.32
CA THR A 47 12.23 -13.60 -2.58
C THR A 47 12.53 -12.23 -3.19
N LYS A 48 13.79 -12.01 -3.53
CA LYS A 48 14.19 -10.73 -4.11
C LYS A 48 13.51 -10.49 -5.45
N GLU A 49 13.31 -11.55 -6.23
CA GLU A 49 12.66 -11.41 -7.52
C GLU A 49 11.22 -11.00 -7.38
N ASP A 50 10.49 -11.75 -6.60
CA ASP A 50 9.10 -11.47 -6.36
C ASP A 50 8.95 -10.09 -5.76
N TRP A 51 9.98 -9.67 -5.05
CA TRP A 51 9.96 -8.36 -4.40
C TRP A 51 10.10 -7.22 -5.41
N GLN A 52 11.12 -7.27 -6.26
CA GLN A 52 11.33 -6.23 -7.25
C GLN A 52 10.17 -6.20 -8.25
N ARG A 53 9.66 -7.38 -8.58
CA ARG A 53 8.53 -7.50 -9.49
C ARG A 53 7.37 -6.65 -9.01
N ILE A 54 7.14 -6.66 -7.70
CA ILE A 54 6.06 -5.88 -7.12
C ILE A 54 6.39 -4.39 -7.09
N GLN A 55 7.68 -4.06 -6.96
CA GLN A 55 8.08 -2.66 -6.93
C GLN A 55 7.88 -2.03 -8.30
N ASP A 56 8.40 -2.68 -9.34
CA ASP A 56 8.23 -2.15 -10.68
C ASP A 56 6.73 -1.95 -10.94
N GLU A 57 5.92 -2.76 -10.26
CA GLU A 57 4.46 -2.65 -10.35
C GLU A 57 3.98 -1.46 -9.52
N ALA A 58 4.60 -1.28 -8.36
CA ALA A 58 4.24 -0.19 -7.45
C ALA A 58 4.62 1.17 -8.03
N ASP A 59 5.86 1.32 -8.48
CA ASP A 59 6.29 2.59 -9.04
C ASP A 59 5.35 3.00 -10.17
N GLU A 60 4.89 2.01 -10.92
CA GLU A 60 3.95 2.28 -12.00
C GLU A 60 2.67 2.90 -11.44
N LEU A 61 2.25 2.38 -10.29
CA LEU A 61 1.05 2.85 -9.62
C LEU A 61 1.09 4.37 -9.43
N THR A 62 2.26 4.91 -9.13
CA THR A 62 2.39 6.35 -8.93
C THR A 62 2.17 7.10 -10.23
N ARG A 63 2.79 6.67 -11.29
CA ARG A 63 2.64 7.35 -12.55
C ARG A 63 1.18 7.58 -12.88
N ARG A 64 0.39 6.51 -12.84
CA ARG A 64 -1.01 6.63 -13.19
C ARG A 64 -1.78 7.52 -12.20
N PHE A 65 -1.69 7.22 -10.90
CA PHE A 65 -2.36 8.03 -9.89
C PHE A 65 -1.93 9.47 -10.01
N VAL A 66 -0.63 9.66 -10.07
CA VAL A 66 -0.08 10.99 -10.17
C VAL A 66 -0.44 11.64 -11.51
N ALA A 67 -0.27 10.88 -12.60
CA ALA A 67 -0.58 11.36 -13.95
C ALA A 67 -2.01 11.89 -14.05
N LEU A 68 -2.93 11.13 -13.45
CA LEU A 68 -4.35 11.50 -13.43
C LEU A 68 -4.59 12.69 -12.50
N MET A 69 -3.89 12.73 -11.37
CA MET A 69 -4.04 13.85 -10.43
C MET A 69 -3.70 15.17 -11.11
N ASP A 70 -2.58 15.19 -11.84
CA ASP A 70 -2.13 16.40 -12.51
C ASP A 70 -3.04 16.78 -13.66
N ALA A 71 -3.57 15.78 -14.35
CA ALA A 71 -4.47 16.05 -15.47
C ALA A 71 -5.73 16.74 -14.98
N GLY A 72 -5.89 16.79 -13.67
CA GLY A 72 -7.08 17.42 -13.10
C GLY A 72 -8.22 16.45 -12.93
N GLU A 73 -7.92 15.16 -12.99
CA GLU A 73 -8.93 14.11 -12.85
C GLU A 73 -9.34 13.95 -11.38
N PRO A 74 -10.59 14.24 -11.01
CA PRO A 74 -11.02 14.07 -9.63
C PRO A 74 -10.77 12.64 -9.15
N ALA A 75 -10.69 12.48 -7.83
CA ALA A 75 -10.40 11.18 -7.24
C ALA A 75 -11.55 10.19 -7.30
N ASP A 76 -12.77 10.65 -7.59
CA ASP A 76 -13.91 9.74 -7.66
C ASP A 76 -14.28 9.47 -9.11
N SER A 77 -13.39 9.87 -10.01
CA SER A 77 -13.60 9.67 -11.44
C SER A 77 -13.31 8.22 -11.83
N GLU A 78 -13.80 7.81 -12.98
CA GLU A 78 -13.59 6.45 -13.45
C GLU A 78 -12.12 6.06 -13.38
N GLY A 79 -11.27 6.86 -14.02
CA GLY A 79 -9.84 6.57 -14.03
C GLY A 79 -9.23 6.58 -12.64
N ALA A 80 -9.63 7.55 -11.82
CA ALA A 80 -9.08 7.67 -10.47
C ALA A 80 -9.58 6.54 -9.56
N MET A 81 -10.90 6.35 -9.52
CA MET A 81 -11.46 5.29 -8.67
C MET A 81 -10.92 3.94 -9.11
N ASP A 82 -10.89 3.72 -10.43
CA ASP A 82 -10.35 2.47 -10.97
C ASP A 82 -8.93 2.29 -10.47
N ALA A 83 -8.19 3.39 -10.44
CA ALA A 83 -6.83 3.37 -9.93
C ALA A 83 -6.86 2.79 -8.52
N ALA A 84 -7.81 3.24 -7.73
CA ALA A 84 -7.98 2.74 -6.38
C ALA A 84 -8.24 1.24 -6.43
N GLU A 85 -9.12 0.82 -7.33
CA GLU A 85 -9.42 -0.59 -7.47
C GLU A 85 -8.16 -1.34 -7.89
N ASP A 86 -7.27 -0.64 -8.60
CA ASP A 86 -6.02 -1.23 -9.04
C ASP A 86 -5.08 -1.45 -7.85
N HIS A 87 -5.11 -0.50 -6.91
CA HIS A 87 -4.29 -0.58 -5.73
C HIS A 87 -4.80 -1.72 -4.85
N ARG A 88 -6.11 -1.89 -4.86
CA ARG A 88 -6.76 -2.93 -4.09
C ARG A 88 -6.25 -4.30 -4.49
N GLN A 89 -6.37 -4.61 -5.78
CA GLN A 89 -5.93 -5.89 -6.30
C GLN A 89 -4.43 -6.09 -6.08
N GLY A 90 -3.69 -4.98 -6.10
CA GLY A 90 -2.25 -5.04 -5.91
C GLY A 90 -1.85 -5.38 -4.49
N ILE A 91 -2.48 -4.74 -3.50
CA ILE A 91 -2.16 -4.99 -2.11
C ILE A 91 -2.84 -6.27 -1.62
N ALA A 92 -3.92 -6.68 -2.29
CA ALA A 92 -4.63 -7.89 -1.91
C ALA A 92 -3.94 -9.15 -2.41
N ARG A 93 -3.65 -9.20 -3.70
CA ARG A 93 -2.97 -10.34 -4.30
C ARG A 93 -1.54 -10.44 -3.79
N ASN A 94 -1.04 -9.33 -3.29
CA ASN A 94 0.32 -9.27 -2.78
C ASN A 94 0.38 -9.43 -1.26
N HIS A 95 -0.18 -8.46 -0.55
CA HIS A 95 -0.14 -8.46 0.91
C HIS A 95 -1.36 -9.08 1.57
N TYR A 96 -1.63 -10.36 1.32
CA TYR A 96 -2.79 -11.06 1.89
C TYR A 96 -4.02 -10.69 1.10
N ASP A 97 -4.71 -11.68 0.58
CA ASP A 97 -5.92 -11.44 -0.19
C ASP A 97 -6.81 -10.42 0.54
N CYS A 98 -6.49 -9.15 0.34
CA CYS A 98 -7.21 -8.04 0.97
C CYS A 98 -8.56 -7.79 0.33
N GLY A 99 -9.46 -7.18 1.10
CA GLY A 99 -10.80 -6.86 0.64
C GLY A 99 -11.02 -5.36 0.58
N TYR A 100 -12.21 -4.95 0.13
CA TYR A 100 -12.51 -3.52 0.03
C TYR A 100 -12.59 -2.89 1.42
N GLU A 101 -13.30 -3.53 2.33
CA GLU A 101 -13.46 -3.02 3.69
C GLU A 101 -12.10 -2.87 4.38
N MET A 102 -11.22 -3.83 4.15
CA MET A 102 -9.89 -3.80 4.73
C MET A 102 -9.05 -2.73 4.06
N HIS A 103 -9.14 -2.68 2.73
CA HIS A 103 -8.40 -1.70 1.93
C HIS A 103 -8.69 -0.28 2.37
N THR A 104 -9.94 -0.02 2.74
CA THR A 104 -10.36 1.31 3.17
C THR A 104 -9.72 1.68 4.49
N CYS A 105 -9.74 0.74 5.42
CA CYS A 105 -9.18 0.96 6.75
C CYS A 105 -7.77 1.52 6.61
N LEU A 106 -7.05 1.04 5.61
CA LEU A 106 -5.69 1.50 5.37
C LEU A 106 -5.69 2.97 4.89
N GLY A 107 -6.65 3.30 4.04
CA GLY A 107 -6.74 4.65 3.50
C GLY A 107 -6.68 5.74 4.57
N GLU A 108 -7.62 5.70 5.51
CA GLU A 108 -7.68 6.71 6.57
C GLU A 108 -6.63 6.47 7.66
N MET A 109 -6.14 5.25 7.80
CA MET A 109 -5.11 4.98 8.81
C MET A 109 -3.75 5.49 8.34
N TYR A 110 -3.68 5.88 7.06
CA TYR A 110 -2.45 6.39 6.46
C TYR A 110 -2.43 7.93 6.45
N VAL A 111 -3.56 8.53 6.11
CA VAL A 111 -3.67 9.98 6.05
C VAL A 111 -3.60 10.59 7.46
N SER A 112 -3.47 9.72 8.47
CA SER A 112 -3.42 10.16 9.85
C SER A 112 -2.02 10.06 10.44
N ASP A 113 -1.01 9.81 9.60
CA ASP A 113 0.37 9.71 10.09
C ASP A 113 1.36 10.46 9.19
N GLU A 114 2.34 11.07 9.84
CA GLU A 114 3.37 11.86 9.18
C GLU A 114 4.39 11.01 8.43
N ARG A 115 4.98 10.01 9.08
CA ARG A 115 6.02 9.21 8.42
C ARG A 115 5.48 8.51 7.18
N PHE A 116 4.27 7.95 7.26
CA PHE A 116 3.68 7.27 6.11
C PHE A 116 3.48 8.23 4.95
N THR A 117 2.81 9.34 5.25
CA THR A 117 2.52 10.36 4.24
C THR A 117 3.80 10.87 3.57
N ARG A 118 4.74 11.35 4.38
CA ARG A 118 5.99 11.88 3.87
C ARG A 118 6.72 10.86 3.01
N ASN A 119 6.67 9.60 3.43
CA ASN A 119 7.31 8.52 2.69
C ASN A 119 6.49 8.18 1.46
N ILE A 120 5.18 8.24 1.60
CA ILE A 120 4.27 7.94 0.49
C ILE A 120 4.20 9.11 -0.48
N ASP A 121 3.97 10.31 0.04
CA ASP A 121 3.85 11.50 -0.80
C ASP A 121 5.18 11.83 -1.46
N ALA A 122 6.24 11.16 -1.04
CA ALA A 122 7.54 11.39 -1.66
C ALA A 122 7.36 11.57 -3.16
N ALA A 123 6.29 10.95 -3.68
CA ALA A 123 5.96 11.03 -5.10
C ALA A 123 5.13 12.27 -5.43
N LYS A 124 4.23 12.66 -4.52
CA LYS A 124 3.41 13.85 -4.73
C LYS A 124 2.57 14.15 -3.49
N PRO A 125 2.32 15.44 -3.19
CA PRO A 125 1.51 15.83 -2.03
C PRO A 125 0.01 15.66 -2.26
N GLY A 126 -0.69 15.21 -1.22
CA GLY A 126 -2.13 15.03 -1.32
C GLY A 126 -2.54 13.65 -1.81
N LEU A 127 -1.57 12.84 -2.22
CA LEU A 127 -1.86 11.52 -2.74
C LEU A 127 -2.63 10.67 -1.73
N ALA A 128 -2.20 10.71 -0.47
CA ALA A 128 -2.81 9.92 0.58
C ALA A 128 -4.29 10.25 0.74
N ALA A 129 -4.62 11.53 0.81
CA ALA A 129 -6.01 11.94 0.95
C ALA A 129 -6.80 11.60 -0.31
N TYR A 130 -6.16 11.80 -1.46
CA TYR A 130 -6.76 11.56 -2.76
C TYR A 130 -7.05 10.06 -2.99
N MET A 131 -6.17 9.21 -2.48
CA MET A 131 -6.31 7.76 -2.64
C MET A 131 -7.45 7.21 -1.81
N ARG A 132 -7.51 7.59 -0.53
CA ARG A 132 -8.55 7.10 0.37
C ARG A 132 -9.94 7.31 -0.21
N ASP A 133 -10.18 8.52 -0.67
CA ASP A 133 -11.48 8.86 -1.27
C ASP A 133 -11.69 8.03 -2.53
N ALA A 134 -10.61 7.81 -3.28
CA ALA A 134 -10.68 7.01 -4.49
C ALA A 134 -11.05 5.58 -4.13
N ILE A 135 -10.40 5.07 -3.08
CA ILE A 135 -10.64 3.72 -2.59
C ILE A 135 -12.01 3.62 -1.94
N LEU A 136 -12.33 4.60 -1.12
CA LEU A 136 -13.60 4.62 -0.42
C LEU A 136 -14.74 4.58 -1.42
N ALA A 137 -14.67 5.50 -2.38
CA ALA A 137 -15.68 5.58 -3.44
C ALA A 137 -15.77 4.27 -4.21
N ASN A 138 -14.61 3.74 -4.57
CA ASN A 138 -14.54 2.48 -5.29
C ASN A 138 -15.30 1.38 -4.54
N ALA A 139 -15.16 1.38 -3.22
CA ALA A 139 -15.83 0.37 -2.39
C ALA A 139 -17.35 0.56 -2.40
N VAL A 140 -17.78 1.81 -2.53
CA VAL A 140 -19.21 2.13 -2.53
C VAL A 140 -19.97 1.46 -3.68
N ARG A 141 -19.39 1.50 -4.88
CA ARG A 141 -20.05 0.90 -6.03
C ARG A 141 -20.22 -0.61 -5.84
N HIS A 142 -19.50 -1.17 -4.88
CA HIS A 142 -19.61 -2.61 -4.60
C HIS A 142 -20.51 -2.84 -3.39
N THR A 143 -20.34 -2.01 -2.37
CA THR A 143 -21.14 -2.10 -1.16
C THR A 143 -22.63 -2.18 -1.50
N PRO A 144 -23.38 -3.09 -0.86
CA PRO A 144 -24.82 -3.25 -1.12
C PRO A 144 -25.64 -2.09 -0.55
CA SER B 1 -1.78 -5.63 7.37
C SER B 1 -0.44 -5.95 6.92
N BB9 B 2 0.69 -5.21 7.03
CA BB9 B 2 1.84 -5.92 6.59
C BB9 B 2 3.13 -5.31 6.56
O BB9 B 2 4.12 -5.94 6.20
CB BB9 B 2 1.54 -7.17 6.17
SG BB9 B 2 -0.11 -7.45 6.30
HB BB9 B 2 2.26 -7.88 5.79
N VAL B 3 3.16 -4.03 6.94
CA VAL B 3 4.36 -3.21 6.96
C VAL B 3 4.01 -1.87 7.59
N GLY B 4 5.01 -1.07 7.96
CA GLY B 4 4.73 0.21 8.58
C GLY B 4 5.32 1.33 7.88
N MOZ B 5 4.89 1.64 6.64
OG MOZ B 5 6.33 2.19 8.23
CA MOZ B 5 5.67 2.72 6.20
CB MOZ B 5 6.54 3.06 7.15
C MOZ B 5 5.40 3.19 4.77
O MOZ B 5 6.07 4.11 4.30
C6 MOZ B 5 7.60 4.13 7.22
H62 MOZ B 5 8.56 3.68 7.39
H63 MOZ B 5 7.37 4.81 8.03
H61 MOZ B 5 7.62 4.68 6.29
N ALA B 6 4.41 2.57 4.12
CA ALA B 6 4.02 2.90 2.76
C ALA B 6 2.78 2.15 2.23
N BB9 B 7 2.31 0.91 2.60
CA BB9 B 7 1.13 0.55 1.89
C BB9 B 7 0.39 -0.67 2.05
O BB9 B 7 -0.64 -0.87 1.38
CB BB9 B 7 0.77 1.52 1.01
SG BB9 B 7 1.83 2.83 1.06
HB BB9 B 7 -0.09 1.44 0.36
N ALA B 8 0.84 -1.57 2.91
CA ALA B 8 0.16 -2.84 3.12
C ALA B 8 -0.57 -2.87 4.47
N MOZ B 9 -1.00 -3.94 5.13
OG MOZ B 9 -0.92 -1.71 5.13
CA MOZ B 9 -1.65 -3.45 6.26
CB MOZ B 9 -1.61 -2.13 6.29
C MOZ B 9 -2.32 -4.38 7.19
C6 MOZ B 9 -2.19 -1.19 7.30
H62 MOZ B 9 -2.47 -1.75 8.19
H63 MOZ B 9 -3.07 -0.71 6.89
H61 MOZ B 9 -1.46 -0.44 7.56
C NAK B 10 -5.64 -4.61 8.68
O NAK B 10 -6.40 -5.50 9.05
CA NAK B 10 -4.23 -5.01 8.37
CAE NAK B 10 -3.75 -6.28 8.56
N NAK B 10 -3.54 -4.06 7.70
HAE2 NAK B 10 -4.32 -7.02 9.10
N ALA B 11 -5.59 -3.54 9.44
CA ALA B 11 -6.80 -2.84 9.88
C ALA B 11 -7.79 -3.78 10.56
N NH2 B 12 -7.29 -4.80 11.24
HN1 NH2 B 12 -6.32 -4.91 11.26
HN2 NH2 B 12 -7.91 -5.40 11.69
N GLY A 2 9.28 -11.76 5.89
CA GLY A 2 9.08 -11.15 4.53
C GLY A 2 10.39 -10.84 3.85
N ILE A 3 10.72 -9.54 3.76
CA ILE A 3 11.95 -9.11 3.12
C ILE A 3 13.05 -10.15 3.23
N ASN A 4 13.68 -10.23 4.40
CA ASN A 4 14.76 -11.19 4.59
C ASN A 4 15.77 -11.02 3.46
N LEU A 5 16.21 -9.78 3.28
CA LEU A 5 17.18 -9.43 2.25
C LEU A 5 18.41 -8.76 2.85
N THR A 6 19.45 -8.63 2.04
CA THR A 6 20.69 -7.99 2.46
C THR A 6 20.59 -6.48 2.23
N PRO A 7 21.29 -5.66 3.03
CA PRO A 7 21.26 -4.20 2.89
C PRO A 7 21.42 -3.75 1.45
N GLU A 8 22.25 -4.47 0.70
CA GLU A 8 22.47 -4.13 -0.70
C GLU A 8 21.27 -4.52 -1.55
N GLU A 9 20.61 -5.61 -1.18
CA GLU A 9 19.45 -6.10 -1.93
C GLU A 9 18.22 -5.23 -1.70
N LYS A 10 17.85 -5.07 -0.44
CA LYS A 10 16.71 -4.23 -0.07
C LYS A 10 16.90 -2.81 -0.59
N PHE A 11 18.15 -2.39 -0.75
CA PHE A 11 18.41 -1.06 -1.28
C PHE A 11 18.10 -1.02 -2.77
N GLU A 12 18.51 -2.05 -3.49
CA GLU A 12 18.23 -2.14 -4.91
C GLU A 12 16.76 -2.45 -5.15
N VAL A 13 16.08 -2.95 -4.12
CA VAL A 13 14.67 -3.31 -4.23
C VAL A 13 13.74 -2.19 -3.74
N PHE A 14 13.88 -1.75 -2.49
CA PHE A 14 13.00 -0.67 -1.97
C PHE A 14 13.66 0.70 -2.08
N GLY A 15 14.99 0.73 -2.03
CA GLY A 15 15.72 1.99 -2.08
C GLY A 15 16.28 2.33 -0.72
N ASP A 16 16.25 3.60 -0.34
CA ASP A 16 16.76 4.01 0.96
C ASP A 16 15.67 3.82 2.02
N PHE A 17 15.17 2.60 2.13
CA PHE A 17 14.11 2.26 3.07
C PHE A 17 14.51 1.04 3.91
N ASP A 18 14.84 1.26 5.17
CA ASP A 18 15.25 0.19 6.07
C ASP A 18 14.15 -0.18 7.06
N PRO A 19 13.25 -1.12 6.70
CA PRO A 19 12.15 -1.55 7.58
C PRO A 19 12.64 -2.34 8.80
N ASP A 20 13.62 -3.21 8.59
CA ASP A 20 14.16 -4.04 9.67
C ASP A 20 14.60 -3.20 10.87
N GLN A 21 14.77 -1.90 10.67
CA GLN A 21 15.21 -1.02 11.75
C GLN A 21 14.04 -0.66 12.65
N TYR A 22 12.82 -0.80 12.14
CA TYR A 22 11.61 -0.47 12.90
C TYR A 22 10.46 -1.41 12.54
N GLU A 23 10.80 -2.60 12.03
CA GLU A 23 9.79 -3.58 11.63
C GLU A 23 8.74 -3.80 12.71
N GLU A 24 9.18 -4.37 13.84
CA GLU A 24 8.30 -4.65 14.96
C GLU A 24 7.71 -3.38 15.54
N GLU A 25 8.49 -2.31 15.53
CA GLU A 25 8.04 -1.03 16.06
C GLU A 25 6.70 -0.64 15.44
N VAL A 26 6.44 -1.13 14.23
CA VAL A 26 5.21 -0.82 13.53
C VAL A 26 3.98 -1.18 14.38
N ARG A 27 3.88 -2.43 14.79
CA ARG A 27 2.74 -2.91 15.58
C ARG A 27 2.42 -1.95 16.73
N GLU A 28 3.42 -1.21 17.18
CA GLU A 28 3.24 -0.28 18.29
C GLU A 28 2.11 0.71 18.00
N ARG A 29 1.92 1.06 16.73
CA ARG A 29 0.87 2.01 16.36
C ARG A 29 -0.51 1.34 16.42
N TRP A 30 -0.72 0.31 15.61
CA TRP A 30 -2.01 -0.41 15.61
C TRP A 30 -1.84 -1.83 16.13
N GLY A 31 -0.81 -2.52 15.63
CA GLY A 31 -0.53 -3.87 16.06
C GLY A 31 -1.76 -4.67 16.43
N ASN A 32 -2.87 -4.50 15.70
CA ASN A 32 -4.09 -5.24 16.04
C ASN A 32 -4.66 -5.93 14.80
N THR A 33 -3.88 -5.92 13.73
CA THR A 33 -4.31 -6.51 12.47
C THR A 33 -4.05 -8.01 12.43
N ASP A 34 -5.12 -8.76 12.26
CA ASP A 34 -5.05 -10.20 12.18
C ASP A 34 -4.33 -10.65 10.92
N ALA A 35 -4.84 -10.17 9.80
CA ALA A 35 -4.28 -10.49 8.50
C ALA A 35 -2.81 -10.15 8.41
N TYR A 36 -2.30 -9.11 9.09
CA TYR A 36 -0.88 -8.85 9.02
C TYR A 36 -0.11 -10.17 9.23
N ARG A 37 -0.65 -11.02 10.11
CA ARG A 37 -0.04 -12.31 10.40
C ARG A 37 -0.23 -13.26 9.21
N GLN A 38 -1.43 -13.28 8.65
CA GLN A 38 -1.75 -14.15 7.52
C GLN A 38 -0.72 -14.00 6.40
N SER A 39 -0.30 -12.78 6.17
CA SER A 39 0.63 -12.48 5.10
C SER A 39 2.04 -13.02 5.35
N LYS A 40 2.62 -12.70 6.51
CA LYS A 40 3.97 -13.18 6.80
C LYS A 40 4.02 -14.70 6.70
N GLU A 41 2.88 -15.33 6.94
CA GLU A 41 2.78 -16.78 6.89
C GLU A 41 3.01 -17.31 5.47
N LYS A 42 2.38 -16.66 4.50
CA LYS A 42 2.52 -17.04 3.10
C LYS A 42 3.77 -16.44 2.48
N THR A 43 4.12 -15.22 2.90
CA THR A 43 5.27 -14.51 2.35
C THR A 43 6.55 -14.87 3.08
N ALA A 44 6.45 -15.81 4.00
CA ALA A 44 7.58 -16.23 4.77
C ALA A 44 8.82 -16.54 3.91
N SER A 45 8.62 -16.80 2.61
CA SER A 45 9.73 -17.15 1.72
C SER A 45 10.02 -16.10 0.64
N TYR A 46 9.16 -15.10 0.48
CA TYR A 46 9.38 -14.07 -0.55
C TYR A 46 10.85 -13.70 -0.67
N THR A 47 11.30 -13.61 -1.91
CA THR A 47 12.69 -13.27 -2.22
C THR A 47 12.81 -11.86 -2.78
N LYS A 48 14.04 -11.42 -3.02
CA LYS A 48 14.28 -10.09 -3.56
C LYS A 48 13.53 -9.88 -4.87
N GLU A 49 13.37 -10.94 -5.65
CA GLU A 49 12.66 -10.87 -6.93
C GLU A 49 11.20 -10.55 -6.72
N ASP A 50 10.56 -11.33 -5.88
CA ASP A 50 9.17 -11.14 -5.56
C ASP A 50 8.99 -9.75 -4.98
N TRP A 51 10.08 -9.28 -4.38
CA TRP A 51 10.10 -7.94 -3.78
C TRP A 51 10.38 -6.88 -4.84
N GLN A 52 11.23 -7.22 -5.80
CA GLN A 52 11.58 -6.29 -6.86
C GLN A 52 10.41 -6.15 -7.83
N ARG A 53 9.62 -7.22 -7.94
CA ARG A 53 8.46 -7.23 -8.82
C ARG A 53 7.37 -6.31 -8.27
N ILE A 54 7.03 -6.49 -7.00
CA ILE A 54 6.01 -5.68 -6.36
C ILE A 54 6.31 -4.19 -6.46
N GLN A 55 7.59 -3.82 -6.44
CA GLN A 55 7.95 -2.40 -6.53
C GLN A 55 7.66 -1.86 -7.93
N ASP A 56 8.08 -2.56 -8.97
CA ASP A 56 7.82 -2.11 -10.33
C ASP A 56 6.32 -1.86 -10.52
N GLU A 57 5.52 -2.58 -9.74
CA GLU A 57 4.07 -2.43 -9.79
C GLU A 57 3.66 -1.14 -9.08
N ALA A 58 4.33 -0.86 -7.97
CA ALA A 58 4.05 0.33 -7.19
C ALA A 58 4.48 1.61 -7.90
N ASP A 59 5.72 1.64 -8.39
CA ASP A 59 6.23 2.82 -9.09
C ASP A 59 5.30 3.18 -10.25
N GLU A 60 4.76 2.16 -10.90
CA GLU A 60 3.84 2.37 -12.01
C GLU A 60 2.55 3.00 -11.50
N LEU A 61 2.10 2.52 -10.34
CA LEU A 61 0.89 3.02 -9.72
C LEU A 61 0.95 4.54 -9.56
N THR A 62 2.11 5.05 -9.19
CA THR A 62 2.26 6.49 -9.01
C THR A 62 2.03 7.24 -10.31
N ARG A 63 2.66 6.80 -11.37
CA ARG A 63 2.51 7.48 -12.63
C ARG A 63 1.05 7.69 -12.99
N ARG A 64 0.27 6.62 -12.97
CA ARG A 64 -1.13 6.72 -13.36
C ARG A 64 -1.91 7.59 -12.37
N PHE A 65 -1.85 7.25 -11.08
CA PHE A 65 -2.54 8.05 -10.06
C PHE A 65 -2.10 9.49 -10.14
N VAL A 66 -0.81 9.67 -10.20
CA VAL A 66 -0.25 11.01 -10.26
C VAL A 66 -0.62 11.68 -11.59
N ALA A 67 -0.47 10.95 -12.69
CA ALA A 67 -0.78 11.45 -14.02
C ALA A 67 -2.24 11.95 -14.12
N LEU A 68 -3.13 11.17 -13.55
CA LEU A 68 -4.56 11.51 -13.53
C LEU A 68 -4.84 12.67 -12.58
N MET A 69 -4.19 12.70 -11.42
CA MET A 69 -4.41 13.79 -10.47
C MET A 69 -4.10 15.13 -11.13
N ASP A 70 -3.01 15.20 -11.88
CA ASP A 70 -2.61 16.42 -12.57
C ASP A 70 -3.71 16.90 -13.52
N ALA A 71 -4.39 15.96 -14.16
CA ALA A 71 -5.46 16.30 -15.10
C ALA A 71 -6.56 17.10 -14.41
N GLY A 72 -6.60 17.02 -13.09
CA GLY A 72 -7.60 17.76 -12.33
C GLY A 72 -8.94 17.05 -12.28
N GLU A 73 -8.91 15.72 -12.36
CA GLU A 73 -10.13 14.94 -12.31
C GLU A 73 -10.36 14.42 -10.88
N PRO A 74 -11.58 14.61 -10.31
CA PRO A 74 -11.87 14.17 -8.94
C PRO A 74 -11.48 12.72 -8.70
N ALA A 75 -11.19 12.43 -7.44
CA ALA A 75 -10.77 11.09 -7.03
C ALA A 75 -11.85 10.05 -7.21
N ASP A 76 -13.11 10.46 -7.28
CA ASP A 76 -14.21 9.51 -7.46
C ASP A 76 -14.55 9.35 -8.93
N SER A 77 -13.64 9.79 -9.79
CA SER A 77 -13.84 9.69 -11.22
C SER A 77 -13.55 8.26 -11.68
N GLU A 78 -14.04 7.91 -12.86
CA GLU A 78 -13.81 6.56 -13.39
C GLU A 78 -12.35 6.18 -13.32
N GLY A 79 -11.50 7.02 -13.92
CA GLY A 79 -10.07 6.76 -13.94
C GLY A 79 -9.46 6.64 -12.56
N ALA A 80 -9.87 7.52 -11.65
CA ALA A 80 -9.34 7.54 -10.30
C ALA A 80 -9.85 6.36 -9.47
N MET A 81 -11.17 6.16 -9.44
CA MET A 81 -11.74 5.07 -8.66
C MET A 81 -11.22 3.73 -9.16
N ASP A 82 -11.21 3.52 -10.48
CA ASP A 82 -10.70 2.27 -11.03
C ASP A 82 -9.25 2.10 -10.58
N ALA A 83 -8.53 3.20 -10.52
CA ALA A 83 -7.15 3.17 -10.06
C ALA A 83 -7.12 2.48 -8.70
N ALA A 84 -8.03 2.86 -7.81
CA ALA A 84 -8.10 2.25 -6.50
C ALA A 84 -8.32 0.75 -6.66
N GLU A 85 -9.17 0.36 -7.61
CA GLU A 85 -9.42 -1.05 -7.87
C GLU A 85 -8.13 -1.72 -8.32
N ASP A 86 -7.29 -0.94 -9.01
CA ASP A 86 -6.01 -1.45 -9.48
C ASP A 86 -5.07 -1.64 -8.28
N HIS A 87 -5.09 -0.66 -7.38
CA HIS A 87 -4.28 -0.69 -6.18
C HIS A 87 -4.72 -1.85 -5.31
N ARG A 88 -6.02 -1.90 -5.05
CA ARG A 88 -6.61 -2.93 -4.22
C ARG A 88 -6.14 -4.31 -4.64
N GLN A 89 -6.42 -4.68 -5.89
CA GLN A 89 -6.02 -5.98 -6.41
C GLN A 89 -4.52 -6.18 -6.25
N GLY A 90 -3.76 -5.09 -6.33
CA GLY A 90 -2.32 -5.17 -6.20
C GLY A 90 -1.86 -5.38 -4.77
N ILE A 91 -2.44 -4.64 -3.83
CA ILE A 91 -2.08 -4.77 -2.43
C ILE A 91 -2.75 -5.98 -1.79
N ALA A 92 -3.82 -6.45 -2.42
CA ALA A 92 -4.55 -7.61 -1.94
C ALA A 92 -3.72 -8.89 -1.96
N ARG A 93 -3.23 -9.24 -3.15
CA ARG A 93 -2.44 -10.43 -3.40
C ARG A 93 -1.02 -10.33 -2.86
N ASN A 94 -0.44 -9.14 -2.94
CA ASN A 94 0.94 -8.94 -2.52
C ASN A 94 1.17 -9.30 -1.06
N HIS A 95 0.11 -9.67 -0.34
CA HIS A 95 0.25 -10.03 1.06
C HIS A 95 -0.70 -11.15 1.47
N TYR A 96 -1.95 -11.08 1.01
CA TYR A 96 -2.97 -12.09 1.34
C TYR A 96 -4.27 -11.74 0.61
N ASP A 97 -4.92 -10.65 1.02
CA ASP A 97 -6.16 -10.21 0.37
C ASP A 97 -6.89 -9.14 1.19
N CYS A 98 -6.69 -7.88 0.80
CA CYS A 98 -7.33 -6.75 1.47
C CYS A 98 -8.59 -6.33 0.74
N GLY A 99 -9.73 -6.89 1.14
CA GLY A 99 -10.99 -6.55 0.51
C GLY A 99 -11.21 -5.05 0.44
N TYR A 100 -12.37 -4.64 -0.04
CA TYR A 100 -12.69 -3.23 -0.15
C TYR A 100 -12.77 -2.57 1.23
N GLU A 101 -13.48 -3.24 2.14
CA GLU A 101 -13.63 -2.73 3.50
C GLU A 101 -12.27 -2.58 4.17
N MET A 102 -11.39 -3.53 3.88
CA MET A 102 -10.03 -3.50 4.42
C MET A 102 -9.23 -2.40 3.74
N HIS A 103 -9.39 -2.34 2.43
CA HIS A 103 -8.69 -1.35 1.63
C HIS A 103 -8.88 0.04 2.21
N THR A 104 -10.02 0.27 2.84
CA THR A 104 -10.32 1.57 3.43
C THR A 104 -9.57 1.76 4.74
N CYS A 105 -9.57 0.71 5.56
CA CYS A 105 -8.90 0.74 6.86
C CYS A 105 -7.46 1.17 6.67
N LEU A 106 -6.78 0.52 5.74
CA LEU A 106 -5.39 0.85 5.46
C LEU A 106 -5.28 2.28 4.94
N GLY A 107 -6.13 2.63 3.99
CA GLY A 107 -6.11 3.96 3.42
C GLY A 107 -5.95 5.05 4.47
N GLU A 108 -6.46 4.80 5.67
CA GLU A 108 -6.36 5.75 6.77
C GLU A 108 -5.13 5.48 7.63
N MET A 109 -4.59 4.27 7.60
CA MET A 109 -3.37 4.02 8.36
C MET A 109 -2.20 4.63 7.60
N TYR A 110 -2.49 5.06 6.36
CA TYR A 110 -1.51 5.68 5.47
C TYR A 110 -1.32 7.16 5.80
N VAL A 111 -2.43 7.85 6.05
CA VAL A 111 -2.39 9.28 6.36
C VAL A 111 -2.21 9.52 7.86
N SER A 112 -2.70 8.58 8.66
CA SER A 112 -2.58 8.69 10.12
C SER A 112 -1.12 8.87 10.53
N ASP A 113 -0.29 7.92 10.16
CA ASP A 113 1.13 7.97 10.49
C ASP A 113 1.91 8.72 9.41
N GLU A 114 2.29 9.96 9.73
CA GLU A 114 3.02 10.80 8.80
C GLU A 114 4.32 10.14 8.34
N ARG A 115 4.73 9.06 8.99
CA ARG A 115 5.93 8.36 8.57
C ARG A 115 5.67 7.75 7.20
N PHE A 116 4.46 7.20 7.07
CA PHE A 116 3.98 6.61 5.82
C PHE A 116 3.72 7.68 4.78
N THR A 117 2.95 8.68 5.16
CA THR A 117 2.57 9.76 4.26
C THR A 117 3.80 10.40 3.59
N ARG A 118 4.74 10.87 4.40
CA ARG A 118 5.94 11.50 3.86
C ARG A 118 6.70 10.53 2.96
N ASN A 119 6.68 9.26 3.33
CA ASN A 119 7.34 8.23 2.56
C ASN A 119 6.54 7.96 1.29
N ILE A 120 5.22 8.01 1.42
CA ILE A 120 4.33 7.80 0.30
C ILE A 120 4.24 9.03 -0.60
N ASP A 121 3.92 10.17 0.00
CA ASP A 121 3.80 11.41 -0.75
C ASP A 121 5.13 11.80 -1.40
N ALA A 122 6.20 11.13 -1.03
CA ALA A 122 7.50 11.40 -1.63
C ALA A 122 7.34 11.66 -3.14
N ALA A 123 6.28 11.08 -3.70
CA ALA A 123 5.98 11.22 -5.13
C ALA A 123 5.18 12.49 -5.43
N LYS A 124 4.29 12.88 -4.51
CA LYS A 124 3.51 14.10 -4.70
C LYS A 124 2.60 14.36 -3.50
N PRO A 125 2.23 15.64 -3.26
CA PRO A 125 1.35 16.01 -2.15
C PRO A 125 -0.12 15.72 -2.44
N GLY A 126 -0.81 15.12 -1.47
CA GLY A 126 -2.22 14.83 -1.63
C GLY A 126 -2.52 13.49 -2.29
N LEU A 127 -1.49 12.74 -2.65
CA LEU A 127 -1.72 11.45 -3.29
C LEU A 127 -2.42 10.51 -2.33
N ALA A 128 -1.90 10.43 -1.11
CA ALA A 128 -2.45 9.57 -0.08
C ALA A 128 -3.93 9.86 0.19
N ALA A 129 -4.24 11.12 0.47
CA ALA A 129 -5.62 11.52 0.76
C ALA A 129 -6.50 11.32 -0.47
N TYR A 130 -5.95 11.66 -1.64
CA TYR A 130 -6.66 11.50 -2.91
C TYR A 130 -6.92 10.02 -3.15
N MET A 131 -5.99 9.19 -2.70
CA MET A 131 -6.10 7.76 -2.83
C MET A 131 -7.23 7.22 -1.96
N ARG A 132 -7.25 7.65 -0.71
CA ARG A 132 -8.27 7.18 0.23
C ARG A 132 -9.69 7.40 -0.30
N ASP A 133 -9.93 8.62 -0.77
CA ASP A 133 -11.23 9.00 -1.31
C ASP A 133 -11.52 8.21 -2.58
N ALA A 134 -10.52 8.03 -3.43
CA ALA A 134 -10.70 7.25 -4.64
C ALA A 134 -11.13 5.84 -4.29
N ILE A 135 -10.53 5.32 -3.22
CA ILE A 135 -10.83 3.99 -2.73
C ILE A 135 -12.18 3.97 -2.03
N LEU A 136 -12.46 5.01 -1.25
CA LEU A 136 -13.70 5.10 -0.52
C LEU A 136 -14.87 5.05 -1.49
N ALA A 137 -14.78 5.86 -2.53
CA ALA A 137 -15.82 5.92 -3.56
C ALA A 137 -15.94 4.57 -4.24
N ASN A 138 -14.80 4.01 -4.61
CA ASN A 138 -14.75 2.71 -5.25
C ASN A 138 -15.48 1.66 -4.42
N ALA A 139 -15.24 1.69 -3.11
CA ALA A 139 -15.86 0.74 -2.19
C ALA A 139 -17.38 0.94 -2.12
N VAL A 140 -17.84 2.13 -2.46
CA VAL A 140 -19.26 2.46 -2.41
C VAL A 140 -20.03 1.83 -3.58
N ARG A 141 -19.47 1.92 -4.79
CA ARG A 141 -20.14 1.37 -5.95
C ARG A 141 -20.27 -0.15 -5.84
N HIS A 142 -19.44 -0.75 -4.98
CA HIS A 142 -19.50 -2.20 -4.77
C HIS A 142 -20.40 -2.50 -3.58
N THR A 143 -20.21 -1.74 -2.49
CA THR A 143 -21.00 -1.92 -1.28
C THR A 143 -22.50 -2.00 -1.63
N PRO A 144 -23.11 -3.19 -1.52
CA PRO A 144 -24.53 -3.37 -1.83
C PRO A 144 -25.39 -2.27 -1.24
CA SER B 1 -1.84 -6.24 6.58
C SER B 1 -0.54 -6.67 6.09
N BB9 B 2 0.65 -6.02 6.21
CA BB9 B 2 1.72 -6.79 5.74
C BB9 B 2 3.04 -6.26 5.74
O BB9 B 2 4.00 -6.90 5.35
CB BB9 B 2 1.34 -8.00 5.28
SG BB9 B 2 -0.33 -8.19 5.43
HB BB9 B 2 2.02 -8.74 4.88
N VAL B 3 3.12 -5.01 6.20
CA VAL B 3 4.36 -4.23 6.30
C VAL B 3 4.03 -2.88 6.95
N GLY B 4 5.03 -2.17 7.46
CA GLY B 4 4.76 -0.89 8.12
C GLY B 4 5.46 0.23 7.54
N MOZ B 5 5.24 0.58 6.25
OG MOZ B 5 6.38 1.10 8.08
CA MOZ B 5 6.06 1.70 5.99
CB MOZ B 5 6.74 2.02 7.07
C MOZ B 5 5.99 2.22 4.56
O MOZ B 5 6.68 3.19 4.22
C6 MOZ B 5 7.73 3.12 7.37
H62 MOZ B 5 7.49 3.58 8.32
H63 MOZ B 5 7.68 3.87 6.59
H61 MOZ B 5 8.72 2.71 7.40
N ALA B 6 5.15 1.59 3.76
CA ALA B 6 4.93 1.92 2.35
C ALA B 6 3.64 1.31 1.77
N BB9 B 7 3.00 0.14 2.13
CA BB9 B 7 1.84 -0.10 1.35
C BB9 B 7 0.94 -1.22 1.46
O BB9 B 7 -0.04 -1.32 0.73
CB BB9 B 7 1.65 0.89 0.43
SG BB9 B 7 2.84 2.07 0.53
HB BB9 B 7 0.82 0.88 -0.27
N ALA B 8 1.22 -2.15 2.37
CA ALA B 8 0.38 -3.34 2.56
C ALA B 8 -0.31 -3.38 3.92
N MOZ B 9 -0.77 -4.47 4.55
OG MOZ B 9 -0.61 -2.24 4.63
CA MOZ B 9 -1.40 -3.99 5.70
CB MOZ B 9 -1.33 -2.66 5.77
C MOZ B 9 -2.18 -4.91 6.57
C6 MOZ B 9 -1.90 -1.74 6.79
H62 MOZ B 9 -2.72 -1.19 6.35
H63 MOZ B 9 -1.15 -1.07 7.14
H61 MOZ B 9 -2.27 -2.33 7.62
C NAK B 10 -5.36 -4.75 8.33
O NAK B 10 -6.22 -5.55 8.71
CA NAK B 10 -4.07 -5.35 7.84
CAE NAK B 10 -3.81 -6.69 7.86
N NAK B 10 -3.27 -4.46 7.21
HAE2 NAK B 10 -4.44 -7.37 8.40
N ALA B 11 -5.10 -3.70 9.09
CA ALA B 11 -6.18 -2.87 9.64
C ALA B 11 -7.30 -3.73 10.22
N NH2 B 12 -6.96 -4.91 10.74
HN1 NH2 B 12 -6.01 -5.16 10.71
HN2 NH2 B 12 -7.66 -5.48 11.12
N GLY A 2 7.37 -12.50 5.22
CA GLY A 2 8.82 -12.63 5.50
C GLY A 2 9.68 -12.11 4.37
N ILE A 3 10.20 -10.90 4.52
CA ILE A 3 11.03 -10.29 3.49
C ILE A 3 12.45 -10.85 3.57
N ASN A 4 12.96 -11.00 4.78
CA ASN A 4 14.29 -11.52 4.99
C ASN A 4 15.24 -11.06 3.89
N LEU A 5 15.61 -9.79 3.95
CA LEU A 5 16.52 -9.20 2.97
C LEU A 5 17.71 -8.52 3.63
N THR A 6 18.74 -8.23 2.83
CA THR A 6 19.94 -7.56 3.33
C THR A 6 19.75 -6.04 3.25
N PRO A 7 20.42 -5.27 4.12
CA PRO A 7 20.29 -3.80 4.10
C PRO A 7 20.47 -3.22 2.69
N GLU A 8 21.52 -3.64 2.01
CA GLU A 8 21.79 -3.18 0.65
C GLU A 8 20.67 -3.58 -0.29
N GLU A 9 20.09 -4.75 -0.05
CA GLU A 9 18.99 -5.23 -0.87
C GLU A 9 17.76 -4.34 -0.69
N LYS A 10 17.46 -4.01 0.56
CA LYS A 10 16.35 -3.11 0.85
C LYS A 10 16.54 -1.80 0.10
N PHE A 11 17.79 -1.39 -0.05
CA PHE A 11 18.10 -0.13 -0.72
C PHE A 11 17.81 -0.22 -2.21
N GLU A 12 18.24 -1.29 -2.86
CA GLU A 12 17.99 -1.45 -4.28
C GLU A 12 16.54 -1.84 -4.54
N VAL A 13 15.87 -2.36 -3.52
CA VAL A 13 14.47 -2.78 -3.64
C VAL A 13 13.47 -1.72 -3.17
N PHE A 14 13.54 -1.31 -1.91
CA PHE A 14 12.60 -0.32 -1.37
C PHE A 14 13.17 1.10 -1.38
N GLY A 15 14.36 1.28 -1.94
CA GLY A 15 14.96 2.60 -1.96
C GLY A 15 15.16 3.16 -0.57
N ASP A 16 16.41 3.36 -0.19
CA ASP A 16 16.79 3.87 1.12
C ASP A 16 15.64 3.80 2.14
N PHE A 17 15.07 2.62 2.31
CA PHE A 17 13.97 2.40 3.25
C PHE A 17 14.26 1.18 4.10
N ASP A 18 14.48 1.38 5.40
CA ASP A 18 14.80 0.27 6.29
C ASP A 18 13.61 -0.12 7.18
N PRO A 19 12.72 -1.01 6.70
CA PRO A 19 11.57 -1.47 7.48
C PRO A 19 12.00 -2.33 8.66
N ASP A 20 13.09 -3.08 8.48
CA ASP A 20 13.61 -3.97 9.51
C ASP A 20 13.66 -3.25 10.87
N GLN A 21 13.96 -1.97 10.83
CA GLN A 21 14.04 -1.18 12.06
C GLN A 21 12.63 -0.90 12.57
N TYR A 22 11.77 -0.42 11.68
CA TYR A 22 10.38 -0.13 12.03
C TYR A 22 9.55 -1.41 12.01
N GLU A 23 10.23 -2.55 12.11
CA GLU A 23 9.58 -3.85 12.10
C GLU A 23 8.71 -4.04 13.35
N GLU A 24 9.10 -3.39 14.44
CA GLU A 24 8.38 -3.53 15.71
C GLU A 24 7.10 -2.68 15.75
N GLU A 25 7.19 -1.41 15.35
CA GLU A 25 6.03 -0.54 15.40
C GLU A 25 4.84 -1.15 14.68
N VAL A 26 5.10 -1.91 13.62
CA VAL A 26 4.05 -2.56 12.86
C VAL A 26 3.19 -3.41 13.78
N ARG A 27 3.79 -3.86 14.86
CA ARG A 27 3.08 -4.65 15.86
C ARG A 27 2.21 -3.73 16.72
N GLU A 28 2.80 -2.59 17.10
CA GLU A 28 2.11 -1.58 17.92
C GLU A 28 1.07 -0.80 17.12
N ARG A 29 1.30 -0.61 15.83
CA ARG A 29 0.36 0.13 14.99
C ARG A 29 -1.03 -0.48 15.13
N TRP A 30 -1.14 -1.76 14.80
CA TRP A 30 -2.41 -2.47 14.91
C TRP A 30 -2.18 -3.86 15.50
N GLY A 31 -1.17 -4.55 14.97
CA GLY A 31 -0.82 -5.87 15.44
C GLY A 31 -2.02 -6.68 15.92
N ASN A 32 -3.23 -6.32 15.49
CA ASN A 32 -4.42 -7.05 15.92
C ASN A 32 -5.28 -7.43 14.73
N THR A 33 -4.76 -7.19 13.54
CA THR A 33 -5.50 -7.46 12.32
C THR A 33 -5.37 -8.92 11.91
N ASP A 34 -6.44 -9.44 11.33
CA ASP A 34 -6.49 -10.84 10.88
C ASP A 34 -5.74 -11.01 9.56
N ALA A 35 -5.84 -10.02 8.68
CA ALA A 35 -5.17 -10.13 7.40
C ALA A 35 -3.69 -10.40 7.63
N TYR A 36 -3.08 -9.61 8.53
CA TYR A 36 -1.64 -9.77 8.85
C TYR A 36 -1.28 -11.23 9.14
N ARG A 37 -2.25 -11.99 9.64
CA ARG A 37 -2.02 -13.39 9.94
C ARG A 37 -1.80 -14.17 8.63
N GLN A 38 -2.67 -13.92 7.66
CA GLN A 38 -2.59 -14.57 6.36
C GLN A 38 -1.38 -14.11 5.55
N SER A 39 -0.98 -12.87 5.75
CA SER A 39 0.13 -12.29 5.00
C SER A 39 1.49 -12.81 5.47
N LYS A 40 1.74 -12.71 6.76
CA LYS A 40 3.02 -13.15 7.32
C LYS A 40 3.32 -14.61 7.00
N GLU A 41 2.32 -15.48 7.20
CA GLU A 41 2.50 -16.90 6.93
C GLU A 41 2.75 -17.18 5.45
N LYS A 42 2.12 -16.39 4.58
CA LYS A 42 2.24 -16.56 3.16
C LYS A 42 3.49 -15.88 2.61
N THR A 43 3.83 -14.70 3.15
CA THR A 43 4.99 -13.94 2.70
C THR A 43 6.25 -14.47 3.34
N ALA A 44 6.10 -15.55 4.09
CA ALA A 44 7.21 -16.15 4.81
C ALA A 44 8.40 -16.48 3.90
N SER A 45 8.15 -16.83 2.63
CA SER A 45 9.23 -17.21 1.72
C SER A 45 9.46 -16.25 0.55
N TYR A 46 8.88 -15.04 0.62
CA TYR A 46 9.08 -14.07 -0.46
C TYR A 46 10.54 -13.69 -0.64
N THR A 47 10.95 -13.64 -1.90
CA THR A 47 12.32 -13.31 -2.29
C THR A 47 12.37 -11.95 -3.00
N LYS A 48 13.57 -11.60 -3.46
CA LYS A 48 13.78 -10.35 -4.16
C LYS A 48 12.93 -10.25 -5.42
N GLU A 49 12.80 -11.36 -6.13
CA GLU A 49 12.02 -11.37 -7.35
C GLU A 49 10.58 -10.97 -7.08
N ASP A 50 9.99 -11.62 -6.11
CA ASP A 50 8.61 -11.31 -5.72
C ASP A 50 8.52 -9.86 -5.28
N TRP A 51 9.58 -9.40 -4.63
CA TRP A 51 9.63 -8.02 -4.14
C TRP A 51 9.95 -7.03 -5.26
N GLN A 52 11.04 -7.29 -5.97
CA GLN A 52 11.46 -6.44 -7.07
C GLN A 52 10.34 -6.27 -8.09
N ARG A 53 9.55 -7.33 -8.27
CA ARG A 53 8.45 -7.30 -9.21
C ARG A 53 7.32 -6.40 -8.72
N ILE A 54 7.09 -6.39 -7.41
CA ILE A 54 6.04 -5.56 -6.83
C ILE A 54 6.43 -4.09 -6.81
N GLN A 55 7.73 -3.81 -6.65
CA GLN A 55 8.20 -2.43 -6.61
C GLN A 55 8.05 -1.76 -7.97
N ASP A 56 8.62 -2.37 -9.01
CA ASP A 56 8.48 -1.82 -10.36
C ASP A 56 7.01 -1.65 -10.69
N GLU A 57 6.21 -2.55 -10.12
CA GLU A 57 4.77 -2.54 -10.31
C GLU A 57 4.16 -1.37 -9.55
N ALA A 58 4.63 -1.15 -8.33
CA ALA A 58 4.14 -0.06 -7.50
C ALA A 58 4.51 1.29 -8.10
N ASP A 59 5.73 1.40 -8.62
CA ASP A 59 6.18 2.65 -9.23
C ASP A 59 5.21 3.07 -10.32
N GLU A 60 4.77 2.09 -11.11
CA GLU A 60 3.81 2.36 -12.18
C GLU A 60 2.54 2.98 -11.61
N LEU A 61 2.13 2.48 -10.46
CA LEU A 61 0.93 2.96 -9.79
C LEU A 61 0.98 4.47 -9.61
N THR A 62 2.12 5.00 -9.21
CA THR A 62 2.28 6.43 -9.00
C THR A 62 2.04 7.21 -10.28
N ARG A 63 2.71 6.84 -11.35
CA ARG A 63 2.55 7.55 -12.58
C ARG A 63 1.09 7.77 -12.92
N ARG A 64 0.32 6.69 -12.93
CA ARG A 64 -1.08 6.80 -13.30
C ARG A 64 -1.88 7.63 -12.29
N PHE A 65 -1.85 7.27 -11.00
CA PHE A 65 -2.57 8.04 -9.99
C PHE A 65 -2.16 9.49 -10.05
N VAL A 66 -0.87 9.71 -10.00
CA VAL A 66 -0.32 11.05 -10.03
C VAL A 66 -0.69 11.74 -11.34
N ALA A 67 -0.53 11.03 -12.45
CA ALA A 67 -0.85 11.56 -13.77
C ALA A 67 -2.31 12.06 -13.82
N LEU A 68 -3.19 11.37 -13.11
CA LEU A 68 -4.61 11.76 -13.04
C LEU A 68 -4.75 13.09 -12.33
N MET A 69 -3.97 13.26 -11.28
CA MET A 69 -4.00 14.50 -10.50
C MET A 69 -3.67 15.71 -11.37
N ASP A 70 -2.60 15.61 -12.15
CA ASP A 70 -2.18 16.71 -13.02
C ASP A 70 -3.14 16.91 -14.18
N ALA A 71 -3.80 15.83 -14.60
CA ALA A 71 -4.74 15.90 -15.72
C ALA A 71 -6.05 16.54 -15.30
N GLY A 72 -6.18 16.86 -14.02
CA GLY A 72 -7.40 17.47 -13.52
C GLY A 72 -8.49 16.44 -13.28
N GLU A 73 -8.09 15.18 -13.28
CA GLU A 73 -9.00 14.07 -13.07
C GLU A 73 -9.35 13.91 -11.60
N PRO A 74 -10.61 14.15 -11.17
CA PRO A 74 -10.97 13.99 -9.76
C PRO A 74 -10.68 12.56 -9.30
N ALA A 75 -10.51 12.39 -8.00
CA ALA A 75 -10.18 11.08 -7.44
C ALA A 75 -11.32 10.09 -7.46
N ASP A 76 -12.56 10.54 -7.66
CA ASP A 76 -13.70 9.62 -7.68
C ASP A 76 -14.14 9.34 -9.12
N SER A 77 -13.30 9.72 -10.07
CA SER A 77 -13.60 9.51 -11.48
C SER A 77 -13.38 8.04 -11.83
N GLU A 78 -13.95 7.62 -12.94
CA GLU A 78 -13.81 6.23 -13.38
C GLU A 78 -12.35 5.81 -13.35
N GLY A 79 -11.52 6.54 -14.07
CA GLY A 79 -10.10 6.23 -14.13
C GLY A 79 -9.44 6.22 -12.76
N ALA A 80 -9.79 7.20 -11.92
CA ALA A 80 -9.21 7.30 -10.60
C ALA A 80 -9.71 6.18 -9.68
N MET A 81 -11.02 6.00 -9.59
CA MET A 81 -11.57 4.96 -8.74
C MET A 81 -11.05 3.60 -9.21
N ASP A 82 -11.05 3.39 -10.53
CA ASP A 82 -10.54 2.15 -11.08
C ASP A 82 -9.10 1.95 -10.62
N ALA A 83 -8.37 3.06 -10.56
CA ALA A 83 -7.00 3.04 -10.09
C ALA A 83 -6.96 2.40 -8.71
N ALA A 84 -7.86 2.82 -7.85
CA ALA A 84 -7.95 2.26 -6.52
C ALA A 84 -8.16 0.76 -6.62
N GLU A 85 -9.02 0.35 -7.55
CA GLU A 85 -9.28 -1.06 -7.75
C GLU A 85 -7.98 -1.76 -8.13
N ASP A 86 -7.10 -1.01 -8.83
CA ASP A 86 -5.81 -1.55 -9.23
C ASP A 86 -4.88 -1.65 -8.03
N HIS A 87 -4.88 -0.61 -7.19
CA HIS A 87 -4.07 -0.59 -5.99
C HIS A 87 -4.50 -1.73 -5.09
N ARG A 88 -5.81 -1.84 -4.95
CA ARG A 88 -6.43 -2.86 -4.12
C ARG A 88 -5.94 -4.26 -4.49
N GLN A 89 -6.29 -4.71 -5.69
CA GLN A 89 -5.90 -6.04 -6.14
C GLN A 89 -4.39 -6.24 -6.04
N GLY A 90 -3.64 -5.16 -6.21
CA GLY A 90 -2.19 -5.24 -6.14
C GLY A 90 -1.70 -5.59 -4.76
N ILE A 91 -2.25 -4.95 -3.74
CA ILE A 91 -1.85 -5.20 -2.36
C ILE A 91 -2.56 -6.44 -1.82
N ALA A 92 -3.67 -6.81 -2.44
CA ALA A 92 -4.45 -7.97 -2.03
C ALA A 92 -3.78 -9.29 -2.48
N ARG A 93 -3.55 -9.41 -3.78
CA ARG A 93 -2.92 -10.60 -4.34
C ARG A 93 -1.46 -10.70 -3.89
N ASN A 94 -0.83 -9.55 -3.73
CA ASN A 94 0.55 -9.47 -3.30
C ASN A 94 0.78 -10.14 -1.94
N HIS A 95 -0.16 -9.95 -1.00
CA HIS A 95 0.01 -10.51 0.34
C HIS A 95 -1.01 -11.61 0.69
N TYR A 96 -2.27 -11.44 0.30
CA TYR A 96 -3.30 -12.42 0.64
C TYR A 96 -4.60 -12.12 -0.11
N ASP A 97 -5.21 -10.97 0.19
CA ASP A 97 -6.46 -10.57 -0.46
C ASP A 97 -7.19 -9.50 0.35
N CYS A 98 -6.59 -8.32 0.45
CA CYS A 98 -7.19 -7.20 1.16
C CYS A 98 -8.57 -6.89 0.62
N GLY A 99 -9.60 -7.14 1.44
CA GLY A 99 -10.96 -6.88 1.04
C GLY A 99 -11.24 -5.41 0.82
N TYR A 100 -12.45 -5.08 0.37
CA TYR A 100 -12.80 -3.69 0.12
C TYR A 100 -12.84 -2.89 1.42
N GLU A 101 -13.49 -3.45 2.43
CA GLU A 101 -13.58 -2.79 3.73
C GLU A 101 -12.20 -2.60 4.33
N MET A 102 -11.32 -3.56 4.04
CA MET A 102 -9.95 -3.51 4.53
C MET A 102 -9.18 -2.43 3.79
N HIS A 103 -9.37 -2.40 2.48
CA HIS A 103 -8.68 -1.43 1.64
C HIS A 103 -8.89 -0.02 2.17
N THR A 104 -10.07 0.25 2.71
CA THR A 104 -10.34 1.59 3.23
C THR A 104 -9.72 1.74 4.62
N CYS A 105 -9.78 0.67 5.41
CA CYS A 105 -9.21 0.66 6.74
C CYS A 105 -7.75 1.09 6.67
N LEU A 106 -7.00 0.45 5.79
CA LEU A 106 -5.60 0.77 5.59
C LEU A 106 -5.45 2.21 5.09
N GLY A 107 -6.25 2.57 4.11
CA GLY A 107 -6.19 3.90 3.52
C GLY A 107 -6.23 5.04 4.53
N GLU A 108 -6.93 4.86 5.65
CA GLU A 108 -7.04 5.92 6.66
C GLU A 108 -5.97 5.83 7.76
N MET A 109 -5.38 4.67 7.98
CA MET A 109 -4.32 4.61 9.00
C MET A 109 -3.06 5.26 8.43
N TYR A 110 -3.10 5.54 7.13
CA TYR A 110 -2.02 6.18 6.39
C TYR A 110 -1.87 7.66 6.74
N VAL A 111 -3.00 8.35 6.84
CA VAL A 111 -3.02 9.77 7.15
C VAL A 111 -2.91 9.98 8.66
N SER A 112 -2.75 8.89 9.40
CA SER A 112 -2.65 8.95 10.85
C SER A 112 -1.29 9.48 11.31
N ASP A 113 -0.28 9.33 10.48
CA ASP A 113 1.07 9.79 10.83
C ASP A 113 1.81 10.35 9.61
N GLU A 114 2.56 11.43 9.82
CA GLU A 114 3.32 12.07 8.75
C GLU A 114 4.55 11.25 8.32
N ARG A 115 5.05 10.37 9.18
CA ARG A 115 6.20 9.56 8.78
C ARG A 115 5.81 8.68 7.60
N PHE A 116 4.58 8.19 7.64
CA PHE A 116 4.00 7.37 6.57
C PHE A 116 3.76 8.23 5.33
N THR A 117 3.07 9.35 5.53
CA THR A 117 2.74 10.27 4.46
C THR A 117 3.98 10.71 3.70
N ARG A 118 4.94 11.27 4.43
CA ARG A 118 6.18 11.76 3.83
C ARG A 118 6.87 10.68 3.01
N ASN A 119 6.83 9.45 3.52
CA ASN A 119 7.45 8.34 2.84
C ASN A 119 6.60 7.96 1.62
N ILE A 120 5.29 8.06 1.79
CA ILE A 120 4.36 7.76 0.70
C ILE A 120 4.29 8.90 -0.32
N ASP A 121 4.21 10.13 0.17
CA ASP A 121 4.12 11.30 -0.70
C ASP A 121 5.43 11.58 -1.41
N ALA A 122 6.49 10.87 -1.06
CA ALA A 122 7.76 11.06 -1.74
C ALA A 122 7.51 11.24 -3.24
N ALA A 123 6.40 10.66 -3.70
CA ALA A 123 6.01 10.74 -5.10
C ALA A 123 5.22 12.01 -5.40
N LYS A 124 4.39 12.44 -4.45
CA LYS A 124 3.61 13.67 -4.60
C LYS A 124 2.79 13.95 -3.35
N PRO A 125 2.68 15.22 -2.94
CA PRO A 125 1.91 15.60 -1.74
C PRO A 125 0.40 15.49 -1.96
N GLY A 126 -0.31 15.02 -0.94
CA GLY A 126 -1.77 14.91 -1.04
C GLY A 126 -2.25 13.58 -1.59
N LEU A 127 -1.33 12.80 -2.15
CA LEU A 127 -1.71 11.50 -2.72
C LEU A 127 -2.50 10.66 -1.73
N ALA A 128 -2.07 10.68 -0.48
CA ALA A 128 -2.71 9.90 0.57
C ALA A 128 -4.20 10.24 0.67
N ALA A 129 -4.51 11.52 0.69
CA ALA A 129 -5.90 11.97 0.77
C ALA A 129 -6.67 11.63 -0.50
N TYR A 130 -6.01 11.83 -1.65
CA TYR A 130 -6.61 11.61 -2.97
C TYR A 130 -6.93 10.13 -3.22
N MET A 131 -6.07 9.26 -2.70
CA MET A 131 -6.24 7.82 -2.86
C MET A 131 -7.40 7.29 -2.03
N ARG A 132 -7.47 7.73 -0.77
CA ARG A 132 -8.51 7.28 0.14
C ARG A 132 -9.91 7.49 -0.44
N ASP A 133 -10.13 8.69 -0.95
CA ASP A 133 -11.41 9.04 -1.54
C ASP A 133 -11.68 8.22 -2.79
N ALA A 134 -10.64 8.00 -3.59
CA ALA A 134 -10.77 7.19 -4.79
C ALA A 134 -11.19 5.77 -4.40
N ILE A 135 -10.58 5.29 -3.33
CA ILE A 135 -10.88 3.95 -2.81
C ILE A 135 -12.23 3.93 -2.12
N LEU A 136 -12.51 5.00 -1.37
CA LEU A 136 -13.76 5.09 -0.65
C LEU A 136 -14.94 4.99 -1.61
N ALA A 137 -14.87 5.76 -2.68
CA ALA A 137 -15.92 5.75 -3.69
C ALA A 137 -16.00 4.39 -4.36
N ASN A 138 -14.84 3.85 -4.71
CA ASN A 138 -14.76 2.55 -5.33
C ASN A 138 -15.45 1.48 -4.50
N ALA A 139 -15.20 1.51 -3.19
CA ALA A 139 -15.80 0.54 -2.27
C ALA A 139 -17.31 0.72 -2.17
N VAL A 140 -17.76 1.97 -2.32
CA VAL A 140 -19.17 2.31 -2.23
C VAL A 140 -20.02 1.64 -3.31
N ARG A 141 -19.53 1.66 -4.55
CA ARG A 141 -20.27 1.06 -5.66
C ARG A 141 -20.46 -0.45 -5.43
N HIS A 142 -19.71 -1.00 -4.49
CA HIS A 142 -19.81 -2.42 -4.17
C HIS A 142 -20.68 -2.62 -2.93
N THR A 143 -20.45 -1.79 -1.92
CA THR A 143 -21.20 -1.85 -0.68
C THR A 143 -22.71 -1.92 -0.96
N PRO A 144 -23.34 -3.09 -0.74
CA PRO A 144 -24.77 -3.26 -0.98
C PRO A 144 -25.59 -2.10 -0.43
CA SER B 1 -2.01 -6.18 7.10
C SER B 1 -0.66 -6.53 6.69
N BB9 B 2 0.50 -5.84 6.89
CA BB9 B 2 1.63 -6.55 6.44
C BB9 B 2 2.94 -5.99 6.49
O BB9 B 2 3.92 -6.62 6.10
CB BB9 B 2 1.31 -7.75 5.91
SG BB9 B 2 -0.35 -8.00 5.96
HB BB9 B 2 2.02 -8.45 5.51
N VAL B 3 3.00 -4.73 6.93
CA VAL B 3 4.24 -3.96 7.03
C VAL B 3 3.94 -2.64 7.73
N GLY B 4 4.97 -1.88 8.10
CA GLY B 4 4.73 -0.62 8.78
C GLY B 4 5.40 0.50 8.15
N MOZ B 5 5.03 0.88 6.91
OG MOZ B 5 6.43 1.28 8.57
CA MOZ B 5 5.88 1.94 6.54
CB MOZ B 5 6.74 2.20 7.53
C MOZ B 5 5.68 2.48 5.13
O MOZ B 5 6.41 3.39 4.72
C6 MOZ B 5 7.84 3.20 7.69
H62 MOZ B 5 7.70 4.00 6.97
H63 MOZ B 5 8.79 2.72 7.53
H61 MOZ B 5 7.81 3.61 8.69
N ALA B 6 4.68 1.97 4.43
CA ALA B 6 4.35 2.38 3.07
C ALA B 6 3.12 1.66 2.46
N BB9 B 7 2.59 0.43 2.79
CA BB9 B 7 1.46 0.12 1.98
C BB9 B 7 0.63 -1.07 2.06
O BB9 B 7 -0.34 -1.21 1.30
CB BB9 B 7 1.19 1.10 1.08
SG BB9 B 7 2.29 2.38 1.21
HB BB9 B 7 0.38 1.04 0.36
N ALA B 8 0.95 -2.00 2.96
CA ALA B 8 0.17 -3.23 3.10
C ALA B 8 -0.57 -3.29 4.43
N MOZ B 9 -1.02 -4.40 5.03
OG MOZ B 9 -0.93 -2.17 5.12
CA MOZ B 9 -1.71 -3.94 6.16
CB MOZ B 9 -1.67 -2.63 6.24
C MOZ B 9 -2.46 -4.90 7.01
C6 MOZ B 9 -2.28 -1.71 7.25
H62 MOZ B 9 -2.44 -2.27 8.16
H63 MOZ B 9 -3.23 -1.35 6.88
H61 MOZ B 9 -1.62 -0.88 7.44
C NAK B 10 -5.81 -5.02 8.41
O NAK B 10 -6.64 -5.88 8.68
CA NAK B 10 -4.43 -5.49 8.10
CAE NAK B 10 -4.04 -6.79 8.20
N NAK B 10 -3.65 -4.54 7.53
HAE2 NAK B 10 -4.66 -7.53 8.68
N ALA B 11 -5.72 -3.99 9.23
CA ALA B 11 -6.89 -3.25 9.67
C ALA B 11 -8.01 -4.17 10.14
N NH2 B 12 -7.65 -5.27 10.79
HN1 NH2 B 12 -6.70 -5.43 10.93
HN2 NH2 B 12 -8.36 -5.87 11.11
N GLY A 2 8.59 -13.75 5.64
CA GLY A 2 8.82 -12.29 5.62
C GLY A 2 10.01 -11.89 4.76
N ILE A 3 10.23 -10.59 4.63
CA ILE A 3 11.34 -10.07 3.84
C ILE A 3 12.58 -10.97 3.93
N ASN A 4 13.21 -10.99 5.09
CA ASN A 4 14.41 -11.81 5.26
C ASN A 4 15.35 -11.54 4.10
N LEU A 5 15.74 -10.27 3.93
CA LEU A 5 16.64 -9.86 2.86
C LEU A 5 17.87 -9.16 3.45
N THR A 6 18.86 -8.92 2.61
CA THR A 6 20.10 -8.25 3.02
C THR A 6 19.96 -6.74 2.89
N PRO A 7 20.67 -5.95 3.74
CA PRO A 7 20.61 -4.49 3.66
C PRO A 7 20.77 -4.00 2.23
N GLU A 8 21.64 -4.68 1.48
CA GLU A 8 21.88 -4.33 0.09
C GLU A 8 20.68 -4.71 -0.77
N GLU A 9 20.09 -5.86 -0.48
CA GLU A 9 18.92 -6.32 -1.23
C GLU A 9 17.73 -5.42 -0.92
N LYS A 10 17.48 -5.22 0.37
CA LYS A 10 16.40 -4.38 0.83
C LYS A 10 16.50 -2.98 0.24
N PHE A 11 17.73 -2.55 -0.04
CA PHE A 11 17.95 -1.22 -0.61
C PHE A 11 17.61 -1.24 -2.10
N GLU A 12 18.02 -2.27 -2.80
CA GLU A 12 17.72 -2.39 -4.20
C GLU A 12 16.24 -2.69 -4.40
N VAL A 13 15.60 -3.18 -3.34
CA VAL A 13 14.19 -3.54 -3.40
C VAL A 13 13.27 -2.53 -2.73
N PHE A 14 13.44 -2.33 -1.42
CA PHE A 14 12.60 -1.39 -0.67
C PHE A 14 13.23 0.01 -0.60
N GLY A 15 14.57 0.06 -0.63
CA GLY A 15 15.25 1.34 -0.55
C GLY A 15 15.79 1.61 0.84
N ASP A 16 15.69 2.86 1.29
CA ASP A 16 16.17 3.25 2.61
C ASP A 16 15.08 3.09 3.66
N PHE A 17 14.55 1.88 3.78
CA PHE A 17 13.47 1.60 4.74
C PHE A 17 13.86 0.44 5.66
N ASP A 18 14.40 0.76 6.84
CA ASP A 18 14.80 -0.26 7.80
C ASP A 18 13.72 -1.34 7.92
N PRO A 19 14.14 -2.61 8.16
CA PRO A 19 13.19 -3.73 8.28
C PRO A 19 12.29 -3.66 9.52
N ASP A 20 12.90 -3.35 10.66
CA ASP A 20 12.16 -3.25 11.91
C ASP A 20 11.13 -2.13 11.85
N GLN A 21 11.48 -1.02 11.21
CA GLN A 21 10.57 0.09 11.09
C GLN A 21 9.19 -0.40 10.64
N TYR A 22 9.17 -1.55 9.98
CA TYR A 22 7.90 -2.12 9.52
C TYR A 22 7.18 -2.73 10.71
N GLU A 23 7.93 -3.54 11.46
CA GLU A 23 7.39 -4.24 12.62
C GLU A 23 7.05 -3.35 13.81
N GLU A 24 8.06 -2.75 14.42
CA GLU A 24 7.87 -1.92 15.61
C GLU A 24 6.84 -0.82 15.39
N GLU A 25 6.59 -0.48 14.14
CA GLU A 25 5.63 0.57 13.83
C GLU A 25 4.20 0.03 13.88
N VAL A 26 3.98 -1.12 13.24
CA VAL A 26 2.65 -1.72 13.21
C VAL A 26 2.34 -2.51 14.49
N ARG A 27 3.29 -3.34 14.92
CA ARG A 27 3.09 -4.16 16.11
C ARG A 27 2.86 -3.32 17.36
N GLU A 28 3.68 -2.27 17.53
CA GLU A 28 3.55 -1.41 18.70
C GLU A 28 2.33 -0.51 18.61
N ARG A 29 2.00 -0.08 17.39
CA ARG A 29 0.85 0.80 17.19
C ARG A 29 -0.47 0.07 17.37
N TRP A 30 -0.74 -0.95 16.55
CA TRP A 30 -2.00 -1.69 16.67
C TRP A 30 -1.79 -3.20 16.54
N GLY A 31 -1.04 -3.63 15.51
CA GLY A 31 -0.77 -5.04 15.34
C GLY A 31 -1.92 -5.92 15.82
N ASN A 32 -3.12 -5.69 15.30
CA ASN A 32 -4.28 -6.48 15.73
C ASN A 32 -5.03 -7.01 14.52
N THR A 33 -4.41 -6.84 13.37
CA THR A 33 -5.01 -7.24 12.11
C THR A 33 -4.80 -8.72 11.81
N ASP A 34 -5.74 -9.28 11.04
CA ASP A 34 -5.71 -10.69 10.66
C ASP A 34 -5.00 -10.91 9.32
N ALA A 35 -5.09 -9.95 8.41
CA ALA A 35 -4.43 -10.11 7.13
C ALA A 35 -2.97 -10.44 7.37
N TYR A 36 -2.37 -9.76 8.36
CA TYR A 36 -0.97 -10.00 8.70
C TYR A 36 -0.72 -11.50 8.85
N ARG A 37 -1.77 -12.22 9.25
CA ARG A 37 -1.66 -13.67 9.42
C ARG A 37 -1.49 -14.33 8.05
N GLN A 38 -2.41 -14.05 7.14
CA GLN A 38 -2.35 -14.61 5.79
C GLN A 38 -0.99 -14.29 5.17
N SER A 39 -0.41 -13.17 5.59
CA SER A 39 0.88 -12.72 5.06
C SER A 39 2.03 -13.60 5.55
N LYS A 40 2.11 -13.80 6.85
CA LYS A 40 3.18 -14.61 7.43
C LYS A 40 3.22 -16.01 6.85
N GLU A 41 2.05 -16.64 6.79
CA GLU A 41 1.95 -17.99 6.27
C GLU A 41 2.54 -18.10 4.86
N LYS A 42 2.20 -17.13 4.02
CA LYS A 42 2.67 -17.12 2.64
C LYS A 42 4.04 -16.45 2.46
N THR A 43 4.40 -15.52 3.36
CA THR A 43 5.67 -14.81 3.23
C THR A 43 6.80 -15.66 3.76
N ALA A 44 6.47 -16.88 4.15
CA ALA A 44 7.45 -17.79 4.70
C ALA A 44 8.70 -17.91 3.82
N SER A 45 8.52 -18.03 2.50
CA SER A 45 9.65 -18.19 1.58
C SER A 45 9.82 -17.03 0.59
N TYR A 46 9.14 -15.90 0.82
CA TYR A 46 9.27 -14.77 -0.10
C TYR A 46 10.72 -14.29 -0.21
N THR A 47 11.13 -14.08 -1.45
CA THR A 47 12.49 -13.63 -1.77
C THR A 47 12.49 -12.19 -2.28
N LYS A 48 13.67 -11.67 -2.57
CA LYS A 48 13.81 -10.30 -3.07
C LYS A 48 13.00 -10.08 -4.36
N GLU A 49 12.91 -11.11 -5.19
CA GLU A 49 12.17 -11.00 -6.45
C GLU A 49 10.71 -10.70 -6.22
N ASP A 50 10.10 -11.49 -5.36
CA ASP A 50 8.71 -11.32 -5.02
C ASP A 50 8.51 -9.91 -4.47
N TRP A 51 9.47 -9.49 -3.69
CA TRP A 51 9.43 -8.16 -3.10
C TRP A 51 9.69 -7.08 -4.17
N GLN A 52 10.60 -7.39 -5.09
CA GLN A 52 10.91 -6.47 -6.17
C GLN A 52 9.68 -6.24 -7.04
N ARG A 53 8.83 -7.26 -7.09
CA ARG A 53 7.60 -7.20 -7.87
C ARG A 53 6.60 -6.25 -7.23
N ILE A 54 6.57 -6.23 -5.90
CA ILE A 54 5.65 -5.37 -5.17
C ILE A 54 5.88 -3.89 -5.51
N GLN A 55 7.15 -3.49 -5.65
CA GLN A 55 7.46 -2.09 -5.93
C GLN A 55 7.09 -1.69 -7.36
N ASP A 56 7.45 -2.50 -8.35
CA ASP A 56 7.14 -2.16 -9.73
C ASP A 56 5.64 -1.90 -9.88
N GLU A 57 4.86 -2.55 -9.02
CA GLU A 57 3.40 -2.38 -9.03
C GLU A 57 3.03 -1.00 -8.47
N ALA A 58 3.76 -0.58 -7.44
CA ALA A 58 3.51 0.72 -6.82
C ALA A 58 4.08 1.86 -7.66
N ASP A 59 5.21 1.58 -8.31
CA ASP A 59 5.86 2.58 -9.15
C ASP A 59 4.90 3.11 -10.22
N GLU A 60 4.29 2.21 -10.97
CA GLU A 60 3.35 2.58 -12.01
C GLU A 60 2.11 3.22 -11.42
N LEU A 61 1.72 2.74 -10.25
CA LEU A 61 0.55 3.25 -9.57
C LEU A 61 0.67 4.75 -9.33
N THR A 62 1.86 5.19 -8.96
CA THR A 62 2.09 6.60 -8.71
C THR A 62 1.93 7.42 -9.98
N ARG A 63 2.62 7.04 -11.03
CA ARG A 63 2.51 7.78 -12.25
C ARG A 63 1.06 7.99 -12.62
N ARG A 64 0.31 6.89 -12.66
CA ARG A 64 -1.09 6.94 -13.02
C ARG A 64 -1.90 7.81 -12.07
N PHE A 65 -1.85 7.47 -10.78
CA PHE A 65 -2.58 8.23 -9.76
C PHE A 65 -2.17 9.69 -9.80
N VAL A 66 -0.89 9.92 -9.63
CA VAL A 66 -0.37 11.26 -9.66
C VAL A 66 -0.76 11.94 -10.98
N ALA A 67 -0.61 11.19 -12.07
CA ALA A 67 -0.97 11.70 -13.39
C ALA A 67 -2.43 12.16 -13.42
N LEU A 68 -3.30 11.36 -12.81
CA LEU A 68 -4.73 11.71 -12.69
C LEU A 68 -4.87 13.06 -12.03
N MET A 69 -4.09 13.28 -10.99
CA MET A 69 -4.14 14.55 -10.28
C MET A 69 -3.85 15.70 -11.23
N ASP A 70 -2.82 15.54 -12.04
CA ASP A 70 -2.43 16.58 -12.99
C ASP A 70 -3.60 17.01 -13.87
N ALA A 71 -4.35 16.04 -14.37
CA ALA A 71 -5.49 16.34 -15.24
C ALA A 71 -6.54 17.09 -14.45
N GLY A 72 -6.51 16.95 -13.14
CA GLY A 72 -7.47 17.63 -12.28
C GLY A 72 -8.78 16.89 -12.17
N GLU A 73 -8.75 15.56 -12.20
CA GLU A 73 -9.97 14.77 -12.08
C GLU A 73 -10.16 14.29 -10.65
N PRO A 74 -11.36 14.46 -10.06
CA PRO A 74 -11.62 14.03 -8.67
C PRO A 74 -11.21 12.58 -8.44
N ALA A 75 -10.94 12.26 -7.18
CA ALA A 75 -10.50 10.93 -6.80
C ALA A 75 -11.58 9.86 -7.01
N ASP A 76 -12.84 10.27 -7.14
CA ASP A 76 -13.93 9.31 -7.35
C ASP A 76 -14.34 9.25 -8.81
N SER A 77 -13.52 9.81 -9.68
CA SER A 77 -13.80 9.81 -11.11
C SER A 77 -13.50 8.43 -11.68
N GLU A 78 -14.02 8.16 -12.86
CA GLU A 78 -13.80 6.86 -13.50
C GLU A 78 -12.32 6.50 -13.46
N GLY A 79 -11.51 7.39 -13.98
CA GLY A 79 -10.07 7.17 -14.00
C GLY A 79 -9.48 6.93 -12.63
N ALA A 80 -9.95 7.69 -11.64
CA ALA A 80 -9.45 7.57 -10.29
C ALA A 80 -9.92 6.30 -9.61
N MET A 81 -11.22 6.05 -9.63
CA MET A 81 -11.79 4.87 -9.02
C MET A 81 -11.18 3.58 -9.57
N ASP A 82 -11.13 3.46 -10.90
CA ASP A 82 -10.55 2.26 -11.50
C ASP A 82 -9.12 2.12 -11.02
N ALA A 83 -8.39 3.25 -10.99
CA ALA A 83 -7.03 3.25 -10.50
C ALA A 83 -6.99 2.67 -9.10
N ALA A 84 -7.91 3.12 -8.26
CA ALA A 84 -8.01 2.60 -6.90
C ALA A 84 -8.24 1.10 -6.95
N GLU A 85 -9.17 0.69 -7.81
CA GLU A 85 -9.47 -0.73 -7.97
C GLU A 85 -8.19 -1.46 -8.39
N ASP A 86 -7.41 -0.82 -9.24
CA ASP A 86 -6.16 -1.41 -9.70
C ASP A 86 -5.21 -1.62 -8.52
N HIS A 87 -5.25 -0.70 -7.57
CA HIS A 87 -4.42 -0.78 -6.40
C HIS A 87 -4.88 -1.92 -5.52
N ARG A 88 -6.18 -1.95 -5.26
CA ARG A 88 -6.80 -2.98 -4.43
C ARG A 88 -6.37 -4.37 -4.88
N GLN A 89 -6.78 -4.77 -6.07
CA GLN A 89 -6.45 -6.08 -6.60
C GLN A 89 -4.94 -6.26 -6.71
N GLY A 90 -4.23 -5.17 -6.94
CA GLY A 90 -2.79 -5.23 -7.06
C GLY A 90 -2.10 -5.54 -5.74
N ILE A 91 -2.52 -4.86 -4.68
CA ILE A 91 -1.93 -5.08 -3.36
C ILE A 91 -2.41 -6.38 -2.76
N ALA A 92 -3.53 -6.90 -3.28
CA ALA A 92 -4.10 -8.15 -2.80
C ALA A 92 -3.37 -9.39 -3.33
N ARG A 93 -3.08 -9.41 -4.63
CA ARG A 93 -2.38 -10.54 -5.24
C ARG A 93 -0.90 -10.56 -4.85
N ASN A 94 -0.38 -9.42 -4.47
CA ASN A 94 1.02 -9.28 -4.09
C ASN A 94 1.23 -9.37 -2.58
N HIS A 95 0.18 -9.71 -1.84
CA HIS A 95 0.29 -9.80 -0.38
C HIS A 95 -0.60 -10.89 0.20
N TYR A 96 -1.90 -10.65 0.28
CA TYR A 96 -2.82 -11.63 0.86
C TYR A 96 -4.26 -11.32 0.47
N ASP A 97 -4.63 -11.74 -0.72
CA ASP A 97 -5.98 -11.50 -1.26
C ASP A 97 -6.69 -10.39 -0.48
N CYS A 98 -6.03 -9.25 -0.36
CA CYS A 98 -6.57 -8.11 0.38
C CYS A 98 -7.95 -7.71 -0.14
N GLY A 99 -8.95 -7.78 0.75
CA GLY A 99 -10.30 -7.41 0.38
C GLY A 99 -10.50 -5.91 0.39
N TYR A 100 -11.71 -5.47 0.03
CA TYR A 100 -12.01 -4.04 -0.01
C TYR A 100 -11.98 -3.44 1.38
N GLU A 101 -12.62 -4.10 2.34
CA GLU A 101 -12.66 -3.62 3.71
C GLU A 101 -11.24 -3.44 4.23
N MET A 102 -10.36 -4.35 3.83
CA MET A 102 -8.96 -4.30 4.22
C MET A 102 -8.29 -3.11 3.55
N HIS A 103 -8.59 -2.97 2.26
CA HIS A 103 -8.04 -1.88 1.46
C HIS A 103 -8.27 -0.53 2.14
N THR A 104 -9.41 -0.39 2.79
CA THR A 104 -9.74 0.86 3.45
C THR A 104 -8.87 1.08 4.67
N CYS A 105 -8.58 -0.01 5.40
CA CYS A 105 -7.77 0.09 6.59
C CYS A 105 -6.49 0.84 6.26
N LEU A 106 -5.89 0.50 5.13
CA LEU A 106 -4.67 1.16 4.68
C LEU A 106 -4.96 2.57 4.18
N GLY A 107 -6.20 2.82 3.78
CA GLY A 107 -6.57 4.14 3.27
C GLY A 107 -6.39 5.25 4.29
N GLU A 108 -7.07 5.13 5.43
CA GLU A 108 -7.00 6.14 6.49
C GLU A 108 -5.88 5.86 7.49
N MET A 109 -5.43 4.61 7.57
CA MET A 109 -4.33 4.28 8.47
C MET A 109 -3.03 4.86 7.93
N TYR A 110 -3.09 5.32 6.69
CA TYR A 110 -1.93 5.89 5.99
C TYR A 110 -1.89 7.41 6.09
N VAL A 111 -3.03 8.06 5.92
CA VAL A 111 -3.09 9.51 5.98
C VAL A 111 -2.79 10.01 7.40
N SER A 112 -3.21 9.23 8.39
CA SER A 112 -2.99 9.58 9.79
C SER A 112 -1.50 9.69 10.07
N ASP A 113 -0.78 8.59 9.84
CA ASP A 113 0.66 8.56 10.06
C ASP A 113 1.38 9.22 8.89
N GLU A 114 1.96 10.39 9.13
CA GLU A 114 2.66 11.11 8.07
C GLU A 114 3.93 10.40 7.63
N ARG A 115 4.34 9.36 8.34
CA ARG A 115 5.55 8.64 7.94
C ARG A 115 5.29 7.94 6.61
N PHE A 116 4.06 7.51 6.44
CA PHE A 116 3.61 6.87 5.21
C PHE A 116 3.55 7.90 4.09
N THR A 117 2.89 9.01 4.39
CA THR A 117 2.71 10.10 3.45
C THR A 117 4.04 10.63 2.92
N ARG A 118 4.91 11.05 3.82
CA ARG A 118 6.20 11.59 3.40
C ARG A 118 6.92 10.63 2.46
N ASN A 119 6.83 9.34 2.75
CA ASN A 119 7.45 8.32 1.90
C ASN A 119 6.60 8.06 0.66
N ILE A 120 5.29 8.04 0.85
CA ILE A 120 4.36 7.81 -0.24
C ILE A 120 4.18 9.06 -1.09
N ASP A 121 3.81 10.15 -0.43
CA ASP A 121 3.60 11.42 -1.11
C ASP A 121 4.89 11.98 -1.69
N ALA A 122 6.03 11.41 -1.29
CA ALA A 122 7.32 11.85 -1.80
C ALA A 122 7.22 12.19 -3.29
N ALA A 123 6.22 11.60 -3.96
CA ALA A 123 6.00 11.79 -5.39
C ALA A 123 5.10 12.98 -5.71
N LYS A 124 4.22 13.36 -4.79
CA LYS A 124 3.35 14.51 -5.07
C LYS A 124 2.47 14.87 -3.87
N PRO A 125 2.39 16.16 -3.48
CA PRO A 125 1.56 16.58 -2.35
C PRO A 125 0.09 16.29 -2.59
N GLY A 126 -0.56 15.65 -1.62
CA GLY A 126 -1.97 15.33 -1.75
C GLY A 126 -2.22 13.98 -2.42
N LEU A 127 -1.22 13.11 -2.35
CA LEU A 127 -1.32 11.78 -2.94
C LEU A 127 -2.00 10.79 -2.00
N ALA A 128 -1.47 10.70 -0.79
CA ALA A 128 -2.01 9.80 0.22
C ALA A 128 -3.50 10.07 0.46
N ALA A 129 -3.85 11.35 0.54
CA ALA A 129 -5.23 11.76 0.77
C ALA A 129 -6.13 11.45 -0.43
N TYR A 130 -5.60 11.69 -1.63
CA TYR A 130 -6.34 11.47 -2.87
C TYR A 130 -6.55 9.97 -3.13
N MET A 131 -5.46 9.24 -3.16
CA MET A 131 -5.50 7.81 -3.39
C MET A 131 -6.57 7.13 -2.54
N ARG A 132 -6.66 7.53 -1.27
CA ARG A 132 -7.62 6.94 -0.35
C ARG A 132 -9.06 7.18 -0.80
N ASP A 133 -9.36 8.42 -1.09
CA ASP A 133 -10.68 8.82 -1.53
C ASP A 133 -11.13 7.94 -2.67
N ALA A 134 -10.22 7.72 -3.59
CA ALA A 134 -10.47 6.88 -4.74
C ALA A 134 -10.87 5.48 -4.30
N ILE A 135 -10.23 5.03 -3.22
CA ILE A 135 -10.49 3.72 -2.64
C ILE A 135 -11.82 3.67 -1.91
N LEU A 136 -12.10 4.68 -1.10
CA LEU A 136 -13.35 4.70 -0.36
C LEU A 136 -14.53 4.68 -1.31
N ALA A 137 -14.51 5.64 -2.22
CA ALA A 137 -15.54 5.76 -3.24
C ALA A 137 -15.70 4.46 -4.00
N ASN A 138 -14.56 3.93 -4.44
CA ASN A 138 -14.53 2.67 -5.17
C ASN A 138 -15.23 1.56 -4.37
N ALA A 139 -14.99 1.56 -3.06
CA ALA A 139 -15.58 0.57 -2.17
C ALA A 139 -17.10 0.73 -2.05
N VAL A 140 -17.53 1.98 -1.98
CA VAL A 140 -18.96 2.31 -1.87
C VAL A 140 -19.75 1.91 -3.11
N ARG A 141 -19.23 2.26 -4.28
CA ARG A 141 -19.92 1.98 -5.52
C ARG A 141 -20.09 0.47 -5.75
N HIS A 142 -19.54 -0.35 -4.83
CA HIS A 142 -19.71 -1.80 -4.94
C HIS A 142 -20.86 -2.21 -4.04
N THR A 143 -21.00 -1.50 -2.91
CA THR A 143 -22.04 -1.78 -1.94
C THR A 143 -23.38 -2.07 -2.65
N PRO A 144 -23.89 -3.31 -2.56
CA PRO A 144 -25.15 -3.68 -3.20
C PRO A 144 -26.37 -3.24 -2.38
CA SER B 1 -1.67 -6.13 7.16
C SER B 1 -0.27 -6.26 6.79
N BB9 B 2 0.73 -5.34 6.88
CA BB9 B 2 1.96 -5.85 6.42
C BB9 B 2 3.13 -5.04 6.38
O BB9 B 2 4.20 -5.47 5.95
CB BB9 B 2 1.87 -7.13 5.99
SG BB9 B 2 0.30 -7.70 6.16
HB BB9 B 2 2.69 -7.71 5.59
N VAL B 3 2.99 -3.81 6.86
CA VAL B 3 4.09 -2.86 6.90
C VAL B 3 3.63 -1.55 7.51
N GLY B 4 4.46 -0.96 8.36
CA GLY B 4 4.08 0.29 8.97
C GLY B 4 4.51 1.43 8.22
N MOZ B 5 4.43 1.36 6.88
OG MOZ B 5 5.01 2.64 8.59
CA MOZ B 5 4.89 2.61 6.39
CB MOZ B 5 5.24 3.39 7.42
C MOZ B 5 4.88 2.75 4.88
O MOZ B 5 5.26 3.81 4.39
C6 MOZ B 5 5.79 4.78 7.49
H62 MOZ B 5 6.24 4.94 8.45
H63 MOZ B 5 4.99 5.49 7.34
H61 MOZ B 5 6.53 4.91 6.71
N ALA B 6 4.47 1.70 4.18
CA ALA B 6 4.42 1.71 2.72
C ALA B 6 3.18 1.12 2.03
N BB9 B 7 2.46 0.01 2.38
CA BB9 B 7 1.39 -0.23 1.48
C BB9 B 7 0.51 -1.36 1.58
O BB9 B 7 -0.41 -1.52 0.78
CB BB9 B 7 1.33 0.70 0.49
SG BB9 B 7 2.55 1.84 0.66
HB BB9 B 7 0.58 0.68 -0.29
N ALA B 8 0.77 -2.23 2.54
CA ALA B 8 -0.01 -3.44 2.74
C ALA B 8 -0.77 -3.45 4.06
N MOZ B 9 -1.07 -4.52 4.78
OG MOZ B 9 -1.28 -2.30 4.63
CA MOZ B 9 -1.81 -4.05 5.86
CB MOZ B 9 -1.96 -2.74 5.80
C MOZ B 9 -2.41 -5.04 6.81
C6 MOZ B 9 -2.70 -1.82 6.72
H62 MOZ B 9 -2.97 -2.36 7.62
H63 MOZ B 9 -3.59 -1.47 6.25
H61 MOZ B 9 -2.08 -0.98 6.98
C NAK B 10 -5.75 -5.80 8.03
O NAK B 10 -6.36 -6.80 8.41
CA NAK B 10 -4.27 -5.94 7.85
CAE NAK B 10 -3.59 -7.06 8.20
N NAK B 10 -3.70 -4.92 7.17
HAE2 NAK B 10 -4.08 -7.87 8.73
N ALA B 11 -5.97 -4.71 8.73
CA ALA B 11 -7.30 -4.24 9.08
C ALA B 11 -8.04 -5.25 9.96
N NH2 B 12 -7.30 -5.87 10.87
HN1 NH2 B 12 -6.35 -5.66 10.92
HN2 NH2 B 12 -7.74 -6.53 11.44
#